data_2VPY
#
_entry.id   2VPY
#
_cell.length_a   117.124
_cell.length_b   165.194
_cell.length_c   243.153
_cell.angle_alpha   90.00
_cell.angle_beta   90.00
_cell.angle_gamma   90.00
#
_symmetry.space_group_name_H-M   'P 21 21 21'
#
loop_
_entity.id
_entity.type
_entity.pdbx_description
1 polymer 'THIOSULFATE REDUCTASE'
2 polymer 'NRFC PROTEIN'
3 polymer 'HYPOTHETICAL MEMBRANE SPANNING PROTEIN'
4 non-polymer 'IRON/SULFUR CLUSTER'
5 non-polymer '2-AMINO-5,6-DIMERCAPTO-7-METHYL-3,7,8A,9-TETRAHYDRO-8-OXA-1,3,9,10-TETRAAZA-ANTHRACEN-4-ONE GUANOSINE DINUCLEOTIDE'
6 non-polymer 'MOLYBDENUM ATOM'
7 non-polymer PENTACHLOROPHENOL
8 water water
#
loop_
_entity_poly.entity_id
_entity_poly.type
_entity_poly.pdbx_seq_one_letter_code
_entity_poly.pdbx_strand_id
1 'polypeptide(L)'
;MQRREFLKLSALGVGAMALRGSGPAKALKAPWYAQEVKSVYQICEGCFWRCGIVAHAVGNRVYKVEGYEANPKSRGRLCP
RGQGAPQTTYDPDRLKRPLIRVEGSQRGEGKYRVATWEEALDHIAKKMLEIREKYGPEAIAFFGHGTGDYWFVDFLPAAW
GSPNAAKPSVSLCTAPREVASQWVFGRPIGGHEPIDWENARYIVLIGHHIGEDTHNTQLQDFALALKNGAKVVVVDPRFS
TAAAKAHRWLPIKPGTDTALLLAWIHVLIYEDLYDKEYVAKYTVGFEELKAHVKDFTPEWAEKHTEIPAQVIREVAREMA
AHKPRAVLPPTRHNVWYGDDTYRVMALLYVNVLLGNYGRPGGFYIAQSPYLEKYPLPPLPLEPAAGGCSGPSGGDHEPEG
FKPRADKGKFFARSTAIQELIEPMITGEPYPIKGLFAYGINLFHSIPNVPRTKEALKNLDLYVAIDVLPQEHVMWADVIL
PEATYLERYDDFVLVAHKTPFIQLRTPAHEPLFDTKPGWWIARELGLRLGLEQYFPWKTIEEYLETRLQSLGLDLETMKG
MGTLVQRGKPWLEDWEKEGRLPFGTASGKIELYCQRFKEAGHQPLPVFTPPEEPPEGFYRLLYGRSPVHTFARTQNNWVL
MEMDPENEVWIHKEEAKRLGLKEGDYVMLVNQDGVKEGPVRVKPTARIRKDCVYIVHGFGHKAPLMRLAHGRGASDNYLQ
TRYKLDPISGGAGLRVNFVRLEKAERPRLPSLTGLAKRPFDERRM
;
A,E
2 'polypeptide(L)'
;MPRYAMAIDLSLCVGCAACAVACKMENEVPPGVFNLWIREREVGEYPNLVVEFRPEQCLHCENPPCVPVCPTGASYQTKD
GLVLVDPKKCIACGACIAACPYDARYLHPAGYVSKCTFCAHRLEKGKVPACVETCPTYCRTFGDLEDPESPVAKALKAAE
RVDVLRPEQGTRPKLFYLNAPSKKGLTRESEVHHG
;
B,F
3 'polypeptide(L)'
;MAEFYGLPNAQEFWHWTNALHFVLVGLAGGVALLAALLHLKGDAEARRYTLYALMLIALDLFILWAESPARFRFTHIWLF
LSFHPTSPIWWGAWGLGLGFLTGGLLYLGKGSQRALAWALLVFSLVALSYPGLALAVNLNRPLWNGLMAGLFPLTALVLA
LGLAALLKSPWALFPLRVLAGASLLLALLYPLTLPPEARGHLLEEAGFWYGLFLLLGLGTFWQERLAPWAGLLAAAGLRA
LLVLAGQWQGLGL
;
C,G
#
loop_
_chem_comp.id
_chem_comp.type
_chem_comp.name
_chem_comp.formula
MGD non-polymer '2-AMINO-5,6-DIMERCAPTO-7-METHYL-3,7,8A,9-TETRAHYDRO-8-OXA-1,3,9,10-TETRAAZA-ANTHRACEN-4-ONE GUANOSINE DINUCLEOTIDE' 'C20 H26 N10 O13 P2 S2'
MO non-polymer 'MOLYBDENUM ATOM' Mo
PCI non-polymer PENTACHLOROPHENOL 'C6 H Cl5 O'
SF4 non-polymer 'IRON/SULFUR CLUSTER' 'Fe4 S4'
#
# COMPACT_ATOMS: atom_id res chain seq x y z
N ALA A 30 8.62 4.68 42.86
CA ALA A 30 7.28 5.22 42.47
C ALA A 30 6.48 4.22 41.58
N PRO A 31 7.07 3.66 40.49
CA PRO A 31 6.27 2.71 39.69
C PRO A 31 5.81 1.50 40.56
N TRP A 32 4.61 0.95 40.33
CA TRP A 32 4.15 -0.20 41.13
C TRP A 32 5.05 -1.48 40.98
N TYR A 33 5.50 -1.83 39.78
CA TYR A 33 6.33 -3.01 39.57
C TYR A 33 7.77 -2.97 40.17
N ALA A 34 8.21 -1.80 40.64
CA ALA A 34 9.58 -1.66 41.21
C ALA A 34 9.47 -1.78 42.72
N GLN A 35 8.24 -1.51 43.15
CA GLN A 35 7.81 -1.62 44.53
C GLN A 35 7.55 -3.11 44.69
N GLU A 36 7.64 -3.52 45.93
CA GLU A 36 7.38 -4.87 46.43
C GLU A 36 6.00 -5.36 45.91
N VAL A 37 5.86 -6.59 45.42
CA VAL A 37 4.53 -7.08 45.02
C VAL A 37 4.17 -8.44 45.66
N LYS A 38 2.88 -8.78 45.64
CA LYS A 38 2.38 -10.08 46.08
C LYS A 38 1.39 -10.49 44.98
N SER A 39 1.56 -11.67 44.39
CA SER A 39 0.64 -12.14 43.38
C SER A 39 -0.27 -13.18 44.04
N VAL A 40 -1.33 -13.53 43.33
CA VAL A 40 -2.31 -14.54 43.71
C VAL A 40 -3.04 -14.92 42.43
N TYR A 41 -3.56 -16.14 42.40
CA TYR A 41 -4.34 -16.65 41.28
C TYR A 41 -5.75 -16.23 41.58
N GLN A 42 -6.34 -15.51 40.64
CA GLN A 42 -7.67 -14.93 40.80
C GLN A 42 -8.52 -14.86 39.55
N ILE A 43 -9.80 -15.16 39.73
CA ILE A 43 -10.81 -15.13 38.67
C ILE A 43 -11.24 -13.68 38.36
N CYS A 44 -11.55 -13.40 37.09
CA CYS A 44 -12.01 -12.04 36.74
C CYS A 44 -13.54 -11.96 36.94
N GLU A 45 -14.04 -10.95 37.64
CA GLU A 45 -15.50 -10.80 37.79
C GLU A 45 -15.97 -9.71 36.78
N GLY A 46 -15.08 -9.38 35.85
CA GLY A 46 -15.36 -8.41 34.79
C GLY A 46 -16.68 -8.71 34.07
N CYS A 47 -16.97 -9.99 33.85
CA CYS A 47 -18.21 -10.45 33.25
C CYS A 47 -18.36 -11.94 33.61
N PHE A 48 -19.32 -12.64 33.03
CA PHE A 48 -19.51 -14.00 33.44
C PHE A 48 -18.64 -15.05 32.78
N TRP A 49 -17.73 -14.65 31.90
CA TRP A 49 -16.86 -15.64 31.26
C TRP A 49 -15.94 -16.30 32.30
N ARG A 50 -15.69 -15.54 33.36
CA ARG A 50 -14.86 -15.90 34.51
C ARG A 50 -13.42 -16.38 34.17
N CYS A 51 -12.66 -15.57 33.42
CA CYS A 51 -11.29 -15.92 33.05
C CYS A 51 -10.40 -16.02 34.30
N GLY A 52 -9.44 -16.96 34.24
CA GLY A 52 -8.48 -17.16 35.30
C GLY A 52 -7.41 -16.09 35.09
N ILE A 53 -7.06 -15.38 36.16
CA ILE A 53 -6.08 -14.31 36.11
C ILE A 53 -5.11 -14.28 37.30
N VAL A 54 -3.98 -13.59 37.15
CA VAL A 54 -3.05 -13.44 38.25
C VAL A 54 -3.24 -11.96 38.62
N ALA A 55 -3.35 -11.64 39.91
CA ALA A 55 -3.48 -10.25 40.34
C ALA A 55 -2.21 -9.85 41.08
N HIS A 56 -1.67 -8.71 40.68
CA HIS A 56 -0.45 -8.18 41.26
C HIS A 56 -0.80 -7.03 42.19
N ALA A 57 -0.68 -7.28 43.49
CA ALA A 57 -0.92 -6.23 44.46
C ALA A 57 0.39 -5.78 45.12
N VAL A 58 0.37 -4.53 45.60
CA VAL A 58 1.47 -3.90 46.34
C VAL A 58 0.69 -3.32 47.53
N GLY A 59 0.76 -3.97 48.68
CA GLY A 59 -0.03 -3.48 49.78
C GLY A 59 -1.51 -3.76 49.46
N ASN A 60 -2.40 -2.85 49.83
CA ASN A 60 -3.83 -3.00 49.61
C ASN A 60 -4.35 -2.54 48.27
N ARG A 61 -3.63 -2.86 47.21
CA ARG A 61 -4.08 -2.40 45.92
C ARG A 61 -3.55 -3.18 44.74
N VAL A 62 -4.48 -3.67 43.93
CA VAL A 62 -4.18 -4.43 42.74
C VAL A 62 -3.87 -3.46 41.58
N TYR A 63 -2.60 -3.36 41.22
CA TYR A 63 -2.15 -2.46 40.15
C TYR A 63 -2.25 -3.04 38.74
N LYS A 64 -2.15 -4.35 38.65
CA LYS A 64 -2.13 -5.05 37.39
C LYS A 64 -2.71 -6.44 37.57
N VAL A 65 -3.32 -6.92 36.49
CA VAL A 65 -3.92 -8.24 36.46
C VAL A 65 -3.49 -8.85 35.13
N GLU A 66 -3.37 -10.17 35.07
CA GLU A 66 -2.92 -10.71 33.81
C GLU A 66 -3.50 -12.10 33.55
N GLY A 67 -3.62 -12.52 32.29
CA GLY A 67 -4.10 -13.86 32.08
C GLY A 67 -2.93 -14.80 32.41
N TYR A 68 -3.14 -16.11 32.37
CA TYR A 68 -2.04 -17.09 32.57
C TYR A 68 -2.21 -18.31 31.67
N GLU A 69 -1.07 -18.80 31.14
CA GLU A 69 -1.02 -19.89 30.18
C GLU A 69 -1.87 -21.15 30.45
N ALA A 70 -1.60 -21.92 31.49
CA ALA A 70 -2.40 -23.13 31.80
C ALA A 70 -3.92 -22.91 31.79
N ASN A 71 -4.40 -21.82 32.40
CA ASN A 71 -5.85 -21.54 32.41
C ASN A 71 -6.42 -21.59 30.97
N PRO A 72 -7.36 -22.54 30.71
CA PRO A 72 -7.97 -22.68 29.37
C PRO A 72 -8.80 -21.50 28.85
N LYS A 73 -9.12 -20.55 29.71
CA LYS A 73 -9.90 -19.38 29.31
C LYS A 73 -9.03 -18.19 28.90
N SER A 74 -8.14 -17.73 29.78
CA SER A 74 -7.28 -16.62 29.38
C SER A 74 -6.07 -17.02 28.52
N ARG A 75 -5.43 -18.14 28.84
CA ARG A 75 -4.20 -18.59 28.16
C ARG A 75 -3.16 -17.48 27.98
N GLY A 76 -3.03 -16.61 28.98
CA GLY A 76 -2.05 -15.56 28.91
C GLY A 76 -2.56 -14.19 28.51
N ARG A 77 -3.70 -14.14 27.80
CA ARG A 77 -4.35 -12.91 27.36
C ARG A 77 -5.51 -12.45 28.26
N LEU A 78 -6.01 -11.25 27.98
CA LEU A 78 -7.11 -10.62 28.71
C LEU A 78 -7.75 -9.53 27.82
N CYS A 79 -9.08 -9.40 27.90
CA CYS A 79 -9.79 -8.39 27.13
C CYS A 79 -9.69 -7.08 27.94
N PRO A 80 -10.12 -5.95 27.32
CA PRO A 80 -10.07 -4.62 27.98
C PRO A 80 -10.80 -4.55 29.32
N ARG A 81 -11.98 -5.15 29.38
CA ARG A 81 -12.79 -5.17 30.60
C ARG A 81 -12.08 -5.90 31.74
N GLY A 82 -11.31 -6.93 31.41
CA GLY A 82 -10.58 -7.67 32.40
C GLY A 82 -9.46 -6.83 32.96
N GLN A 83 -8.80 -6.09 32.06
CA GLN A 83 -7.69 -5.23 32.46
C GLN A 83 -8.11 -4.04 33.33
N GLY A 84 -9.26 -3.44 33.02
CA GLY A 84 -9.73 -2.31 33.80
C GLY A 84 -10.62 -2.64 34.98
N ALA A 85 -11.12 -3.87 35.03
CA ALA A 85 -11.99 -4.32 36.12
C ALA A 85 -11.57 -3.98 37.54
N PRO A 86 -10.27 -3.97 37.83
CA PRO A 86 -9.94 -3.60 39.22
C PRO A 86 -10.25 -2.21 39.74
N GLN A 87 -10.50 -1.21 38.90
CA GLN A 87 -10.70 0.08 39.52
C GLN A 87 -12.01 0.27 40.34
N THR A 88 -13.01 -0.58 40.14
CA THR A 88 -14.22 -0.42 40.95
C THR A 88 -13.87 -0.58 42.44
N THR A 89 -12.88 -1.42 42.72
CA THR A 89 -12.43 -1.63 44.07
C THR A 89 -11.83 -0.33 44.62
N TYR A 90 -11.31 0.51 43.75
CA TYR A 90 -10.66 1.78 44.14
C TYR A 90 -11.36 3.01 43.61
N ASP A 91 -12.68 2.90 43.65
CA ASP A 91 -13.59 3.95 43.20
C ASP A 91 -14.14 4.66 44.47
N PRO A 92 -13.88 5.98 44.65
CA PRO A 92 -14.35 6.79 45.78
C PRO A 92 -15.87 6.81 46.10
N ASP A 93 -16.66 6.37 45.12
CA ASP A 93 -18.16 6.29 45.19
C ASP A 93 -18.58 4.85 45.45
N ARG A 94 -17.62 3.92 45.43
CA ARG A 94 -17.96 2.54 45.69
C ARG A 94 -18.57 2.45 47.12
N LEU A 95 -19.70 1.74 47.24
CA LEU A 95 -20.44 1.50 48.50
C LEU A 95 -19.55 0.91 49.64
N LYS A 96 -19.60 1.47 50.83
CA LYS A 96 -18.74 1.02 51.93
C LYS A 96 -19.51 0.49 53.17
N ARG A 97 -20.52 1.19 53.64
CA ARG A 97 -21.24 0.70 54.83
C ARG A 97 -22.68 0.15 54.66
N PRO A 98 -23.20 -0.75 55.60
CA PRO A 98 -24.59 -1.14 55.35
C PRO A 98 -25.39 0.14 55.50
N LEU A 99 -26.57 0.16 54.92
CA LEU A 99 -27.41 1.33 55.01
C LEU A 99 -28.85 0.94 55.18
N ILE A 100 -29.59 1.66 56.00
CA ILE A 100 -31.00 1.34 56.10
C ILE A 100 -31.80 2.61 55.80
N ARG A 101 -32.89 2.40 55.09
CA ARG A 101 -33.80 3.45 54.66
C ARG A 101 -34.47 4.17 55.84
N VAL A 102 -34.28 5.48 55.94
CA VAL A 102 -34.86 6.30 57.00
C VAL A 102 -36.39 6.04 57.06
N GLU A 103 -36.93 5.71 58.25
CA GLU A 103 -38.34 5.39 58.36
C GLU A 103 -39.26 6.56 58.00
N GLY A 104 -40.24 6.27 57.14
CA GLY A 104 -41.14 7.32 56.70
C GLY A 104 -40.76 7.90 55.34
N SER A 105 -39.55 7.64 54.87
CA SER A 105 -39.15 8.13 53.55
C SER A 105 -39.48 7.07 52.50
N GLN A 106 -40.01 7.54 51.38
CA GLN A 106 -40.41 6.75 50.21
C GLN A 106 -39.22 6.03 49.56
N ARG A 107 -39.47 4.85 48.97
CA ARG A 107 -38.44 4.12 48.22
C ARG A 107 -38.28 4.93 46.91
N GLY A 108 -37.08 5.40 46.61
CA GLY A 108 -36.86 6.20 45.42
C GLY A 108 -36.21 7.47 45.88
N GLU A 109 -36.92 8.14 46.78
CA GLU A 109 -36.41 9.32 47.51
C GLU A 109 -35.09 8.65 48.00
N GLY A 110 -33.97 9.36 48.15
CA GLY A 110 -32.76 8.64 48.56
C GLY A 110 -32.21 8.78 49.96
N LYS A 111 -33.12 8.72 50.96
CA LYS A 111 -32.78 8.88 52.39
C LYS A 111 -32.36 7.60 53.15
N TYR A 112 -31.11 7.55 53.60
CA TYR A 112 -30.52 6.42 54.31
C TYR A 112 -29.78 6.81 55.57
N ARG A 113 -29.56 5.84 56.45
CA ARG A 113 -28.77 6.08 57.63
C ARG A 113 -27.84 4.86 57.76
N VAL A 114 -26.60 5.10 58.14
CA VAL A 114 -25.60 4.06 58.28
C VAL A 114 -26.06 3.07 59.36
N ALA A 115 -25.65 1.82 59.19
CA ALA A 115 -26.01 0.76 60.10
C ALA A 115 -24.86 -0.18 60.26
N THR A 116 -25.06 -1.09 61.18
CA THR A 116 -24.08 -2.06 61.52
C THR A 116 -24.41 -3.36 60.77
N TRP A 117 -23.41 -4.19 60.47
CA TRP A 117 -23.73 -5.45 59.78
C TRP A 117 -24.74 -6.24 60.60
N GLU A 118 -24.57 -6.19 61.90
CA GLU A 118 -25.45 -6.89 62.85
C GLU A 118 -26.87 -6.34 62.77
N GLU A 119 -27.00 -5.03 62.87
CA GLU A 119 -28.31 -4.39 62.80
C GLU A 119 -29.02 -4.54 61.45
N ALA A 120 -28.28 -4.42 60.35
CA ALA A 120 -28.86 -4.57 59.01
C ALA A 120 -29.29 -6.01 58.75
N LEU A 121 -28.47 -6.97 59.17
CA LEU A 121 -28.80 -8.37 58.98
C LEU A 121 -30.00 -8.83 59.83
N ASP A 122 -30.18 -8.24 61.02
CA ASP A 122 -31.31 -8.56 61.91
C ASP A 122 -32.61 -8.01 61.30
N HIS A 123 -32.51 -6.75 60.88
CA HIS A 123 -33.61 -6.06 60.26
C HIS A 123 -34.14 -6.84 59.04
N ILE A 124 -33.26 -7.44 58.24
CA ILE A 124 -33.71 -8.23 57.09
C ILE A 124 -34.42 -9.53 57.54
N ALA A 125 -33.78 -10.35 58.39
CA ALA A 125 -34.42 -11.58 58.89
C ALA A 125 -35.78 -11.31 59.57
N LYS A 126 -35.84 -10.30 60.44
CA LYS A 126 -37.09 -9.95 61.12
C LYS A 126 -38.22 -9.74 60.10
N LYS A 127 -37.95 -8.92 59.09
CA LYS A 127 -38.90 -8.60 57.99
C LYS A 127 -39.25 -9.81 57.13
N MET A 128 -38.24 -10.62 56.83
CA MET A 128 -38.41 -11.82 56.02
C MET A 128 -39.31 -12.83 56.71
N LEU A 129 -39.17 -12.92 58.03
CA LEU A 129 -39.93 -13.88 58.83
C LEU A 129 -41.42 -13.50 58.91
N GLU A 130 -41.68 -12.19 58.96
CA GLU A 130 -43.05 -11.66 58.97
C GLU A 130 -43.77 -11.99 57.68
N ILE A 131 -43.07 -11.85 56.56
CA ILE A 131 -43.67 -12.14 55.24
C ILE A 131 -43.99 -13.64 55.18
N ARG A 132 -43.15 -14.43 55.84
CA ARG A 132 -43.29 -15.88 55.89
C ARG A 132 -44.37 -16.40 56.84
N GLU A 133 -44.82 -15.60 57.79
CA GLU A 133 -45.85 -16.13 58.65
C GLU A 133 -47.26 -15.85 58.11
N LYS A 134 -47.47 -14.75 57.40
CA LYS A 134 -48.79 -14.55 56.82
C LYS A 134 -48.86 -14.85 55.28
N TYR A 135 -47.73 -15.06 54.60
CA TYR A 135 -47.77 -15.42 53.17
C TYR A 135 -47.02 -16.72 52.76
N GLY A 136 -46.05 -17.18 53.53
CA GLY A 136 -45.30 -18.37 53.14
C GLY A 136 -43.92 -17.95 52.65
N PRO A 137 -42.92 -18.85 52.45
CA PRO A 137 -41.65 -18.34 51.97
C PRO A 137 -41.54 -17.95 50.48
N GLU A 138 -42.53 -18.39 49.70
CA GLU A 138 -42.56 -18.15 48.25
C GLU A 138 -42.94 -16.71 47.92
N ALA A 139 -43.27 -15.94 48.95
CA ALA A 139 -43.60 -14.55 48.77
C ALA A 139 -42.30 -13.74 48.76
N ILE A 140 -41.15 -14.42 48.66
CA ILE A 140 -39.90 -13.71 48.57
C ILE A 140 -39.16 -14.10 47.28
N ALA A 141 -38.97 -13.12 46.38
CA ALA A 141 -38.27 -13.34 45.13
C ALA A 141 -36.83 -13.02 45.37
N PHE A 142 -35.97 -13.82 44.75
CA PHE A 142 -34.53 -13.71 44.83
C PHE A 142 -33.97 -13.56 43.40
N PHE A 143 -33.55 -12.35 43.02
CA PHE A 143 -32.99 -12.09 41.67
C PHE A 143 -31.45 -11.91 41.85
N GLY A 144 -30.64 -12.39 40.92
CA GLY A 144 -29.22 -12.18 41.15
C GLY A 144 -28.38 -12.53 39.98
N HIS A 145 -27.14 -12.10 40.04
CA HIS A 145 -26.20 -12.40 38.99
C HIS A 145 -24.76 -12.38 39.46
N GLY A 146 -23.85 -12.93 38.65
CA GLY A 146 -22.45 -12.97 39.05
C GLY A 146 -22.06 -14.22 39.84
N THR A 147 -20.78 -14.43 40.12
CA THR A 147 -20.33 -15.63 40.85
C THR A 147 -21.15 -15.99 42.11
N GLY A 148 -21.30 -15.02 43.01
CA GLY A 148 -22.05 -15.24 44.23
C GLY A 148 -23.55 -15.44 44.03
N ASP A 149 -24.00 -15.66 42.80
CA ASP A 149 -25.44 -15.88 42.58
C ASP A 149 -25.77 -17.32 42.99
N TYR A 150 -24.72 -18.09 43.17
CA TYR A 150 -24.84 -19.45 43.66
C TYR A 150 -25.49 -19.30 45.05
N TRP A 151 -24.99 -18.40 45.88
CA TRP A 151 -25.54 -18.25 47.22
C TRP A 151 -26.90 -17.63 47.26
N PHE A 152 -27.03 -16.54 46.55
CA PHE A 152 -28.30 -15.87 46.56
C PHE A 152 -29.38 -16.44 45.68
N VAL A 153 -29.06 -16.83 44.46
CA VAL A 153 -30.07 -17.37 43.58
C VAL A 153 -30.31 -18.89 43.51
N ASP A 154 -29.25 -19.67 43.64
CA ASP A 154 -29.34 -21.13 43.58
C ASP A 154 -29.48 -21.81 44.99
N PHE A 155 -28.72 -21.34 45.96
CA PHE A 155 -28.72 -21.91 47.30
C PHE A 155 -29.68 -21.33 48.35
N LEU A 156 -29.39 -20.14 48.84
CA LEU A 156 -30.28 -19.49 49.82
C LEU A 156 -31.79 -19.65 49.49
N PRO A 157 -32.21 -19.31 48.25
CA PRO A 157 -33.64 -19.45 47.91
C PRO A 157 -34.24 -20.85 48.10
N ALA A 158 -33.49 -21.87 47.69
CA ALA A 158 -34.01 -23.23 47.83
C ALA A 158 -33.97 -23.67 49.30
N ALA A 159 -32.92 -23.29 50.01
CA ALA A 159 -32.80 -23.65 51.42
C ALA A 159 -33.90 -22.92 52.21
N TRP A 160 -34.35 -21.80 51.67
CA TRP A 160 -35.42 -21.06 52.34
C TRP A 160 -36.82 -21.52 51.87
N GLY A 161 -36.91 -22.10 50.70
CA GLY A 161 -38.18 -22.59 50.20
C GLY A 161 -38.94 -21.72 49.21
N SER A 162 -38.25 -20.85 48.47
CA SER A 162 -38.92 -20.00 47.49
C SER A 162 -38.48 -20.42 46.09
N PRO A 163 -39.43 -20.75 45.19
CA PRO A 163 -39.10 -21.16 43.82
C PRO A 163 -38.91 -19.94 42.90
N ASN A 164 -39.18 -18.76 43.44
CA ASN A 164 -39.09 -17.49 42.72
C ASN A 164 -37.69 -16.87 42.74
N ALA A 165 -36.76 -17.64 42.18
CA ALA A 165 -35.36 -17.28 42.07
C ALA A 165 -35.07 -17.22 40.57
N ALA A 166 -34.43 -16.13 40.15
CA ALA A 166 -34.13 -15.91 38.74
C ALA A 166 -32.92 -15.05 38.43
N LYS A 167 -32.41 -15.23 37.21
CA LYS A 167 -31.30 -14.43 36.72
C LYS A 167 -31.63 -14.00 35.31
N PRO A 168 -31.24 -12.77 34.94
CA PRO A 168 -31.45 -12.17 33.62
C PRO A 168 -30.74 -12.91 32.48
N SER A 169 -29.74 -13.72 32.79
CA SER A 169 -29.05 -14.46 31.74
C SER A 169 -29.86 -15.68 31.23
N VAL A 170 -31.13 -15.78 31.65
CA VAL A 170 -32.05 -16.87 31.31
C VAL A 170 -33.26 -16.46 30.49
N SER A 171 -34.00 -15.44 30.93
CA SER A 171 -35.12 -15.02 30.10
C SER A 171 -34.76 -13.70 29.40
N LEU A 172 -33.58 -13.14 29.70
CA LEU A 172 -33.15 -11.93 29.01
C LEU A 172 -31.87 -12.18 28.24
N CYS A 173 -31.62 -13.45 28.03
CA CYS A 173 -30.46 -13.80 27.27
C CYS A 173 -30.50 -15.10 26.52
N THR A 174 -30.27 -16.13 27.29
CA THR A 174 -30.05 -17.44 26.79
C THR A 174 -31.14 -18.50 26.70
N ALA A 175 -32.26 -18.23 27.35
CA ALA A 175 -33.36 -19.19 27.36
C ALA A 175 -33.75 -19.81 26.00
N PRO A 176 -33.97 -18.97 24.95
CA PRO A 176 -34.32 -19.57 23.67
C PRO A 176 -33.43 -20.69 23.16
N ARG A 177 -32.12 -20.49 23.29
CA ARG A 177 -31.22 -21.47 22.78
C ARG A 177 -31.00 -22.67 23.74
N GLU A 178 -31.18 -22.44 25.05
CA GLU A 178 -30.98 -23.54 26.00
C GLU A 178 -32.11 -24.57 25.87
N VAL A 179 -33.31 -24.06 25.66
CA VAL A 179 -34.52 -24.86 25.48
C VAL A 179 -34.37 -25.62 24.16
N ALA A 180 -34.11 -24.90 23.07
CA ALA A 180 -33.91 -25.50 21.75
C ALA A 180 -32.89 -26.65 21.84
N SER A 181 -31.76 -26.38 22.50
CA SER A 181 -30.70 -27.36 22.69
C SER A 181 -31.12 -28.56 23.58
N GLN A 182 -31.89 -28.33 24.64
CA GLN A 182 -32.30 -29.45 25.49
C GLN A 182 -33.20 -30.43 24.71
N TRP A 183 -34.08 -29.88 23.90
CA TRP A 183 -35.01 -30.65 23.05
C TRP A 183 -34.32 -31.37 21.88
N VAL A 184 -33.40 -30.68 21.21
CA VAL A 184 -32.71 -31.26 20.05
C VAL A 184 -31.57 -32.24 20.39
N PHE A 185 -30.76 -31.87 21.38
CA PHE A 185 -29.64 -32.70 21.82
C PHE A 185 -29.99 -33.04 23.24
N GLY A 186 -29.25 -33.88 23.93
CA GLY A 186 -29.77 -33.96 25.25
C GLY A 186 -29.01 -33.06 26.16
N ARG A 187 -28.30 -32.12 25.55
CA ARG A 187 -27.43 -31.24 26.34
C ARG A 187 -27.59 -29.74 26.24
N PRO A 188 -26.97 -29.01 27.18
CA PRO A 188 -27.03 -27.53 27.18
C PRO A 188 -26.03 -27.07 26.12
N ILE A 189 -25.96 -25.75 25.88
CA ILE A 189 -24.93 -25.26 24.97
C ILE A 189 -23.90 -24.83 26.04
N GLY A 190 -24.36 -24.22 27.14
CA GLY A 190 -23.48 -23.84 28.24
C GLY A 190 -22.89 -22.45 28.24
N GLY A 191 -22.13 -22.13 29.29
CA GLY A 191 -21.49 -20.82 29.42
C GLY A 191 -20.26 -20.60 28.55
N HIS A 192 -19.53 -21.68 28.27
CA HIS A 192 -18.34 -21.63 27.41
C HIS A 192 -18.77 -22.43 26.18
N GLU A 193 -19.59 -21.82 25.32
CA GLU A 193 -20.10 -22.52 24.16
C GLU A 193 -19.05 -23.40 23.45
N PRO A 194 -19.32 -24.74 23.36
CA PRO A 194 -18.53 -25.84 22.76
C PRO A 194 -18.18 -25.91 21.28
N ILE A 195 -17.70 -24.81 20.73
CA ILE A 195 -17.32 -24.74 19.32
C ILE A 195 -15.83 -25.03 19.17
N ASP A 196 -15.55 -25.93 18.23
CA ASP A 196 -14.18 -26.34 17.93
C ASP A 196 -13.72 -25.35 16.86
N TRP A 197 -13.46 -24.12 17.27
CA TRP A 197 -13.07 -23.08 16.33
C TRP A 197 -11.80 -23.34 15.53
N GLU A 198 -10.84 -23.97 16.18
CA GLU A 198 -9.54 -24.22 15.57
C GLU A 198 -9.55 -25.15 14.37
N ASN A 199 -10.54 -26.01 14.27
CA ASN A 199 -10.64 -26.89 13.11
C ASN A 199 -11.75 -26.44 12.14
N ALA A 200 -12.53 -25.44 12.53
CA ALA A 200 -13.61 -24.93 11.67
C ALA A 200 -13.04 -24.34 10.36
N ARG A 201 -13.79 -24.50 9.28
CA ARG A 201 -13.33 -24.09 7.94
C ARG A 201 -14.16 -23.06 7.22
N TYR A 202 -15.37 -22.97 7.73
CA TYR A 202 -16.42 -22.08 7.23
C TYR A 202 -17.31 -21.87 8.45
N ILE A 203 -17.52 -20.60 8.79
CA ILE A 203 -18.31 -20.23 9.97
C ILE A 203 -19.46 -19.25 9.68
N VAL A 204 -20.67 -19.57 10.09
CA VAL A 204 -21.78 -18.64 9.84
C VAL A 204 -22.32 -18.05 11.14
N LEU A 205 -22.15 -16.74 11.28
CA LEU A 205 -22.58 -15.97 12.44
C LEU A 205 -23.90 -15.25 12.19
N ILE A 206 -24.89 -15.60 12.99
CA ILE A 206 -26.17 -14.94 12.91
C ILE A 206 -26.36 -13.98 14.12
N GLY A 207 -26.05 -12.69 13.92
CA GLY A 207 -26.21 -11.67 14.94
C GLY A 207 -25.22 -11.68 16.07
N HIS A 208 -24.40 -12.69 15.97
CA HIS A 208 -23.30 -13.03 16.89
C HIS A 208 -22.23 -11.92 16.60
N HIS A 209 -22.12 -10.86 17.39
CA HIS A 209 -21.08 -9.87 17.11
C HIS A 209 -19.79 -10.12 17.89
N ILE A 210 -18.79 -10.73 17.25
CA ILE A 210 -17.50 -11.04 17.90
C ILE A 210 -16.49 -9.93 17.61
N GLY A 211 -15.97 -9.38 18.68
CA GLY A 211 -15.05 -8.28 18.55
C GLY A 211 -15.67 -7.09 19.30
N GLU A 212 -17.00 -7.03 19.36
CA GLU A 212 -17.72 -5.99 20.12
C GLU A 212 -18.08 -6.72 21.43
N ASP A 213 -18.64 -7.94 21.26
CA ASP A 213 -18.88 -8.91 22.37
C ASP A 213 -17.42 -9.37 22.46
N THR A 214 -16.84 -9.15 23.63
CA THR A 214 -15.45 -9.34 23.79
C THR A 214 -14.96 -10.43 24.75
N HIS A 215 -15.80 -11.47 24.90
CA HIS A 215 -15.53 -12.67 25.71
C HIS A 215 -14.16 -13.15 25.23
N ASN A 216 -13.26 -13.18 26.21
CA ASN A 216 -11.88 -13.53 25.95
C ASN A 216 -11.54 -14.63 24.96
N THR A 217 -11.71 -15.87 25.41
CA THR A 217 -11.34 -17.04 24.63
C THR A 217 -11.95 -17.14 23.26
N GLN A 218 -13.20 -16.73 23.14
CA GLN A 218 -13.81 -16.82 21.83
C GLN A 218 -13.26 -15.73 20.90
N LEU A 219 -12.69 -14.66 21.45
CA LEU A 219 -12.07 -13.64 20.60
C LEU A 219 -10.77 -14.33 20.07
N GLN A 220 -10.00 -14.86 21.00
CA GLN A 220 -8.79 -15.58 20.66
C GLN A 220 -9.07 -16.63 19.59
N ASP A 221 -10.03 -17.53 19.83
CA ASP A 221 -10.35 -18.60 18.89
C ASP A 221 -10.81 -18.14 17.50
N PHE A 222 -11.69 -17.14 17.49
CA PHE A 222 -12.20 -16.54 16.26
C PHE A 222 -11.01 -15.98 15.46
N ALA A 223 -10.12 -15.27 16.15
CA ALA A 223 -8.93 -14.70 15.53
C ALA A 223 -8.00 -15.79 14.97
N LEU A 224 -7.89 -16.92 15.67
CA LEU A 224 -7.05 -18.01 15.21
C LEU A 224 -7.68 -18.70 13.99
N ALA A 225 -9.01 -18.80 13.98
CA ALA A 225 -9.70 -19.37 12.83
C ALA A 225 -9.43 -18.47 11.61
N LEU A 226 -9.64 -17.16 11.73
CA LEU A 226 -9.38 -16.26 10.60
C LEU A 226 -7.97 -16.47 10.04
N LYS A 227 -7.04 -16.54 10.98
CA LYS A 227 -5.60 -16.74 10.78
C LYS A 227 -5.23 -17.98 9.95
N ASN A 228 -5.89 -19.10 10.22
CA ASN A 228 -5.67 -20.34 9.49
C ASN A 228 -6.49 -20.47 8.22
N GLY A 229 -7.10 -19.39 7.76
CA GLY A 229 -7.89 -19.50 6.55
C GLY A 229 -9.31 -19.96 6.74
N ALA A 230 -9.92 -19.45 7.80
CA ALA A 230 -11.31 -19.71 8.14
C ALA A 230 -12.14 -18.57 7.56
N LYS A 231 -12.96 -18.89 6.58
CA LYS A 231 -13.81 -17.89 5.98
C LYS A 231 -15.17 -17.90 6.68
N VAL A 232 -15.52 -16.70 7.13
CA VAL A 232 -16.64 -16.27 7.96
C VAL A 232 -17.79 -15.51 7.31
N VAL A 233 -19.02 -16.02 7.42
CA VAL A 233 -20.20 -15.32 6.85
C VAL A 233 -21.02 -14.65 7.99
N VAL A 234 -21.28 -13.35 7.88
CA VAL A 234 -22.06 -12.69 8.94
C VAL A 234 -23.42 -12.24 8.41
N VAL A 235 -24.46 -12.61 9.17
CA VAL A 235 -25.86 -12.27 8.87
C VAL A 235 -26.25 -11.29 9.98
N ASP A 236 -26.58 -10.05 9.62
CA ASP A 236 -26.86 -9.01 10.62
C ASP A 236 -27.37 -7.77 9.84
N PRO A 237 -28.40 -7.07 10.37
CA PRO A 237 -28.83 -5.88 9.63
C PRO A 237 -27.80 -4.75 9.77
N ARG A 238 -26.77 -4.99 10.58
CA ARG A 238 -25.71 -4.00 10.87
C ARG A 238 -24.31 -4.53 10.48
N PHE A 239 -23.50 -3.69 9.80
CA PHE A 239 -22.13 -4.07 9.42
C PHE A 239 -21.21 -3.91 10.64
N SER A 240 -21.23 -4.93 11.50
CA SER A 240 -20.45 -4.98 12.74
C SER A 240 -18.95 -5.24 12.58
N THR A 241 -18.27 -5.43 13.70
CA THR A 241 -16.84 -5.69 13.70
C THR A 241 -16.58 -7.05 13.06
N ALA A 242 -17.36 -8.06 13.46
CA ALA A 242 -17.22 -9.40 12.91
C ALA A 242 -17.52 -9.38 11.41
N ALA A 243 -18.46 -8.54 10.98
CA ALA A 243 -18.73 -8.43 9.56
C ALA A 243 -17.51 -7.79 8.86
N ALA A 244 -16.76 -6.96 9.58
CA ALA A 244 -15.56 -6.30 9.02
C ALA A 244 -14.44 -7.29 8.69
N LYS A 245 -14.60 -8.53 9.17
CA LYS A 245 -13.66 -9.63 8.98
C LYS A 245 -14.24 -10.77 8.14
N ALA A 246 -15.42 -10.56 7.60
CA ALA A 246 -16.12 -11.58 6.84
C ALA A 246 -15.96 -11.61 5.34
N HIS A 247 -16.07 -12.82 4.79
CA HIS A 247 -15.97 -13.02 3.36
C HIS A 247 -17.32 -12.61 2.76
N ARG A 248 -18.41 -12.88 3.48
CA ARG A 248 -19.73 -12.42 3.05
C ARG A 248 -20.54 -11.70 4.14
N TRP A 249 -21.16 -10.57 3.82
CA TRP A 249 -22.05 -9.91 4.79
C TRP A 249 -23.47 -10.02 4.22
N LEU A 250 -24.40 -10.69 4.91
CA LEU A 250 -25.79 -10.71 4.42
C LEU A 250 -26.61 -9.68 5.25
N PRO A 251 -26.87 -8.45 4.71
CA PRO A 251 -27.65 -7.45 5.47
C PRO A 251 -29.14 -7.74 5.55
N ILE A 252 -29.46 -8.76 6.33
CA ILE A 252 -30.82 -9.25 6.53
C ILE A 252 -31.85 -8.29 7.08
N LYS A 253 -33.07 -8.38 6.58
CA LYS A 253 -34.13 -7.52 7.09
C LYS A 253 -34.36 -8.05 8.52
N PRO A 254 -34.41 -7.14 9.53
CA PRO A 254 -34.63 -7.62 10.92
C PRO A 254 -35.86 -8.48 11.23
N GLY A 255 -35.62 -9.49 12.07
CA GLY A 255 -36.63 -10.43 12.57
C GLY A 255 -37.07 -11.43 11.55
N THR A 256 -36.16 -11.69 10.64
CA THR A 256 -36.42 -12.51 9.50
C THR A 256 -35.48 -13.72 9.28
N ASP A 257 -34.65 -14.01 10.28
CA ASP A 257 -33.67 -15.09 10.24
C ASP A 257 -34.18 -16.50 10.14
N THR A 258 -35.36 -16.74 10.67
CA THR A 258 -35.86 -18.10 10.57
C THR A 258 -36.21 -18.44 9.13
N ALA A 259 -36.57 -17.45 8.30
CA ALA A 259 -36.91 -17.74 6.89
C ALA A 259 -35.65 -18.12 6.08
N LEU A 260 -34.53 -17.51 6.45
CA LEU A 260 -33.21 -17.74 5.84
C LEU A 260 -32.72 -19.13 6.36
N LEU A 261 -32.94 -19.43 7.63
CA LEU A 261 -32.54 -20.74 8.15
C LEU A 261 -33.41 -21.86 7.51
N LEU A 262 -34.73 -21.69 7.44
CA LEU A 262 -35.60 -22.71 6.81
C LEU A 262 -35.23 -22.98 5.34
N ALA A 263 -34.90 -21.92 4.59
CA ALA A 263 -34.52 -22.04 3.18
C ALA A 263 -33.14 -22.69 2.99
N TRP A 264 -32.29 -22.62 4.01
CA TRP A 264 -31.00 -23.29 3.93
C TRP A 264 -31.24 -24.76 4.25
N ILE A 265 -32.15 -25.02 5.20
CA ILE A 265 -32.51 -26.40 5.59
C ILE A 265 -33.05 -27.05 4.30
N HIS A 266 -33.94 -26.32 3.61
CA HIS A 266 -34.50 -26.78 2.34
C HIS A 266 -33.40 -27.08 1.30
N VAL A 267 -32.41 -26.19 1.14
CA VAL A 267 -31.37 -26.46 0.14
C VAL A 267 -30.49 -27.69 0.44
N LEU A 268 -30.14 -27.92 1.71
CA LEU A 268 -29.32 -29.08 2.08
C LEU A 268 -30.12 -30.39 2.00
N ILE A 269 -31.42 -30.34 2.23
CA ILE A 269 -32.26 -31.54 2.13
C ILE A 269 -32.64 -31.80 0.66
N TYR A 270 -33.18 -30.80 -0.02
CA TYR A 270 -33.62 -30.95 -1.41
C TYR A 270 -32.57 -30.99 -2.52
N GLU A 271 -31.39 -30.46 -2.26
CA GLU A 271 -30.36 -30.54 -3.28
C GLU A 271 -29.49 -31.72 -2.93
N ASP A 272 -29.89 -32.37 -1.85
CA ASP A 272 -29.22 -33.58 -1.41
C ASP A 272 -27.75 -33.37 -1.03
N LEU A 273 -27.49 -32.35 -0.21
CA LEU A 273 -26.12 -32.02 0.19
C LEU A 273 -25.81 -32.43 1.62
N TYR A 274 -26.81 -32.87 2.36
CA TYR A 274 -26.60 -33.21 3.75
C TYR A 274 -25.83 -34.47 4.03
N ASP A 275 -25.36 -34.60 5.27
CA ASP A 275 -24.60 -35.76 5.70
C ASP A 275 -25.57 -36.90 5.99
N LYS A 276 -25.68 -37.78 5.01
CA LYS A 276 -26.59 -38.91 5.06
C LYS A 276 -26.38 -39.88 6.22
N GLU A 277 -25.15 -40.32 6.38
CA GLU A 277 -24.83 -41.24 7.48
C GLU A 277 -25.19 -40.66 8.83
N TYR A 278 -24.68 -39.46 9.06
CA TYR A 278 -24.86 -38.81 10.34
C TYR A 278 -26.35 -38.79 10.70
N VAL A 279 -27.23 -38.41 9.78
CA VAL A 279 -28.66 -38.42 10.11
C VAL A 279 -29.13 -39.87 10.37
N ALA A 280 -28.70 -40.80 9.53
CA ALA A 280 -29.03 -42.20 9.70
C ALA A 280 -28.60 -42.74 11.09
N LYS A 281 -27.35 -42.53 11.53
CA LYS A 281 -27.03 -43.08 12.84
C LYS A 281 -27.28 -42.29 14.15
N TYR A 282 -27.57 -40.98 14.08
CA TYR A 282 -27.74 -40.16 15.29
C TYR A 282 -28.93 -39.24 15.34
N THR A 283 -29.86 -39.46 14.43
CA THR A 283 -30.97 -38.57 14.30
C THR A 283 -32.38 -39.22 14.27
N VAL A 284 -33.30 -38.74 15.10
CA VAL A 284 -34.69 -39.26 15.08
C VAL A 284 -35.57 -38.23 14.34
N GLY A 285 -36.64 -38.72 13.72
CA GLY A 285 -37.55 -37.86 12.97
C GLY A 285 -37.00 -36.86 11.96
N PHE A 286 -36.17 -37.30 11.01
CA PHE A 286 -35.59 -36.42 9.95
C PHE A 286 -36.61 -36.19 8.84
N GLU A 287 -37.55 -37.12 8.71
CA GLU A 287 -38.59 -37.13 7.67
C GLU A 287 -39.64 -36.04 7.80
N GLU A 288 -40.05 -35.77 9.04
CA GLU A 288 -41.02 -34.72 9.35
C GLU A 288 -40.48 -33.36 8.84
N LEU A 289 -39.16 -33.18 8.98
CA LEU A 289 -38.42 -31.96 8.60
C LEU A 289 -38.38 -31.71 7.08
N LYS A 290 -38.15 -32.76 6.31
CA LYS A 290 -38.08 -32.64 4.86
C LYS A 290 -39.42 -32.19 4.26
N ALA A 291 -40.50 -32.80 4.72
CA ALA A 291 -41.87 -32.46 4.26
C ALA A 291 -42.35 -31.07 4.73
N HIS A 292 -41.98 -30.69 5.95
CA HIS A 292 -42.30 -29.39 6.55
C HIS A 292 -41.74 -28.26 5.69
N VAL A 293 -40.49 -28.47 5.31
CA VAL A 293 -39.68 -27.52 4.57
C VAL A 293 -39.82 -27.52 3.04
N LYS A 294 -40.85 -28.19 2.55
CA LYS A 294 -41.09 -28.32 1.11
C LYS A 294 -41.19 -27.03 0.26
N ASP A 295 -42.01 -26.09 0.73
CA ASP A 295 -42.23 -24.82 0.05
C ASP A 295 -41.30 -23.67 0.47
N PHE A 296 -40.52 -23.84 1.54
CA PHE A 296 -39.63 -22.77 1.98
C PHE A 296 -38.38 -22.78 1.12
N THR A 297 -38.50 -22.18 -0.05
CA THR A 297 -37.44 -22.11 -1.03
C THR A 297 -36.63 -20.81 -1.01
N PRO A 298 -35.40 -20.82 -1.59
CA PRO A 298 -34.63 -19.59 -1.60
C PRO A 298 -35.45 -18.42 -2.23
N GLU A 299 -36.44 -18.70 -3.09
CA GLU A 299 -37.24 -17.61 -3.66
C GLU A 299 -38.32 -17.16 -2.65
N TRP A 300 -38.86 -18.08 -1.87
CA TRP A 300 -39.82 -17.71 -0.83
C TRP A 300 -39.07 -16.86 0.24
N ALA A 301 -37.84 -17.25 0.58
CA ALA A 301 -36.98 -16.58 1.57
C ALA A 301 -36.55 -15.17 1.19
N GLU A 302 -36.06 -15.03 -0.04
CA GLU A 302 -35.60 -13.73 -0.56
C GLU A 302 -36.63 -12.60 -0.49
N LYS A 303 -37.88 -13.01 -0.45
CA LYS A 303 -39.05 -12.16 -0.45
C LYS A 303 -39.27 -11.49 0.91
N HIS A 304 -38.98 -12.24 1.96
CA HIS A 304 -39.11 -11.73 3.33
C HIS A 304 -37.76 -11.26 3.92
N THR A 305 -36.72 -12.01 3.57
CA THR A 305 -35.36 -11.86 4.05
C THR A 305 -34.62 -10.68 3.42
N GLU A 306 -34.89 -10.54 2.13
CA GLU A 306 -34.36 -9.48 1.32
C GLU A 306 -32.95 -9.73 0.86
N ILE A 307 -32.50 -10.95 1.08
CA ILE A 307 -31.19 -11.43 0.65
C ILE A 307 -31.51 -12.12 -0.69
N PRO A 308 -30.76 -11.83 -1.77
CA PRO A 308 -31.06 -12.49 -3.05
C PRO A 308 -31.09 -14.03 -3.00
N ALA A 309 -31.92 -14.67 -3.81
CA ALA A 309 -32.03 -16.13 -3.78
C ALA A 309 -30.73 -16.89 -4.14
N GLN A 310 -29.89 -16.32 -5.01
CA GLN A 310 -28.61 -16.95 -5.42
C GLN A 310 -27.68 -17.01 -4.21
N VAL A 311 -27.57 -15.88 -3.52
CA VAL A 311 -26.78 -15.80 -2.30
C VAL A 311 -27.29 -16.86 -1.30
N ILE A 312 -28.60 -16.98 -1.08
CA ILE A 312 -29.10 -17.99 -0.13
C ILE A 312 -28.65 -19.42 -0.48
N ARG A 313 -28.69 -19.73 -1.76
CA ARG A 313 -28.24 -21.01 -2.32
C ARG A 313 -26.74 -21.25 -2.19
N GLU A 314 -25.96 -20.28 -2.67
CA GLU A 314 -24.50 -20.32 -2.61
C GLU A 314 -24.01 -20.53 -1.17
N VAL A 315 -24.56 -19.80 -0.22
CA VAL A 315 -24.13 -19.99 1.16
C VAL A 315 -24.39 -21.43 1.65
N ALA A 316 -25.54 -22.03 1.35
CA ALA A 316 -25.77 -23.40 1.81
C ALA A 316 -24.85 -24.41 1.11
N ARG A 317 -24.54 -24.19 -0.17
CA ARG A 317 -23.66 -25.09 -0.92
C ARG A 317 -22.25 -25.08 -0.39
N GLU A 318 -21.74 -23.87 -0.19
CA GLU A 318 -20.41 -23.64 0.35
C GLU A 318 -20.25 -24.28 1.72
N MET A 319 -21.32 -24.24 2.52
CA MET A 319 -21.18 -24.82 3.84
C MET A 319 -21.21 -26.34 3.71
N ALA A 320 -22.08 -26.88 2.85
CA ALA A 320 -22.11 -28.32 2.58
C ALA A 320 -20.71 -28.76 2.06
N ALA A 321 -20.12 -28.03 1.12
CA ALA A 321 -18.76 -28.38 0.62
C ALA A 321 -17.67 -28.50 1.72
N HIS A 322 -17.93 -28.03 2.93
CA HIS A 322 -16.88 -28.07 3.96
C HIS A 322 -17.11 -29.01 5.12
N LYS A 323 -18.33 -29.52 5.24
CA LYS A 323 -18.68 -30.44 6.31
C LYS A 323 -17.65 -31.52 6.50
N PRO A 324 -17.49 -32.00 7.75
CA PRO A 324 -18.24 -31.58 8.95
C PRO A 324 -17.68 -30.28 9.59
N ARG A 325 -16.73 -29.66 8.90
CA ARG A 325 -16.02 -28.46 9.35
C ARG A 325 -16.57 -27.07 8.96
N ALA A 326 -17.91 -27.02 8.96
CA ALA A 326 -18.71 -25.84 8.68
C ALA A 326 -19.65 -25.77 9.88
N VAL A 327 -19.67 -24.63 10.57
CA VAL A 327 -20.51 -24.39 11.76
C VAL A 327 -21.30 -23.09 11.79
N LEU A 328 -22.54 -23.15 12.29
CA LEU A 328 -23.28 -21.94 12.55
C LEU A 328 -23.24 -21.86 14.09
N PRO A 329 -22.18 -21.28 14.68
CA PRO A 329 -22.29 -21.29 16.15
C PRO A 329 -23.51 -20.52 16.65
N PRO A 330 -24.22 -21.03 17.68
CA PRO A 330 -25.38 -20.31 18.20
C PRO A 330 -24.96 -19.07 19.00
N THR A 331 -25.57 -17.92 18.74
CA THR A 331 -25.24 -16.69 19.46
C THR A 331 -25.67 -16.78 20.94
N ARG A 332 -25.23 -15.85 21.77
CA ARG A 332 -25.61 -15.96 23.17
C ARG A 332 -26.91 -15.20 23.45
N HIS A 333 -26.98 -13.94 23.02
CA HIS A 333 -28.19 -13.19 23.26
C HIS A 333 -29.15 -13.42 22.09
N ASN A 334 -30.21 -14.15 22.47
CA ASN A 334 -31.31 -14.68 21.65
C ASN A 334 -32.77 -14.25 21.95
N VAL A 335 -33.05 -13.16 22.65
CA VAL A 335 -34.44 -12.84 22.96
C VAL A 335 -35.14 -11.99 21.86
N TRP A 336 -34.34 -11.43 20.98
CA TRP A 336 -34.70 -10.62 19.79
C TRP A 336 -36.11 -10.36 19.41
N TYR A 337 -36.86 -11.44 19.32
CA TYR A 337 -38.26 -11.31 18.97
C TYR A 337 -39.03 -12.44 19.79
N GLY A 338 -40.36 -12.44 19.85
CA GLY A 338 -41.11 -13.41 20.61
C GLY A 338 -40.99 -14.88 20.22
N ASP A 339 -40.69 -15.13 18.95
CA ASP A 339 -40.54 -16.49 18.44
C ASP A 339 -39.21 -17.25 18.69
N ASP A 340 -38.16 -16.53 19.08
CA ASP A 340 -36.83 -17.09 19.32
C ASP A 340 -36.40 -18.60 19.43
N THR A 341 -37.16 -19.44 20.12
CA THR A 341 -36.75 -20.85 20.22
C THR A 341 -36.82 -21.53 18.86
N TYR A 342 -37.73 -21.07 18.01
CA TYR A 342 -37.82 -21.59 16.65
C TYR A 342 -36.57 -21.25 15.84
N ARG A 343 -36.13 -19.99 15.85
CA ARG A 343 -34.92 -19.65 15.11
C ARG A 343 -33.75 -20.53 15.57
N VAL A 344 -33.52 -20.66 16.87
CA VAL A 344 -32.39 -21.50 17.31
C VAL A 344 -32.56 -22.97 16.89
N MET A 345 -33.76 -23.54 17.03
CA MET A 345 -33.99 -24.94 16.63
C MET A 345 -33.53 -25.16 15.18
N ALA A 346 -33.94 -24.25 14.29
CA ALA A 346 -33.61 -24.27 12.87
C ALA A 346 -32.10 -24.19 12.57
N LEU A 347 -31.40 -23.38 13.36
CA LEU A 347 -29.95 -23.19 13.27
C LEU A 347 -29.26 -24.49 13.68
N LEU A 348 -29.84 -25.16 14.68
CA LEU A 348 -29.32 -26.43 15.17
C LEU A 348 -29.56 -27.56 14.16
N TYR A 349 -30.69 -27.53 13.45
CA TYR A 349 -31.00 -28.55 12.43
C TYR A 349 -29.94 -28.48 11.32
N VAL A 350 -29.62 -27.26 10.88
CA VAL A 350 -28.59 -27.03 9.86
C VAL A 350 -27.24 -27.61 10.34
N ASN A 351 -26.91 -27.47 11.62
CA ASN A 351 -25.66 -28.02 12.12
C ASN A 351 -25.70 -29.55 12.10
N VAL A 352 -26.85 -30.10 12.45
CA VAL A 352 -27.06 -31.54 12.46
C VAL A 352 -26.92 -32.09 11.02
N LEU A 353 -27.63 -31.46 10.07
CA LEU A 353 -27.62 -31.81 8.65
C LEU A 353 -26.21 -31.73 8.03
N LEU A 354 -25.32 -30.99 8.67
CA LEU A 354 -23.95 -30.86 8.20
C LEU A 354 -23.05 -31.94 8.84
N GLY A 355 -23.57 -32.60 9.86
CA GLY A 355 -22.86 -33.65 10.59
C GLY A 355 -21.76 -33.15 11.51
N ASN A 356 -21.88 -31.93 12.01
CA ASN A 356 -20.81 -31.37 12.83
C ASN A 356 -20.83 -31.53 14.34
N TYR A 357 -21.93 -31.98 14.91
CA TYR A 357 -21.99 -32.08 16.36
C TYR A 357 -21.16 -33.23 16.94
N GLY A 358 -20.14 -32.90 17.71
CA GLY A 358 -19.29 -33.94 18.27
C GLY A 358 -18.16 -34.35 17.34
N ARG A 359 -17.97 -33.61 16.26
CA ARG A 359 -16.90 -33.91 15.32
C ARG A 359 -15.93 -32.77 15.22
N PRO A 360 -14.63 -33.06 14.95
CA PRO A 360 -13.80 -31.87 14.85
C PRO A 360 -14.25 -31.13 13.64
N GLY A 361 -14.58 -29.89 13.95
CA GLY A 361 -15.06 -28.92 13.00
C GLY A 361 -15.82 -27.86 13.78
N GLY A 362 -16.80 -28.26 14.59
CA GLY A 362 -17.52 -27.21 15.32
C GLY A 362 -18.13 -27.46 16.68
N PHE A 363 -18.27 -28.70 17.11
CA PHE A 363 -18.92 -28.98 18.41
C PHE A 363 -18.19 -30.17 19.11
N TYR A 364 -17.26 -29.95 20.03
CA TYR A 364 -16.54 -31.08 20.66
C TYR A 364 -17.14 -32.14 21.65
N ILE A 365 -18.14 -31.81 22.43
CA ILE A 365 -18.91 -32.50 23.53
C ILE A 365 -18.24 -32.00 24.84
N ALA A 366 -18.97 -31.23 25.63
CA ALA A 366 -18.46 -30.60 26.84
C ALA A 366 -18.85 -31.32 28.13
N GLN A 367 -17.88 -31.86 28.84
CA GLN A 367 -18.23 -32.52 30.07
C GLN A 367 -17.83 -31.69 31.26
N SER A 368 -18.69 -31.73 32.26
CA SER A 368 -18.51 -30.99 33.48
C SER A 368 -17.44 -31.61 34.38
N PRO A 369 -16.62 -30.79 35.08
CA PRO A 369 -15.61 -31.44 35.92
C PRO A 369 -16.12 -32.14 37.19
N TYR A 370 -15.30 -33.01 37.77
CA TYR A 370 -15.69 -33.66 39.00
C TYR A 370 -15.06 -32.95 40.22
N LEU A 371 -15.92 -32.35 41.04
CA LEU A 371 -15.53 -31.70 42.29
C LEU A 371 -16.77 -31.97 43.05
N GLU A 372 -16.60 -32.71 44.12
CA GLU A 372 -17.70 -33.13 44.89
C GLU A 372 -18.30 -32.06 45.80
N LYS A 373 -19.63 -31.98 45.81
CA LYS A 373 -20.30 -30.97 46.61
C LYS A 373 -19.99 -31.10 48.09
N TYR A 374 -20.20 -30.03 48.83
CA TYR A 374 -19.93 -30.05 50.25
C TYR A 374 -21.16 -30.79 50.80
N PRO A 375 -20.96 -31.85 51.65
CA PRO A 375 -22.03 -32.68 52.24
C PRO A 375 -23.09 -32.00 53.08
N LEU A 376 -24.32 -32.11 52.60
CA LEU A 376 -25.42 -31.45 53.28
C LEU A 376 -26.76 -32.14 53.10
N PRO A 377 -27.73 -31.77 53.95
CA PRO A 377 -29.06 -32.35 53.84
C PRO A 377 -29.65 -31.85 52.51
N PRO A 378 -30.55 -32.62 51.87
CA PRO A 378 -31.13 -32.12 50.61
C PRO A 378 -31.81 -30.76 50.85
N LEU A 379 -31.91 -29.95 49.82
CA LEU A 379 -32.53 -28.64 49.96
C LEU A 379 -34.08 -28.70 49.91
N PRO A 380 -34.80 -27.86 50.71
CA PRO A 380 -36.26 -28.00 50.55
C PRO A 380 -36.66 -28.11 49.05
N LEU A 381 -36.25 -27.18 48.19
CA LEU A 381 -36.58 -27.30 46.77
C LEU A 381 -35.32 -27.62 45.99
N GLU A 382 -35.41 -28.63 45.12
CA GLU A 382 -34.30 -29.08 44.28
C GLU A 382 -34.67 -28.69 42.84
N PRO A 383 -33.67 -28.54 41.95
CA PRO A 383 -34.02 -28.16 40.59
C PRO A 383 -34.46 -29.24 39.59
N ALA A 384 -35.07 -28.80 38.48
CA ALA A 384 -35.47 -29.73 37.41
C ALA A 384 -34.87 -29.25 36.07
N ALA A 385 -33.69 -29.80 35.74
CA ALA A 385 -32.95 -29.50 34.50
C ALA A 385 -33.69 -30.14 33.31
N GLY A 386 -34.97 -29.81 33.19
CA GLY A 386 -35.85 -30.34 32.16
C GLY A 386 -35.50 -30.36 30.69
N GLY A 387 -36.23 -31.17 29.94
CA GLY A 387 -36.05 -31.31 28.51
C GLY A 387 -37.07 -32.23 27.86
N CYS A 388 -37.53 -33.24 28.58
CA CYS A 388 -38.51 -34.23 28.07
C CYS A 388 -39.51 -34.74 29.14
N SER A 389 -40.39 -35.64 28.72
CA SER A 389 -41.37 -36.35 29.55
C SER A 389 -41.97 -35.70 30.81
N GLY A 390 -42.36 -34.43 30.70
CA GLY A 390 -42.98 -33.69 31.78
C GLY A 390 -42.16 -32.83 32.73
N PRO A 391 -41.35 -31.88 32.21
CA PRO A 391 -40.52 -31.01 33.05
C PRO A 391 -41.11 -29.62 33.32
N SER A 392 -42.43 -29.52 33.22
CA SER A 392 -43.17 -28.28 33.44
C SER A 392 -43.58 -28.04 34.90
N GLY A 393 -44.82 -28.38 35.27
CA GLY A 393 -45.29 -28.19 36.62
C GLY A 393 -45.75 -29.38 37.46
N GLY A 394 -45.30 -30.58 37.10
CA GLY A 394 -45.66 -31.76 37.85
C GLY A 394 -45.39 -31.71 39.34
N ASP A 395 -44.22 -31.19 39.73
CA ASP A 395 -43.82 -31.05 41.15
C ASP A 395 -44.36 -29.81 41.87
N HIS A 396 -44.97 -28.96 41.06
CA HIS A 396 -45.53 -27.64 41.38
C HIS A 396 -47.07 -27.65 41.71
N GLU A 397 -47.76 -28.70 41.20
CA GLU A 397 -49.22 -28.96 41.33
C GLU A 397 -49.61 -29.59 42.72
N PRO A 398 -49.28 -30.90 42.99
CA PRO A 398 -49.63 -31.45 44.31
C PRO A 398 -48.36 -31.44 45.23
N GLU A 399 -47.23 -31.72 44.62
CA GLU A 399 -45.87 -31.74 45.23
C GLU A 399 -45.64 -30.62 46.24
N GLY A 400 -45.87 -30.86 47.53
CA GLY A 400 -45.66 -29.78 48.47
C GLY A 400 -46.44 -28.51 48.28
N PHE A 401 -45.89 -27.32 48.57
CA PHE A 401 -46.93 -26.18 48.59
C PHE A 401 -47.26 -24.99 47.62
N LYS A 402 -46.35 -24.33 46.86
CA LYS A 402 -46.58 -23.19 45.94
C LYS A 402 -45.55 -22.95 44.75
N PRO A 403 -45.96 -23.30 43.56
CA PRO A 403 -45.13 -23.18 42.38
C PRO A 403 -44.60 -21.79 41.98
N ARG A 404 -43.46 -21.74 41.29
CA ARG A 404 -42.88 -20.49 40.83
C ARG A 404 -44.06 -19.75 40.17
N ALA A 405 -44.18 -18.47 40.50
CA ALA A 405 -45.26 -17.60 40.05
C ALA A 405 -45.46 -17.30 38.56
N ASP A 406 -44.61 -17.85 37.70
CA ASP A 406 -44.75 -17.62 36.25
C ASP A 406 -45.02 -18.96 35.54
N LYS A 407 -45.44 -19.92 36.36
CA LYS A 407 -45.74 -21.29 35.97
C LYS A 407 -46.66 -21.54 34.77
N GLY A 408 -47.66 -20.72 34.52
CA GLY A 408 -48.43 -21.07 33.36
C GLY A 408 -48.22 -20.19 32.16
N LYS A 409 -47.25 -19.28 32.22
CA LYS A 409 -47.11 -18.33 31.13
C LYS A 409 -46.49 -18.70 29.79
N PHE A 410 -45.63 -19.71 29.80
CA PHE A 410 -44.96 -20.21 28.61
C PHE A 410 -44.76 -21.73 28.80
N PHE A 411 -44.34 -22.45 27.77
CA PHE A 411 -44.16 -23.91 27.85
C PHE A 411 -43.03 -24.45 28.71
N ALA A 412 -41.82 -23.97 28.42
CA ALA A 412 -40.60 -24.35 29.13
C ALA A 412 -40.71 -24.14 30.65
N ARG A 413 -39.79 -24.77 31.36
CA ARG A 413 -39.71 -24.80 32.81
C ARG A 413 -38.73 -23.85 33.54
N SER A 414 -37.96 -23.08 32.80
CA SER A 414 -37.02 -22.15 33.40
C SER A 414 -37.75 -21.00 34.07
N THR A 415 -37.16 -20.44 35.12
CA THR A 415 -37.78 -19.31 35.80
C THR A 415 -37.49 -18.03 34.95
N ALA A 416 -38.51 -17.20 34.65
CA ALA A 416 -38.31 -15.98 33.85
C ALA A 416 -38.43 -14.69 34.71
N ILE A 417 -37.29 -14.03 34.96
CA ILE A 417 -37.19 -12.86 35.84
C ILE A 417 -38.21 -11.76 35.64
N GLN A 418 -38.51 -11.55 34.37
CA GLN A 418 -39.41 -10.54 33.91
C GLN A 418 -40.91 -10.86 34.12
N GLU A 419 -41.25 -12.14 34.35
CA GLU A 419 -42.64 -12.51 34.56
C GLU A 419 -43.09 -12.52 36.05
N LEU A 420 -42.14 -12.69 36.98
CA LEU A 420 -42.42 -12.69 38.43
C LEU A 420 -42.54 -11.30 39.02
N ILE A 421 -42.56 -10.29 38.16
CA ILE A 421 -42.63 -8.87 38.61
C ILE A 421 -44.06 -8.39 38.71
N GLU A 422 -44.91 -9.04 37.93
CA GLU A 422 -46.32 -8.71 37.84
C GLU A 422 -46.97 -9.11 39.17
N PRO A 423 -46.68 -10.33 39.68
CA PRO A 423 -47.21 -10.83 40.95
C PRO A 423 -47.05 -9.84 42.11
N MET A 424 -46.04 -8.95 42.03
CA MET A 424 -45.75 -7.94 43.06
C MET A 424 -46.63 -6.69 42.99
N ILE A 425 -47.25 -6.48 41.85
CA ILE A 425 -48.11 -5.31 41.60
C ILE A 425 -49.59 -5.65 41.85
N THR A 426 -50.09 -6.68 41.17
CA THR A 426 -51.49 -7.14 41.28
C THR A 426 -51.78 -8.19 42.37
N GLY A 427 -50.74 -8.90 42.81
CA GLY A 427 -50.99 -9.96 43.75
C GLY A 427 -51.59 -11.11 42.95
N GLU A 428 -51.55 -11.04 41.61
CA GLU A 428 -52.10 -12.22 40.92
C GLU A 428 -51.45 -13.54 41.45
N PRO A 429 -51.26 -14.64 40.64
CA PRO A 429 -50.68 -15.80 41.34
C PRO A 429 -50.16 -15.58 42.77
N TYR A 430 -51.07 -15.47 43.75
CA TYR A 430 -50.70 -15.19 45.17
C TYR A 430 -49.96 -13.80 45.30
N PRO A 431 -49.09 -13.58 46.35
CA PRO A 431 -48.43 -12.28 46.40
C PRO A 431 -46.91 -12.42 46.66
N ILE A 432 -46.15 -11.55 46.01
CA ILE A 432 -44.74 -11.53 46.30
C ILE A 432 -44.51 -10.18 46.93
N LYS A 433 -44.30 -10.20 48.23
CA LYS A 433 -43.96 -8.99 49.00
C LYS A 433 -42.43 -9.33 49.13
N GLY A 434 -41.56 -8.41 49.54
CA GLY A 434 -40.15 -8.82 49.60
C GLY A 434 -39.41 -9.28 48.34
N LEU A 435 -38.24 -8.69 48.11
CA LEU A 435 -37.34 -8.99 46.97
C LEU A 435 -35.87 -8.68 47.29
N PHE A 436 -35.01 -9.61 46.88
CA PHE A 436 -33.56 -9.51 46.97
C PHE A 436 -33.03 -9.27 45.56
N ALA A 437 -32.03 -8.40 45.44
CA ALA A 437 -31.34 -8.12 44.19
C ALA A 437 -29.86 -8.26 44.49
N TYR A 438 -29.32 -9.42 44.15
CA TYR A 438 -27.90 -9.66 44.37
C TYR A 438 -27.18 -9.33 43.05
N GLY A 439 -26.47 -8.21 43.00
CA GLY A 439 -25.73 -7.80 41.81
C GLY A 439 -26.47 -7.99 40.50
N ILE A 440 -27.66 -7.42 40.40
CA ILE A 440 -28.45 -7.56 39.19
C ILE A 440 -29.10 -6.19 38.97
N ASN A 441 -28.95 -5.65 37.77
CA ASN A 441 -29.44 -4.30 37.47
C ASN A 441 -30.95 -4.23 37.19
N LEU A 442 -31.74 -4.04 38.22
CA LEU A 442 -33.19 -3.98 38.06
C LEU A 442 -33.68 -3.01 36.99
N PHE A 443 -33.09 -1.82 36.93
CA PHE A 443 -33.52 -0.81 35.95
C PHE A 443 -32.85 -0.86 34.57
N HIS A 444 -31.85 -1.70 34.36
CA HIS A 444 -31.21 -1.77 33.04
C HIS A 444 -31.32 -3.15 32.39
N SER A 445 -31.50 -4.19 33.19
CA SER A 445 -31.55 -5.56 32.67
C SER A 445 -32.93 -6.19 32.50
N ILE A 446 -33.96 -5.53 33.02
CA ILE A 446 -35.34 -6.03 32.93
C ILE A 446 -36.15 -4.96 32.21
N PRO A 447 -36.87 -5.33 31.14
CA PRO A 447 -37.63 -4.28 30.46
C PRO A 447 -38.82 -3.73 31.22
N ASN A 448 -39.32 -2.57 30.74
CA ASN A 448 -40.46 -1.90 31.33
C ASN A 448 -40.13 -1.38 32.72
N VAL A 449 -39.15 -0.49 32.79
CA VAL A 449 -38.73 0.08 34.07
C VAL A 449 -39.87 0.68 34.91
N PRO A 450 -40.87 1.34 34.26
CA PRO A 450 -41.98 1.90 35.08
C PRO A 450 -42.70 0.80 35.87
N ARG A 451 -42.95 -0.32 35.22
CA ARG A 451 -43.59 -1.46 35.87
C ARG A 451 -42.72 -2.00 37.04
N THR A 452 -41.41 -2.09 36.87
CA THR A 452 -40.54 -2.55 37.95
C THR A 452 -40.57 -1.60 39.17
N LYS A 453 -40.74 -0.30 38.94
CA LYS A 453 -40.78 0.71 40.01
C LYS A 453 -42.10 0.69 40.79
N GLU A 454 -43.17 0.35 40.08
CA GLU A 454 -44.49 0.19 40.69
C GLU A 454 -44.34 -1.00 41.65
N ALA A 455 -43.74 -2.08 41.14
CA ALA A 455 -43.52 -3.29 41.92
C ALA A 455 -42.63 -3.06 43.16
N LEU A 456 -41.61 -2.21 43.08
CA LEU A 456 -40.83 -1.99 44.30
C LEU A 456 -41.69 -1.19 45.29
N LYS A 457 -42.57 -0.32 44.77
CA LYS A 457 -43.44 0.49 45.61
C LYS A 457 -44.29 -0.39 46.54
N ASN A 458 -44.91 -1.39 45.95
CA ASN A 458 -45.78 -2.30 46.66
C ASN A 458 -45.16 -3.35 47.56
N LEU A 459 -43.84 -3.43 47.62
CA LEU A 459 -43.18 -4.46 48.44
C LEU A 459 -43.09 -4.15 49.92
N ASP A 460 -43.06 -5.20 50.72
CA ASP A 460 -42.88 -5.05 52.16
C ASP A 460 -41.36 -5.02 52.44
N LEU A 461 -40.57 -5.78 51.69
CA LEU A 461 -39.13 -5.73 51.87
C LEU A 461 -38.36 -5.86 50.55
N TYR A 462 -37.38 -5.00 50.36
CA TYR A 462 -36.55 -5.04 49.17
C TYR A 462 -35.08 -4.79 49.54
N VAL A 463 -34.28 -5.85 49.49
CA VAL A 463 -32.87 -5.74 49.82
C VAL A 463 -32.01 -5.83 48.54
N ALA A 464 -30.94 -5.03 48.47
CA ALA A 464 -30.03 -5.04 47.34
C ALA A 464 -28.60 -5.14 47.84
N ILE A 465 -27.85 -6.12 47.31
CA ILE A 465 -26.46 -6.38 47.70
C ILE A 465 -25.65 -6.01 46.45
N ASP A 466 -24.80 -4.99 46.59
CA ASP A 466 -24.05 -4.50 45.43
C ASP A 466 -22.78 -3.76 45.86
N VAL A 467 -22.13 -3.11 44.92
CA VAL A 467 -20.95 -2.32 45.26
C VAL A 467 -21.06 -0.82 44.96
N LEU A 468 -21.71 -0.50 43.86
CA LEU A 468 -21.81 0.91 43.51
C LEU A 468 -23.24 1.42 43.81
N PRO A 469 -23.40 2.74 43.97
CA PRO A 469 -24.74 3.28 44.25
C PRO A 469 -25.47 3.56 42.94
N GLN A 470 -25.95 2.48 42.34
CA GLN A 470 -26.70 2.54 41.08
C GLN A 470 -28.10 3.10 41.26
N GLU A 471 -28.86 3.28 40.19
CA GLU A 471 -30.20 3.81 40.37
C GLU A 471 -31.19 2.85 41.03
N HIS A 472 -31.00 1.55 40.92
CA HIS A 472 -31.93 0.59 41.57
C HIS A 472 -31.47 0.12 42.98
N VAL A 473 -30.25 0.46 43.40
CA VAL A 473 -29.76 0.07 44.72
C VAL A 473 -30.31 1.10 45.74
N MET A 474 -30.44 2.33 45.29
CA MET A 474 -30.93 3.42 46.11
C MET A 474 -32.45 3.51 46.20
N TRP A 475 -33.13 2.40 45.90
CA TRP A 475 -34.59 2.29 46.07
C TRP A 475 -34.83 1.24 47.15
N ALA A 476 -33.75 0.73 47.74
CA ALA A 476 -33.86 -0.32 48.72
C ALA A 476 -34.03 0.02 50.21
N ASP A 477 -34.73 -0.85 50.95
CA ASP A 477 -34.81 -0.74 52.42
C ASP A 477 -33.54 -1.62 52.67
N VAL A 478 -32.48 -1.09 53.24
CA VAL A 478 -31.25 -1.88 53.43
C VAL A 478 -30.48 -2.19 52.14
N ILE A 479 -29.27 -1.65 52.13
CA ILE A 479 -28.26 -1.77 51.10
C ILE A 479 -27.11 -2.47 51.82
N LEU A 480 -26.60 -3.57 51.27
CA LEU A 480 -25.46 -4.27 51.89
C LEU A 480 -24.25 -4.19 50.93
N PRO A 481 -23.13 -3.58 51.36
CA PRO A 481 -21.95 -3.49 50.48
C PRO A 481 -21.11 -4.77 50.36
N GLU A 482 -21.09 -5.36 49.17
CA GLU A 482 -20.31 -6.56 49.00
C GLU A 482 -18.86 -6.25 48.77
N ALA A 483 -18.05 -7.26 49.07
CA ALA A 483 -16.65 -7.14 48.88
C ALA A 483 -16.50 -7.57 47.45
N THR A 484 -15.53 -6.91 46.86
CA THR A 484 -15.20 -7.09 45.47
C THR A 484 -14.36 -8.37 45.18
N TYR A 485 -14.41 -8.89 43.95
CA TYR A 485 -13.72 -10.12 43.56
C TYR A 485 -12.23 -10.22 43.92
N LEU A 486 -11.57 -9.08 44.08
CA LEU A 486 -10.16 -9.09 44.41
C LEU A 486 -9.94 -9.17 45.94
N GLU A 487 -10.97 -8.83 46.70
CA GLU A 487 -10.88 -8.83 48.18
C GLU A 487 -11.70 -9.99 48.75
N ARG A 488 -11.97 -10.97 47.92
CA ARG A 488 -12.89 -12.06 48.28
C ARG A 488 -12.54 -13.50 47.85
N TYR A 489 -13.01 -14.49 48.62
CA TYR A 489 -12.84 -15.91 48.23
C TYR A 489 -14.25 -16.23 47.69
N ASP A 490 -14.35 -17.14 46.72
CA ASP A 490 -15.66 -17.58 46.25
C ASP A 490 -15.59 -19.10 46.10
N ASP A 491 -16.76 -19.74 46.14
CA ASP A 491 -16.86 -21.20 45.94
C ASP A 491 -16.28 -21.38 44.52
N PHE A 492 -15.71 -22.54 44.23
CA PHE A 492 -15.08 -22.83 42.95
C PHE A 492 -15.93 -22.61 41.74
N VAL A 493 -15.23 -22.42 40.63
CA VAL A 493 -15.84 -22.19 39.32
C VAL A 493 -15.52 -23.39 38.42
N LEU A 494 -16.56 -24.15 38.12
CA LEU A 494 -16.41 -25.34 37.27
C LEU A 494 -16.80 -25.04 35.84
N VAL A 495 -15.96 -25.42 34.90
CA VAL A 495 -16.26 -25.16 33.50
C VAL A 495 -16.30 -26.43 32.63
N ALA A 496 -17.49 -26.71 32.07
CA ALA A 496 -17.67 -27.84 31.16
C ALA A 496 -16.88 -27.48 29.92
N HIS A 497 -16.09 -28.42 29.43
CA HIS A 497 -15.18 -28.10 28.36
C HIS A 497 -14.56 -29.34 27.71
N LYS A 498 -13.86 -29.10 26.60
CA LYS A 498 -13.13 -30.17 25.91
C LYS A 498 -12.35 -30.90 27.07
N THR A 499 -11.62 -30.12 27.88
CA THR A 499 -10.87 -30.60 29.04
C THR A 499 -11.46 -29.85 30.25
N PRO A 500 -12.53 -30.41 30.89
CA PRO A 500 -13.17 -29.77 32.04
C PRO A 500 -12.17 -29.23 33.05
N PHE A 501 -12.44 -28.08 33.66
CA PHE A 501 -11.52 -27.58 34.65
C PHE A 501 -12.18 -26.88 35.82
N ILE A 502 -11.39 -26.67 36.86
CA ILE A 502 -11.84 -26.05 38.10
C ILE A 502 -10.96 -24.86 38.42
N GLN A 503 -11.57 -23.72 38.72
CA GLN A 503 -10.79 -22.52 39.07
C GLN A 503 -11.04 -22.07 40.50
N LEU A 504 -10.03 -21.44 41.08
CA LEU A 504 -10.10 -20.92 42.44
C LEU A 504 -9.59 -19.48 42.53
N ARG A 505 -10.38 -18.61 43.18
CA ARG A 505 -9.98 -17.24 43.40
C ARG A 505 -9.72 -17.05 44.90
N THR A 506 -8.58 -16.40 45.17
CA THR A 506 -8.05 -16.13 46.49
C THR A 506 -7.99 -14.62 46.68
N PRO A 507 -8.24 -14.13 47.92
CA PRO A 507 -8.16 -12.67 48.04
C PRO A 507 -6.75 -12.16 47.65
N ALA A 508 -6.70 -10.96 47.07
CA ALA A 508 -5.42 -10.35 46.75
C ALA A 508 -5.06 -9.44 47.93
N HIS A 509 -6.06 -9.11 48.74
CA HIS A 509 -5.91 -8.27 49.93
C HIS A 509 -7.27 -8.23 50.66
N GLU A 510 -7.32 -7.80 51.92
CA GLU A 510 -8.59 -7.78 52.64
C GLU A 510 -9.57 -6.70 52.27
N PRO A 511 -10.88 -7.00 52.40
CA PRO A 511 -11.97 -6.07 52.08
C PRO A 511 -11.67 -4.66 52.60
N LEU A 512 -12.26 -3.65 51.97
CA LEU A 512 -12.02 -2.27 52.39
C LEU A 512 -13.24 -1.67 53.09
N PHE A 513 -13.01 -0.72 53.99
CA PHE A 513 -14.13 -0.06 54.66
C PHE A 513 -14.94 -1.09 55.46
N ASP A 514 -16.26 -1.08 55.29
CA ASP A 514 -17.05 -2.05 55.97
C ASP A 514 -17.64 -3.05 54.99
N THR A 515 -16.75 -3.63 54.21
CA THR A 515 -17.17 -4.54 53.18
C THR A 515 -17.07 -6.04 53.54
N LYS A 516 -18.08 -6.82 53.12
CA LYS A 516 -18.19 -8.28 53.41
C LYS A 516 -18.43 -9.16 52.18
N PRO A 517 -17.80 -10.37 52.12
CA PRO A 517 -17.98 -11.29 50.98
C PRO A 517 -19.41 -11.85 50.96
N GLY A 518 -19.91 -12.26 49.80
CA GLY A 518 -21.27 -12.82 49.71
C GLY A 518 -21.46 -14.15 50.41
N TRP A 519 -20.42 -14.99 50.50
CA TRP A 519 -20.54 -16.27 51.18
C TRP A 519 -20.87 -15.98 52.65
N TRP A 520 -20.21 -14.97 53.20
CA TRP A 520 -20.39 -14.52 54.59
C TRP A 520 -21.77 -13.89 54.82
N ILE A 521 -22.23 -13.06 53.88
CA ILE A 521 -23.54 -12.41 54.00
C ILE A 521 -24.66 -13.48 53.97
N ALA A 522 -24.52 -14.47 53.09
CA ALA A 522 -25.50 -15.56 52.96
C ALA A 522 -25.55 -16.41 54.25
N ARG A 523 -24.41 -16.90 54.69
CA ARG A 523 -24.32 -17.65 55.92
C ARG A 523 -24.91 -16.85 57.10
N GLU A 524 -24.58 -15.56 57.20
CA GLU A 524 -25.09 -14.69 58.27
C GLU A 524 -26.62 -14.51 58.26
N LEU A 525 -27.21 -14.61 57.09
CA LEU A 525 -28.67 -14.48 56.97
C LEU A 525 -29.25 -15.88 57.21
N GLY A 526 -28.52 -16.89 56.75
CA GLY A 526 -28.88 -18.30 56.88
C GLY A 526 -28.98 -18.79 58.31
N LEU A 527 -28.11 -18.29 59.17
CA LEU A 527 -28.13 -18.64 60.59
C LEU A 527 -29.34 -17.92 61.24
N ARG A 528 -29.60 -16.67 60.86
CA ARG A 528 -30.76 -15.89 61.34
C ARG A 528 -32.21 -16.38 60.91
N LEU A 529 -32.39 -17.29 59.92
CA LEU A 529 -33.72 -17.82 59.41
C LEU A 529 -33.94 -19.38 59.55
N GLY A 530 -33.21 -19.99 60.49
CA GLY A 530 -33.20 -21.43 60.82
C GLY A 530 -32.48 -22.40 59.89
N LEU A 531 -31.47 -21.91 59.17
CA LEU A 531 -30.78 -22.76 58.19
C LEU A 531 -29.35 -23.16 58.47
N GLU A 532 -29.07 -23.31 59.77
CA GLU A 532 -27.78 -23.72 60.29
C GLU A 532 -27.33 -25.08 59.67
N GLN A 533 -28.23 -26.06 59.43
CA GLN A 533 -27.76 -27.34 58.83
C GLN A 533 -27.15 -27.02 57.48
N TYR A 534 -27.73 -26.01 56.83
CA TYR A 534 -27.15 -25.49 55.59
C TYR A 534 -26.29 -24.30 56.26
N PHE A 535 -25.01 -24.20 55.91
CA PHE A 535 -24.05 -23.22 56.48
C PHE A 535 -23.28 -23.66 57.70
N PRO A 536 -23.29 -24.99 58.00
CA PRO A 536 -22.56 -25.47 59.17
C PRO A 536 -21.09 -25.01 59.25
N TRP A 537 -20.32 -25.25 58.19
CA TRP A 537 -18.90 -24.83 58.12
C TRP A 537 -18.73 -23.41 58.68
N LYS A 538 -17.69 -23.17 59.50
CA LYS A 538 -17.46 -21.85 60.11
C LYS A 538 -16.67 -20.88 59.26
N THR A 539 -16.22 -21.35 58.11
CA THR A 539 -15.44 -20.45 57.30
C THR A 539 -15.33 -20.97 55.85
N ILE A 540 -15.15 -20.08 54.88
CA ILE A 540 -15.05 -20.51 53.49
C ILE A 540 -13.83 -21.40 53.20
N GLU A 541 -12.70 -21.22 53.87
CA GLU A 541 -11.53 -22.10 53.59
C GLU A 541 -11.79 -23.50 54.14
N GLU A 542 -12.69 -23.56 55.13
CA GLU A 542 -13.08 -24.82 55.76
C GLU A 542 -13.86 -25.61 54.69
N TYR A 543 -14.77 -24.88 54.06
CA TYR A 543 -15.66 -25.29 53.00
C TYR A 543 -14.83 -25.73 51.74
N LEU A 544 -13.83 -24.93 51.38
CA LEU A 544 -12.98 -25.20 50.23
C LEU A 544 -12.02 -26.40 50.48
N GLU A 545 -11.62 -26.65 51.74
CA GLU A 545 -10.74 -27.79 52.05
C GLU A 545 -11.44 -29.15 51.86
N THR A 546 -12.75 -29.19 52.12
CA THR A 546 -13.57 -30.40 51.98
C THR A 546 -13.67 -30.92 50.53
N ARG A 547 -13.94 -30.03 49.58
CA ARG A 547 -14.02 -30.37 48.16
C ARG A 547 -12.59 -30.70 47.60
N LEU A 548 -11.56 -30.10 48.19
CA LEU A 548 -10.19 -30.37 47.74
C LEU A 548 -9.69 -31.73 48.29
N GLN A 549 -10.26 -32.15 49.43
CA GLN A 549 -9.98 -33.47 50.02
C GLN A 549 -10.39 -34.50 48.97
N SER A 550 -11.65 -34.39 48.56
CA SER A 550 -12.24 -35.24 47.55
C SER A 550 -11.33 -35.44 46.36
N LEU A 551 -10.80 -34.35 45.83
CA LEU A 551 -10.02 -34.57 44.64
C LEU A 551 -8.59 -35.03 44.82
N GLY A 552 -8.08 -34.90 46.03
CA GLY A 552 -6.71 -35.31 46.23
C GLY A 552 -5.77 -34.16 46.51
N LEU A 553 -6.32 -33.03 46.96
CA LEU A 553 -5.55 -31.85 47.33
C LEU A 553 -6.18 -31.05 48.48
N ASP A 554 -5.46 -30.00 48.89
CA ASP A 554 -5.83 -29.08 49.96
C ASP A 554 -5.73 -27.61 49.47
N LEU A 555 -6.13 -26.66 50.32
CA LEU A 555 -6.17 -25.25 49.96
C LEU A 555 -4.87 -24.62 49.46
N GLU A 556 -3.79 -24.85 50.20
CA GLU A 556 -2.54 -24.30 49.78
C GLU A 556 -2.10 -24.80 48.37
N THR A 557 -2.37 -26.06 48.00
CA THR A 557 -1.96 -26.58 46.68
C THR A 557 -2.87 -26.05 45.58
N MET A 558 -4.14 -25.86 45.91
CA MET A 558 -5.04 -25.31 44.92
C MET A 558 -4.56 -23.88 44.58
N LYS A 559 -4.10 -23.11 45.58
CA LYS A 559 -3.63 -21.74 45.36
C LYS A 559 -2.38 -21.76 44.47
N GLY A 560 -1.63 -22.85 44.58
CA GLY A 560 -0.44 -23.06 43.77
C GLY A 560 -0.68 -23.15 42.26
N MET A 561 -1.69 -23.91 41.80
CA MET A 561 -2.05 -24.10 40.36
C MET A 561 -3.48 -23.58 40.02
N GLY A 562 -3.72 -22.32 40.40
CA GLY A 562 -4.99 -21.62 40.24
C GLY A 562 -6.20 -22.31 39.62
N THR A 563 -5.93 -23.07 38.58
CA THR A 563 -6.87 -23.87 37.78
C THR A 563 -6.53 -25.38 37.81
N LEU A 564 -7.55 -26.23 37.70
CA LEU A 564 -7.35 -27.67 37.64
C LEU A 564 -8.12 -28.29 36.43
N VAL A 565 -7.39 -28.92 35.51
CA VAL A 565 -7.91 -29.59 34.31
C VAL A 565 -7.94 -31.10 34.59
N GLN A 566 -9.10 -31.66 34.22
CA GLN A 566 -9.43 -33.05 34.38
C GLN A 566 -9.66 -33.75 33.07
N ARG A 567 -9.74 -35.07 33.10
CA ARG A 567 -9.97 -35.71 31.85
C ARG A 567 -11.42 -35.95 31.52
N GLY A 568 -11.76 -35.64 30.28
CA GLY A 568 -13.10 -35.80 29.77
C GLY A 568 -13.14 -36.23 28.33
N LYS A 569 -14.21 -35.85 27.66
CA LYS A 569 -14.39 -36.19 26.26
C LYS A 569 -15.00 -35.15 25.35
N PRO A 570 -14.60 -35.15 24.02
CA PRO A 570 -15.12 -34.21 23.01
C PRO A 570 -15.68 -34.63 21.62
N TRP A 571 -15.53 -35.80 21.14
CA TRP A 571 -15.94 -36.16 19.85
C TRP A 571 -17.19 -37.07 20.08
N LEU A 572 -17.48 -37.91 19.10
CA LEU A 572 -18.48 -38.98 19.22
C LEU A 572 -17.75 -40.35 19.39
N GLU A 573 -16.59 -40.54 18.74
CA GLU A 573 -15.86 -41.80 18.88
C GLU A 573 -15.61 -42.28 20.31
N ASP A 574 -15.11 -41.37 21.14
CA ASP A 574 -14.76 -41.62 22.56
C ASP A 574 -16.00 -42.14 23.31
N TRP A 575 -17.17 -41.66 22.90
CA TRP A 575 -18.47 -42.03 23.47
C TRP A 575 -18.93 -43.36 22.96
N GLU A 576 -18.87 -43.43 21.64
CA GLU A 576 -19.24 -44.55 20.82
C GLU A 576 -18.54 -45.87 21.03
N LYS A 577 -17.22 -45.80 21.18
CA LYS A 577 -16.42 -47.00 21.37
C LYS A 577 -16.78 -47.67 22.74
N GLU A 578 -17.17 -46.82 23.70
CA GLU A 578 -17.61 -47.24 25.04
C GLU A 578 -19.02 -47.83 24.97
N GLY A 579 -19.61 -47.80 23.79
CA GLY A 579 -20.96 -48.32 23.63
C GLY A 579 -22.08 -47.41 24.13
N ARG A 580 -21.81 -46.11 24.22
CA ARG A 580 -22.81 -45.13 24.66
C ARG A 580 -22.94 -43.97 23.63
N LEU A 581 -23.89 -43.05 23.85
CA LEU A 581 -24.14 -41.82 23.01
C LEU A 581 -24.56 -40.74 24.11
N PRO A 582 -24.47 -39.40 23.86
CA PRO A 582 -24.89 -38.48 24.96
C PRO A 582 -26.36 -38.04 25.37
N PHE A 583 -26.90 -37.19 24.48
CA PHE A 583 -28.33 -36.61 24.39
C PHE A 583 -29.12 -36.19 25.57
N GLY A 584 -30.32 -36.65 25.46
CA GLY A 584 -31.61 -36.71 26.11
C GLY A 584 -32.41 -38.08 26.16
N THR A 585 -32.65 -38.59 24.98
CA THR A 585 -33.36 -39.83 24.85
C THR A 585 -32.83 -40.93 23.89
N ALA A 586 -31.57 -40.87 23.47
CA ALA A 586 -31.05 -41.97 22.65
C ALA A 586 -30.97 -41.82 21.13
N SER A 587 -30.96 -40.59 20.68
CA SER A 587 -30.90 -40.32 19.26
C SER A 587 -31.45 -38.91 19.19
N GLY A 588 -30.67 -37.99 18.67
CA GLY A 588 -31.12 -36.62 18.58
C GLY A 588 -32.39 -36.62 17.77
N LYS A 589 -33.47 -36.05 18.31
CA LYS A 589 -34.72 -35.98 17.57
C LYS A 589 -34.71 -34.66 16.77
N ILE A 590 -34.43 -34.78 15.48
CA ILE A 590 -34.32 -33.68 14.52
C ILE A 590 -35.54 -32.74 14.43
N GLU A 591 -36.78 -33.18 14.24
CA GLU A 591 -37.84 -32.16 14.29
C GLU A 591 -37.71 -31.61 15.76
N LEU A 592 -37.46 -32.52 16.71
CA LEU A 592 -37.11 -32.26 18.12
C LEU A 592 -37.94 -32.19 19.45
N TYR A 593 -39.08 -32.87 19.54
CA TYR A 593 -39.79 -32.95 20.82
C TYR A 593 -41.27 -33.36 20.85
N CYS A 594 -41.47 -34.68 20.99
CA CYS A 594 -42.80 -35.30 20.99
C CYS A 594 -43.85 -34.74 21.98
N GLN A 595 -43.45 -34.25 23.16
CA GLN A 595 -44.40 -33.74 24.18
C GLN A 595 -44.88 -32.29 24.15
N ARG A 596 -44.44 -31.54 23.15
CA ARG A 596 -44.82 -30.13 22.98
C ARG A 596 -45.94 -30.19 21.94
N PHE A 597 -45.64 -30.95 20.88
CA PHE A 597 -46.45 -31.34 19.73
C PHE A 597 -47.87 -31.54 20.31
N LYS A 598 -47.92 -32.65 21.06
CA LYS A 598 -49.05 -33.20 21.80
C LYS A 598 -49.91 -32.11 22.44
N GLU A 599 -49.42 -31.47 23.49
CA GLU A 599 -50.25 -30.47 24.14
C GLU A 599 -50.02 -28.97 23.81
N ALA A 600 -48.94 -28.57 23.16
CA ALA A 600 -48.79 -27.14 22.85
C ALA A 600 -49.26 -26.72 21.46
N GLY A 601 -49.22 -27.61 20.48
CA GLY A 601 -49.56 -27.02 19.17
C GLY A 601 -48.67 -27.26 18.08
N HIS A 602 -47.55 -26.61 18.11
CA HIS A 602 -46.67 -26.94 16.97
C HIS A 602 -45.36 -27.53 17.45
N GLN A 603 -44.84 -28.40 16.58
CA GLN A 603 -43.54 -29.04 16.81
C GLN A 603 -42.51 -28.22 16.00
N PRO A 604 -42.62 -28.14 14.62
CA PRO A 604 -41.67 -27.35 13.83
C PRO A 604 -41.80 -25.83 13.90
N LEU A 605 -40.67 -25.19 13.57
CA LEU A 605 -40.32 -23.77 13.52
C LEU A 605 -40.82 -22.97 12.33
N PRO A 606 -42.08 -23.16 11.98
CA PRO A 606 -42.71 -22.48 10.88
C PRO A 606 -42.81 -21.01 11.27
N VAL A 607 -42.78 -20.70 12.58
CA VAL A 607 -42.90 -19.29 12.92
C VAL A 607 -41.77 -18.45 12.40
N PHE A 608 -41.74 -18.32 11.08
CA PHE A 608 -40.77 -17.41 10.56
C PHE A 608 -41.49 -16.05 10.98
N THR A 609 -42.81 -16.17 11.21
CA THR A 609 -43.89 -15.19 11.52
C THR A 609 -43.52 -13.74 11.19
N PRO A 610 -43.78 -13.29 9.92
CA PRO A 610 -43.42 -11.92 9.54
C PRO A 610 -43.49 -11.02 10.77
N PRO A 611 -42.43 -10.22 11.01
CA PRO A 611 -42.38 -9.31 12.16
C PRO A 611 -43.14 -8.00 11.98
N GLU A 612 -43.72 -7.51 13.08
CA GLU A 612 -44.43 -6.24 13.03
C GLU A 612 -43.36 -5.23 12.63
N GLU A 613 -43.74 -4.31 11.74
CA GLU A 613 -42.80 -3.33 11.22
C GLU A 613 -42.83 -1.95 11.89
N PRO A 614 -41.71 -1.22 11.80
CA PRO A 614 -41.69 0.12 12.43
C PRO A 614 -42.66 1.08 11.77
N PRO A 615 -43.34 1.93 12.57
CA PRO A 615 -44.25 2.85 11.89
C PRO A 615 -43.35 3.87 11.16
N GLU A 616 -43.88 4.48 10.12
CA GLU A 616 -43.14 5.48 9.38
C GLU A 616 -42.81 6.67 10.33
N GLY A 617 -41.56 7.12 10.25
CA GLY A 617 -40.97 8.15 11.10
C GLY A 617 -40.16 7.50 12.22
N PHE A 618 -40.25 6.18 12.32
CA PHE A 618 -39.58 5.40 13.37
C PHE A 618 -38.53 4.40 12.85
N TYR A 619 -37.74 3.86 13.78
CA TYR A 619 -36.71 2.86 13.43
C TYR A 619 -36.71 1.74 14.44
N ARG A 620 -36.31 0.54 14.03
CA ARG A 620 -36.22 -0.53 15.01
C ARG A 620 -34.96 -0.20 15.84
N LEU A 621 -35.06 -0.38 17.16
CA LEU A 621 -34.00 -0.10 18.11
C LEU A 621 -33.15 -1.36 18.28
N LEU A 622 -31.93 -1.39 17.73
CA LEU A 622 -31.07 -2.54 17.87
C LEU A 622 -30.08 -2.14 18.98
N TYR A 623 -29.39 -3.11 19.59
CA TYR A 623 -28.51 -2.74 20.68
C TYR A 623 -27.44 -3.81 20.83
N GLY A 624 -26.39 -3.51 21.58
CA GLY A 624 -25.34 -4.48 21.71
C GLY A 624 -24.26 -4.06 22.65
N ARG A 625 -23.07 -4.60 22.44
CA ARG A 625 -21.94 -4.35 23.31
C ARG A 625 -20.87 -3.42 22.80
N SER A 626 -20.23 -2.71 23.76
CA SER A 626 -19.09 -1.82 23.51
C SER A 626 -17.91 -2.74 23.95
N PRO A 627 -16.85 -2.88 23.10
CA PRO A 627 -15.74 -3.77 23.52
C PRO A 627 -15.06 -3.59 24.88
N VAL A 628 -15.34 -2.43 25.44
CA VAL A 628 -14.74 -1.88 26.66
C VAL A 628 -15.62 -1.71 27.91
N HIS A 629 -16.93 -1.89 27.73
CA HIS A 629 -17.85 -1.76 28.84
C HIS A 629 -18.64 -3.05 29.04
N THR A 630 -18.87 -3.43 30.29
CA THR A 630 -19.66 -4.61 30.54
C THR A 630 -21.13 -4.10 30.83
N PHE A 631 -22.15 -4.70 30.22
CA PHE A 631 -23.57 -4.29 30.47
C PHE A 631 -23.86 -2.85 30.86
N ALA A 632 -23.96 -2.63 32.17
CA ALA A 632 -24.17 -1.30 32.75
C ALA A 632 -23.09 -0.94 33.80
N ARG A 633 -22.63 -1.88 34.60
CA ARG A 633 -21.67 -1.70 35.70
C ARG A 633 -20.28 -1.14 35.51
N THR A 634 -19.97 -0.63 34.33
CA THR A 634 -18.59 -0.22 34.06
C THR A 634 -18.50 1.24 33.66
N GLN A 635 -19.68 1.84 33.70
CA GLN A 635 -19.97 3.22 33.36
C GLN A 635 -19.47 4.21 34.40
N ASN A 636 -18.98 3.73 35.55
CA ASN A 636 -18.44 4.64 36.54
C ASN A 636 -16.94 4.41 36.67
N ASN A 637 -16.46 3.46 35.88
CA ASN A 637 -15.05 3.09 35.87
C ASN A 637 -14.27 4.15 35.04
N TRP A 638 -13.42 4.92 35.69
CA TRP A 638 -12.70 5.95 34.94
C TRP A 638 -11.73 5.44 33.87
N VAL A 639 -11.10 4.29 34.09
CA VAL A 639 -10.18 3.75 33.08
C VAL A 639 -10.96 3.34 31.81
N LEU A 640 -12.17 2.85 32.02
CA LEU A 640 -13.00 2.39 30.93
C LEU A 640 -13.91 3.46 30.32
N MET A 641 -14.36 4.40 31.14
CA MET A 641 -15.19 5.47 30.61
C MET A 641 -14.31 6.43 29.75
N GLU A 642 -13.03 6.46 30.07
CA GLU A 642 -12.07 7.31 29.37
C GLU A 642 -11.74 6.75 27.98
N MET A 643 -12.04 5.46 27.79
CA MET A 643 -11.88 4.82 26.50
C MET A 643 -13.21 4.98 25.73
N ASP A 644 -14.34 5.05 26.44
CA ASP A 644 -15.68 5.14 25.82
C ASP A 644 -16.65 5.73 26.83
N PRO A 645 -16.75 7.09 26.84
CA PRO A 645 -17.55 7.98 27.68
C PRO A 645 -19.02 8.14 27.32
N GLU A 646 -19.40 7.62 26.17
CA GLU A 646 -20.81 7.72 25.78
C GLU A 646 -21.13 6.81 24.60
N ASN A 647 -22.41 6.51 24.43
CA ASN A 647 -22.79 5.77 23.31
C ASN A 647 -23.17 6.74 22.24
N GLU A 648 -23.42 6.14 21.09
CA GLU A 648 -23.56 6.89 19.88
C GLU A 648 -24.69 6.13 19.04
N VAL A 649 -25.73 6.83 18.53
CA VAL A 649 -26.84 6.19 17.73
C VAL A 649 -26.41 6.02 16.28
N TRP A 650 -26.49 4.79 15.78
CA TRP A 650 -26.13 4.49 14.39
C TRP A 650 -27.37 4.62 13.47
N ILE A 651 -27.31 5.56 12.52
CA ILE A 651 -28.39 5.73 11.55
C ILE A 651 -27.72 5.75 10.20
N HIS A 652 -28.45 5.25 9.21
CA HIS A 652 -27.91 5.27 7.89
C HIS A 652 -27.66 6.71 7.45
N LYS A 653 -26.54 6.92 6.75
CA LYS A 653 -26.10 8.22 6.23
C LYS A 653 -27.17 9.05 5.50
N GLU A 654 -27.98 8.38 4.70
CA GLU A 654 -29.05 9.00 3.93
C GLU A 654 -30.28 9.36 4.79
N GLU A 655 -30.47 8.67 5.91
CA GLU A 655 -31.59 9.05 6.78
C GLU A 655 -31.16 10.26 7.59
N ALA A 656 -29.98 10.23 8.19
CA ALA A 656 -29.57 11.39 8.96
C ALA A 656 -29.58 12.64 8.07
N LYS A 657 -29.42 12.44 6.77
CA LYS A 657 -29.40 13.58 5.86
C LYS A 657 -30.80 14.15 5.59
N ARG A 658 -31.80 13.28 5.41
CA ARG A 658 -33.18 13.75 5.20
C ARG A 658 -33.61 14.40 6.51
N LEU A 659 -33.34 13.73 7.63
CA LEU A 659 -33.60 14.35 8.94
C LEU A 659 -32.55 15.49 8.76
N GLY A 660 -32.33 16.41 9.70
CA GLY A 660 -31.31 17.40 9.38
C GLY A 660 -30.17 17.21 10.36
N LEU A 661 -29.63 15.99 10.38
CA LEU A 661 -28.61 15.62 11.36
C LEU A 661 -27.20 15.42 10.86
N LYS A 662 -26.20 15.95 11.55
CA LYS A 662 -24.86 15.69 11.10
C LYS A 662 -23.95 15.09 12.14
N GLU A 663 -22.69 14.96 11.79
CA GLU A 663 -21.71 14.35 12.64
C GLU A 663 -21.67 14.61 14.14
N GLY A 664 -21.61 15.85 14.55
CA GLY A 664 -21.55 16.08 15.99
C GLY A 664 -22.85 16.39 16.69
N ASP A 665 -23.98 16.18 16.01
CA ASP A 665 -25.27 16.46 16.65
C ASP A 665 -25.68 15.50 17.73
N TYR A 666 -26.63 15.95 18.53
CA TYR A 666 -27.19 15.15 19.60
C TYR A 666 -28.64 15.00 19.29
N VAL A 667 -29.25 14.03 19.94
CA VAL A 667 -30.64 13.73 19.64
C VAL A 667 -31.29 13.05 20.84
N MET A 668 -32.62 13.16 20.93
CA MET A 668 -33.34 12.40 21.97
C MET A 668 -33.96 11.24 21.20
N LEU A 669 -34.01 10.08 21.84
CA LEU A 669 -34.69 8.92 21.22
C LEU A 669 -36.06 8.82 21.92
N VAL A 670 -37.12 8.82 21.12
CA VAL A 670 -38.47 8.72 21.68
C VAL A 670 -39.09 7.41 21.16
N ASN A 671 -39.61 6.58 22.04
CA ASN A 671 -40.19 5.33 21.55
C ASN A 671 -41.67 5.45 21.21
N GLN A 672 -42.24 4.39 20.63
CA GLN A 672 -43.64 4.38 20.23
C GLN A 672 -44.59 4.76 21.39
N ASP A 673 -44.12 4.61 22.63
CA ASP A 673 -44.91 4.97 23.81
C ASP A 673 -44.57 6.33 24.44
N GLY A 674 -43.86 7.19 23.72
CA GLY A 674 -43.49 8.49 24.25
C GLY A 674 -42.30 8.63 25.19
N VAL A 675 -41.69 7.53 25.63
CA VAL A 675 -40.54 7.66 26.52
C VAL A 675 -39.33 8.21 25.73
N LYS A 676 -38.70 9.24 26.30
CA LYS A 676 -37.53 9.94 25.76
C LYS A 676 -36.26 9.47 26.48
N GLU A 677 -35.18 9.28 25.74
CA GLU A 677 -33.94 8.90 26.40
C GLU A 677 -32.78 9.89 26.17
N GLY A 678 -32.40 10.53 27.31
CA GLY A 678 -31.34 11.55 27.43
C GLY A 678 -30.59 11.79 26.15
N PRO A 679 -30.00 13.00 25.89
CA PRO A 679 -29.27 13.23 24.63
C PRO A 679 -28.09 12.30 24.27
N VAL A 680 -28.15 11.73 23.06
CA VAL A 680 -27.13 10.81 22.50
C VAL A 680 -26.50 11.36 21.24
N ARG A 681 -25.24 11.05 21.04
CA ARG A 681 -24.58 11.52 19.86
C ARG A 681 -25.05 10.73 18.64
N VAL A 682 -25.21 11.45 17.54
CA VAL A 682 -25.67 10.86 16.28
C VAL A 682 -24.46 10.34 15.48
N LYS A 683 -24.60 9.17 14.85
CA LYS A 683 -23.53 8.53 14.11
C LYS A 683 -23.95 8.09 12.72
N PRO A 684 -23.99 9.08 11.82
CA PRO A 684 -24.33 9.09 10.42
C PRO A 684 -23.42 8.27 9.53
N THR A 685 -22.67 7.32 10.03
CA THR A 685 -21.88 6.57 9.09
C THR A 685 -22.52 5.22 8.77
N ALA A 686 -22.68 4.94 7.47
CA ALA A 686 -23.29 3.74 6.97
C ALA A 686 -22.57 2.43 7.22
N ARG A 687 -23.32 1.51 7.82
CA ARG A 687 -22.96 0.15 8.18
C ARG A 687 -24.27 -0.38 8.74
N ILE A 688 -25.38 0.25 8.36
CA ILE A 688 -26.68 -0.19 8.87
C ILE A 688 -27.80 0.04 7.86
N ARG A 689 -28.81 -0.83 7.87
CA ARG A 689 -29.98 -0.69 7.00
C ARG A 689 -30.74 0.60 7.41
N LYS A 690 -31.68 1.06 6.57
CA LYS A 690 -32.46 2.30 6.80
C LYS A 690 -33.67 2.16 7.74
N ASP A 691 -33.97 0.88 8.01
CA ASP A 691 -35.01 0.29 8.88
C ASP A 691 -34.68 0.42 10.34
N CYS A 692 -33.40 0.61 10.58
CA CYS A 692 -32.88 0.53 11.91
C CYS A 692 -32.05 1.63 12.40
N VAL A 693 -31.80 1.48 13.69
CA VAL A 693 -30.99 2.36 14.48
C VAL A 693 -30.39 1.41 15.56
N TYR A 694 -29.18 1.72 16.00
CA TYR A 694 -28.45 0.89 16.96
C TYR A 694 -27.76 1.73 18.05
N ILE A 695 -27.77 1.27 19.30
CA ILE A 695 -27.05 1.94 20.38
C ILE A 695 -26.49 0.85 21.30
N VAL A 696 -25.35 1.10 21.94
CA VAL A 696 -24.78 0.14 22.87
C VAL A 696 -25.59 0.20 24.17
N HIS A 697 -25.93 -0.98 24.71
CA HIS A 697 -26.69 -1.14 25.97
C HIS A 697 -25.89 -0.76 27.21
N GLY A 698 -26.54 -0.17 28.22
CA GLY A 698 -25.84 0.17 29.46
C GLY A 698 -25.50 1.61 29.77
N PHE A 699 -25.94 2.55 28.94
CA PHE A 699 -25.68 3.96 29.24
C PHE A 699 -27.01 4.59 29.68
N GLY A 700 -27.04 5.91 29.90
CA GLY A 700 -28.26 6.54 30.34
C GLY A 700 -28.58 6.38 31.81
N HIS A 701 -27.58 6.25 32.67
CA HIS A 701 -27.84 6.11 34.09
C HIS A 701 -28.45 7.38 34.69
N LYS A 702 -29.42 7.21 35.58
CA LYS A 702 -29.92 8.36 36.36
C LYS A 702 -29.51 7.86 37.76
N ALA A 703 -28.26 8.11 38.13
CA ALA A 703 -27.74 7.69 39.42
C ALA A 703 -26.64 8.69 39.79
N PRO A 704 -27.02 9.84 40.39
CA PRO A 704 -26.10 10.91 40.80
C PRO A 704 -24.90 10.54 41.64
N LEU A 705 -25.03 9.46 42.40
CA LEU A 705 -23.94 9.04 43.26
C LEU A 705 -22.81 8.33 42.52
N MET A 706 -23.12 7.73 41.36
CA MET A 706 -22.05 7.14 40.52
C MET A 706 -21.77 8.43 39.70
N ARG A 707 -20.83 9.25 40.20
CA ARG A 707 -20.52 10.52 39.59
C ARG A 707 -20.03 10.57 38.13
N LEU A 708 -19.31 9.58 37.62
CA LEU A 708 -18.97 9.65 36.19
C LEU A 708 -19.82 8.84 35.24
N ALA A 709 -20.88 8.18 35.70
CA ALA A 709 -21.75 7.44 34.78
C ALA A 709 -23.08 8.18 34.62
N HIS A 710 -23.34 9.02 35.62
CA HIS A 710 -24.55 9.85 35.68
C HIS A 710 -24.71 10.91 34.60
N GLY A 711 -25.80 10.75 33.84
CA GLY A 711 -26.19 11.64 32.75
C GLY A 711 -25.61 11.45 31.36
N ARG A 712 -24.95 10.32 31.13
CA ARG A 712 -24.27 10.06 29.85
C ARG A 712 -24.90 9.00 28.93
N GLY A 713 -25.12 9.38 27.67
CA GLY A 713 -25.73 8.51 26.68
C GLY A 713 -27.22 8.25 26.85
N ALA A 714 -27.77 7.37 26.03
CA ALA A 714 -29.18 6.99 26.08
C ALA A 714 -29.28 5.54 26.58
N SER A 715 -30.29 5.24 27.39
CA SER A 715 -30.48 3.89 27.90
C SER A 715 -31.38 3.10 26.95
N ASP A 716 -30.94 1.95 26.44
CA ASP A 716 -31.80 1.16 25.55
C ASP A 716 -33.01 0.58 26.33
N ASN A 717 -32.74 0.12 27.56
CA ASN A 717 -33.74 -0.46 28.45
C ASN A 717 -34.87 0.51 28.83
N TYR A 718 -34.55 1.78 29.03
CA TYR A 718 -35.60 2.74 29.34
C TYR A 718 -36.48 2.96 28.12
N LEU A 719 -36.02 2.54 26.96
CA LEU A 719 -36.80 2.72 25.76
C LEU A 719 -37.56 1.45 25.40
N GLN A 720 -37.14 0.36 26.03
CA GLN A 720 -37.75 -0.94 25.79
C GLN A 720 -38.91 -1.09 26.78
N THR A 721 -39.98 -0.43 26.40
CA THR A 721 -41.18 -0.37 27.17
C THR A 721 -42.03 -1.65 27.08
N ARG A 722 -42.05 -2.21 25.88
CA ARG A 722 -42.79 -3.43 25.56
C ARG A 722 -41.83 -4.59 25.19
N TYR A 723 -42.34 -5.82 25.16
CA TYR A 723 -41.56 -6.99 24.74
C TYR A 723 -42.50 -8.12 24.31
N LYS A 724 -42.08 -8.95 23.36
CA LYS A 724 -42.92 -10.09 22.94
C LYS A 724 -42.42 -11.37 23.65
N LEU A 725 -43.25 -11.86 24.58
CA LEU A 725 -42.98 -13.07 25.35
C LEU A 725 -42.80 -14.29 24.45
N ASP A 726 -41.68 -15.00 24.57
CA ASP A 726 -41.51 -16.23 23.81
C ASP A 726 -42.42 -17.21 24.56
N PRO A 727 -43.43 -17.78 23.88
CA PRO A 727 -44.36 -18.74 24.51
C PRO A 727 -43.76 -20.14 24.80
N ILE A 728 -42.53 -20.38 24.31
CA ILE A 728 -41.80 -21.66 24.45
C ILE A 728 -40.68 -21.68 25.51
N SER A 729 -39.82 -20.65 25.48
CA SER A 729 -38.62 -20.42 26.34
C SER A 729 -38.74 -19.14 27.18
N GLY A 730 -39.69 -19.00 28.09
CA GLY A 730 -39.78 -17.75 28.83
C GLY A 730 -39.15 -16.38 28.39
N GLY A 731 -38.39 -16.31 27.30
CA GLY A 731 -37.73 -15.07 26.88
C GLY A 731 -38.52 -13.82 26.48
N ALA A 732 -38.05 -12.63 26.90
CA ALA A 732 -38.75 -11.41 26.54
C ALA A 732 -38.13 -10.76 25.31
N GLY A 733 -38.72 -10.98 24.12
CA GLY A 733 -38.21 -10.37 22.90
C GLY A 733 -38.05 -8.87 22.97
N LEU A 734 -36.82 -8.37 22.95
CA LEU A 734 -36.59 -6.93 23.07
C LEU A 734 -36.59 -6.04 21.80
N ARG A 735 -36.22 -6.63 20.66
CA ARG A 735 -36.10 -5.93 19.36
C ARG A 735 -37.41 -5.64 18.66
N VAL A 736 -38.40 -5.44 19.48
CA VAL A 736 -39.77 -5.24 19.09
C VAL A 736 -40.15 -3.76 19.35
N ASN A 737 -39.18 -2.98 19.86
CA ASN A 737 -39.39 -1.58 20.14
C ASN A 737 -38.92 -0.72 18.98
N PHE A 738 -39.65 0.37 18.75
CA PHE A 738 -39.37 1.30 17.69
C PHE A 738 -39.08 2.64 18.33
N VAL A 739 -38.19 3.38 17.71
CA VAL A 739 -37.75 4.63 18.25
C VAL A 739 -37.61 5.67 17.13
N ARG A 740 -37.83 6.94 17.43
CA ARG A 740 -37.66 8.02 16.44
C ARG A 740 -36.71 9.06 17.05
N LEU A 741 -36.04 9.82 16.20
CA LEU A 741 -35.06 10.81 16.67
C LEU A 741 -35.52 12.26 16.57
N GLU A 742 -35.31 13.00 17.64
CA GLU A 742 -35.72 14.39 17.79
C GLU A 742 -34.47 15.20 18.10
N LYS A 743 -34.16 16.20 17.28
CA LYS A 743 -33.00 17.06 17.48
C LYS A 743 -32.92 17.61 18.91
N ALA A 744 -31.75 17.54 19.52
CA ALA A 744 -31.55 18.00 20.88
C ALA A 744 -30.27 18.80 20.98
N GLU A 745 -30.05 19.46 22.12
CA GLU A 745 -28.84 20.26 22.36
C GLU A 745 -27.70 19.37 22.84
N ARG A 746 -26.47 19.76 22.53
CA ARG A 746 -25.30 19.04 23.05
C ARG A 746 -25.46 19.10 24.60
N PRO A 747 -25.11 18.01 25.32
CA PRO A 747 -25.27 18.06 26.79
C PRO A 747 -24.13 18.78 27.51
N ARG A 748 -24.42 19.37 28.67
CA ARG A 748 -23.39 20.05 29.44
C ARG A 748 -23.19 19.14 30.64
N LEU A 749 -22.01 18.56 30.71
CA LEU A 749 -21.70 17.57 31.73
C LEU A 749 -20.41 17.88 32.43
N PRO A 750 -20.16 17.25 33.59
CA PRO A 750 -18.90 17.56 34.23
C PRO A 750 -17.72 17.01 33.43
N SER A 751 -16.52 17.43 33.81
CA SER A 751 -15.35 16.92 33.15
C SER A 751 -15.03 15.54 33.71
N LEU A 752 -14.90 14.55 32.85
CA LEU A 752 -14.56 13.19 33.25
C LEU A 752 -13.16 13.05 33.86
N THR A 753 -12.20 13.81 33.34
CA THR A 753 -10.82 13.75 33.85
C THR A 753 -10.80 14.32 35.28
N GLY A 754 -11.54 15.42 35.49
CA GLY A 754 -11.65 16.02 36.80
C GLY A 754 -12.14 14.97 37.80
N LEU A 755 -13.28 14.35 37.50
CA LEU A 755 -13.82 13.28 38.35
C LEU A 755 -12.84 12.08 38.45
N ALA A 756 -12.33 11.59 37.32
CA ALA A 756 -11.38 10.46 37.34
C ALA A 756 -10.17 10.75 38.24
N LYS A 757 -9.84 12.02 38.43
CA LYS A 757 -8.68 12.35 39.25
C LYS A 757 -8.89 12.37 40.75
N ARG A 758 -10.12 12.23 41.22
CA ARG A 758 -10.39 12.19 42.65
C ARG A 758 -9.54 11.04 43.19
N PRO A 759 -8.70 11.30 44.22
CA PRO A 759 -7.84 10.26 44.81
C PRO A 759 -8.60 9.16 45.54
N PHE A 760 -8.10 7.92 45.55
CA PHE A 760 -8.80 6.89 46.29
C PHE A 760 -8.23 6.77 47.69
N ASP A 761 -9.11 6.99 48.65
CA ASP A 761 -8.73 6.95 50.04
C ASP A 761 -9.47 5.87 50.81
N GLU A 762 -8.71 4.88 51.25
CA GLU A 762 -9.27 3.78 52.01
C GLU A 762 -9.55 4.23 53.46
N ARG A 763 -9.57 5.56 53.65
CA ARG A 763 -9.82 6.24 54.94
C ARG A 763 -8.98 5.79 56.12
N ARG A 764 -9.57 5.48 57.19
N MET B 1 22.64 -3.29 20.27
CA MET B 1 22.70 -4.10 19.00
C MET B 1 21.32 -4.49 18.38
N PRO B 2 20.28 -4.79 19.19
CA PRO B 2 19.12 -5.07 18.33
C PRO B 2 18.63 -3.71 17.77
N ARG B 3 17.64 -3.76 16.88
CA ARG B 3 16.94 -2.57 16.39
C ARG B 3 15.48 -2.94 16.74
N TYR B 4 14.94 -2.43 17.84
CA TYR B 4 13.57 -2.75 18.28
C TYR B 4 12.37 -2.23 17.47
N ALA B 5 11.40 -3.11 17.23
CA ALA B 5 10.19 -2.80 16.45
C ALA B 5 8.92 -3.54 16.89
N MET B 6 7.81 -3.07 16.34
CA MET B 6 6.51 -3.63 16.64
C MET B 6 5.71 -3.76 15.38
N ALA B 7 5.03 -4.89 15.25
CA ALA B 7 4.21 -5.13 14.08
C ALA B 7 2.81 -5.48 14.54
N ILE B 8 1.85 -4.84 13.89
CA ILE B 8 0.45 -5.07 14.17
C ILE B 8 -0.23 -5.48 12.89
N ASP B 9 -0.93 -6.61 12.97
CA ASP B 9 -1.68 -7.17 11.86
C ASP B 9 -3.06 -6.50 11.95
N LEU B 10 -3.44 -5.77 10.91
CA LEU B 10 -4.73 -5.08 10.92
C LEU B 10 -5.82 -5.93 10.39
N SER B 11 -5.44 -7.08 9.87
CA SER B 11 -6.40 -7.97 9.30
C SER B 11 -7.04 -8.75 10.45
N LEU B 12 -6.34 -8.78 11.58
CA LEU B 12 -6.78 -9.46 12.78
C LEU B 12 -7.28 -8.50 13.88
N CYS B 13 -6.79 -7.26 13.88
CA CYS B 13 -7.20 -6.28 14.90
C CYS B 13 -8.71 -5.98 14.89
N VAL B 14 -9.35 -6.03 16.06
CA VAL B 14 -10.78 -5.78 16.09
C VAL B 14 -11.17 -4.54 16.89
N GLY B 15 -10.14 -3.80 17.30
CA GLY B 15 -10.30 -2.56 18.03
C GLY B 15 -10.98 -2.59 19.39
N CYS B 16 -10.75 -3.67 20.15
CA CYS B 16 -11.26 -3.90 21.52
C CYS B 16 -10.11 -3.21 22.26
N ALA B 17 -10.22 -2.01 22.77
CA ALA B 17 -8.94 -1.50 23.30
C ALA B 17 -8.18 -2.28 24.40
N ALA B 18 -7.98 -3.60 24.27
CA ALA B 18 -7.33 -4.34 25.37
C ALA B 18 -5.93 -3.87 25.72
N CYS B 19 -5.15 -3.69 24.64
CA CYS B 19 -3.78 -3.21 24.68
C CYS B 19 -3.76 -1.81 25.30
N ALA B 20 -4.72 -0.96 24.90
CA ALA B 20 -4.79 0.40 25.42
C ALA B 20 -5.06 0.45 26.93
N VAL B 21 -5.91 -0.44 27.41
CA VAL B 21 -6.20 -0.52 28.84
C VAL B 21 -5.06 -1.19 29.63
N ALA B 22 -4.48 -2.24 29.06
CA ALA B 22 -3.34 -2.93 29.69
C ALA B 22 -2.18 -1.93 29.91
N CYS B 23 -1.87 -1.10 28.90
CA CYS B 23 -0.81 -0.08 29.03
C CYS B 23 -1.21 0.93 30.14
N LYS B 24 -2.42 1.48 30.07
CA LYS B 24 -2.94 2.40 31.13
C LYS B 24 -2.67 1.87 32.52
N MET B 25 -2.88 0.55 32.69
CA MET B 25 -2.70 -0.14 33.97
C MET B 25 -1.25 -0.43 34.29
N GLU B 26 -0.56 -1.10 33.38
CA GLU B 26 0.84 -1.39 33.59
C GLU B 26 1.70 -0.13 33.86
N ASN B 27 1.46 0.95 33.10
CA ASN B 27 2.26 2.17 33.23
C ASN B 27 1.74 3.33 34.07
N GLU B 28 0.58 3.10 34.69
CA GLU B 28 -0.03 4.10 35.56
C GLU B 28 -0.30 5.49 34.91
N VAL B 29 -0.48 5.49 33.59
CA VAL B 29 -0.75 6.69 32.78
C VAL B 29 -1.97 7.41 33.40
N PRO B 30 -1.76 8.65 33.87
CA PRO B 30 -2.86 9.39 34.49
C PRO B 30 -4.10 9.58 33.62
N PRO B 31 -5.22 9.97 34.24
CA PRO B 31 -6.47 10.16 33.50
C PRO B 31 -6.51 10.92 32.15
N GLY B 32 -6.26 12.20 32.04
CA GLY B 32 -6.50 12.73 30.70
C GLY B 32 -5.62 12.48 29.48
N VAL B 33 -4.66 11.57 29.62
CA VAL B 33 -3.69 11.29 28.58
C VAL B 33 -3.55 9.81 28.29
N PHE B 34 -2.91 9.49 27.16
CA PHE B 34 -2.78 8.13 26.66
C PHE B 34 -1.52 7.84 25.86
N ASN B 35 -0.80 6.76 26.16
CA ASN B 35 0.37 6.38 25.33
C ASN B 35 -0.13 5.62 24.10
N LEU B 36 -1.32 5.04 24.19
CA LEU B 36 -1.94 4.15 23.17
C LEU B 36 -3.45 4.38 23.08
N TRP B 37 -3.98 4.47 21.86
CA TRP B 37 -5.41 4.66 21.61
C TRP B 37 -5.70 3.91 20.33
N ILE B 38 -6.98 3.72 20.04
CA ILE B 38 -7.40 3.01 18.84
C ILE B 38 -8.23 3.95 17.99
N ARG B 39 -7.95 4.01 16.70
CA ARG B 39 -8.74 4.82 15.80
C ARG B 39 -9.58 3.83 14.94
N GLU B 40 -10.83 4.15 14.64
CA GLU B 40 -11.67 3.26 13.83
C GLU B 40 -12.32 4.10 12.76
N ARG B 41 -12.15 3.68 11.51
CA ARG B 41 -12.68 4.40 10.38
C ARG B 41 -13.34 3.50 9.34
N GLU B 42 -14.49 3.90 8.82
CA GLU B 42 -15.11 3.11 7.80
C GLU B 42 -14.83 3.80 6.50
N VAL B 43 -14.76 2.97 5.47
CA VAL B 43 -14.49 3.36 4.12
C VAL B 43 -15.50 2.75 3.15
N GLY B 44 -16.31 3.60 2.53
CA GLY B 44 -17.21 3.09 1.53
C GLY B 44 -18.64 2.74 1.81
N GLU B 45 -19.35 2.63 0.69
CA GLU B 45 -20.78 2.27 0.57
C GLU B 45 -21.06 0.77 0.64
N TYR B 46 -22.34 0.39 0.50
CA TYR B 46 -22.83 -1.04 0.50
C TYR B 46 -22.27 -2.40 0.14
N PRO B 47 -21.69 -2.50 -1.06
CA PRO B 47 -21.09 -3.67 -1.68
C PRO B 47 -19.57 -3.77 -1.63
N ASN B 48 -18.98 -2.83 -0.91
CA ASN B 48 -17.53 -2.65 -0.73
C ASN B 48 -17.34 -1.75 0.52
N LEU B 49 -17.65 -2.33 1.68
CA LEU B 49 -17.61 -1.67 2.98
C LEU B 49 -16.46 -2.20 3.82
N VAL B 50 -15.45 -1.36 4.02
CA VAL B 50 -14.30 -1.78 4.78
C VAL B 50 -14.21 -1.00 6.08
N VAL B 51 -13.82 -1.67 7.17
CA VAL B 51 -13.60 -0.96 8.43
C VAL B 51 -12.15 -1.22 8.89
N GLU B 52 -11.43 -0.14 9.18
CA GLU B 52 -10.05 -0.22 9.67
C GLU B 52 -10.01 0.19 11.14
N PHE B 53 -9.47 -0.72 11.95
CA PHE B 53 -9.27 -0.58 13.40
C PHE B 53 -7.75 -0.34 13.51
N ARG B 54 -7.31 0.70 14.18
CA ARG B 54 -5.89 0.98 14.15
C ARG B 54 -5.30 1.48 15.46
N PRO B 55 -4.48 0.65 16.16
CA PRO B 55 -3.95 1.24 17.40
C PRO B 55 -2.83 2.25 17.04
N GLU B 56 -2.76 3.38 17.74
CA GLU B 56 -1.72 4.39 17.51
C GLU B 56 -1.00 4.79 18.77
N GLN B 57 0.34 4.82 18.68
CA GLN B 57 1.19 5.13 19.84
C GLN B 57 2.62 5.41 19.35
N CYS B 58 3.50 5.91 20.21
CA CYS B 58 4.86 6.17 19.76
C CYS B 58 5.28 5.06 18.80
N LEU B 59 5.86 5.45 17.66
CA LEU B 59 6.29 4.49 16.66
C LEU B 59 7.79 4.23 16.81
N HIS B 60 8.38 4.90 17.82
CA HIS B 60 9.83 4.81 18.09
C HIS B 60 10.54 4.96 16.74
N CYS B 61 10.35 6.13 16.15
CA CYS B 61 10.90 6.46 14.85
C CYS B 61 12.42 6.27 14.83
N GLU B 62 12.98 5.79 13.72
CA GLU B 62 14.42 5.59 13.66
C GLU B 62 15.17 6.91 13.47
N ASN B 63 14.47 7.85 12.83
CA ASN B 63 14.97 9.17 12.57
C ASN B 63 13.92 10.08 13.27
N PRO B 64 13.91 10.04 14.61
CA PRO B 64 12.97 10.85 15.41
C PRO B 64 13.11 12.37 15.45
N PRO B 65 12.16 13.12 14.84
CA PRO B 65 12.28 14.58 14.86
C PRO B 65 12.08 15.13 16.25
N CYS B 66 11.63 14.26 17.14
CA CYS B 66 11.33 14.66 18.49
C CYS B 66 12.54 14.73 19.42
N VAL B 67 13.68 14.27 18.93
CA VAL B 67 14.94 14.28 19.69
C VAL B 67 15.79 15.58 19.43
N PRO B 68 16.31 15.83 18.19
CA PRO B 68 17.11 17.06 17.97
C PRO B 68 16.62 18.42 18.46
N VAL B 69 15.33 18.50 18.67
CA VAL B 69 14.64 19.74 18.97
C VAL B 69 14.54 20.09 20.44
N CYS B 70 15.09 19.18 21.22
CA CYS B 70 15.08 19.27 22.67
C CYS B 70 16.29 20.05 23.17
N PRO B 71 16.05 21.12 23.96
CA PRO B 71 17.13 21.98 24.48
C PRO B 71 18.10 21.50 25.56
N THR B 72 17.55 20.75 26.47
CA THR B 72 18.15 20.12 27.61
C THR B 72 18.49 18.84 26.84
N GLY B 73 19.01 17.78 27.42
CA GLY B 73 19.16 16.59 26.59
C GLY B 73 18.17 15.50 27.06
N ALA B 74 17.04 15.87 27.68
CA ALA B 74 16.08 14.89 28.21
C ALA B 74 15.55 13.86 27.19
N SER B 75 15.24 14.34 25.99
CA SER B 75 14.75 13.51 24.88
C SER B 75 15.92 12.78 24.20
N TYR B 76 15.96 11.45 24.26
CA TYR B 76 17.08 10.72 23.63
C TYR B 76 16.72 9.38 23.02
N GLN B 77 17.53 9.00 22.03
CA GLN B 77 17.41 7.75 21.30
C GLN B 77 18.56 6.85 21.72
N THR B 78 18.14 5.68 22.15
CA THR B 78 18.95 4.60 22.64
C THR B 78 19.69 3.86 21.51
N LYS B 79 20.72 3.09 21.85
CA LYS B 79 21.49 2.37 20.86
C LYS B 79 20.75 1.22 20.16
N ASP B 80 19.64 0.78 20.76
CA ASP B 80 18.79 -0.29 20.20
C ASP B 80 17.56 0.20 19.52
N GLY B 81 17.39 1.51 19.47
CA GLY B 81 16.25 2.04 18.79
C GLY B 81 15.06 2.53 19.59
N LEU B 82 15.25 2.71 20.90
CA LEU B 82 14.16 3.22 21.76
C LEU B 82 14.31 4.73 21.94
N VAL B 83 13.17 5.41 21.87
CA VAL B 83 13.10 6.85 22.04
C VAL B 83 12.52 7.04 23.45
N LEU B 84 13.27 7.69 24.33
CA LEU B 84 12.85 7.80 25.72
C LEU B 84 13.04 9.21 26.28
N VAL B 85 12.62 9.45 27.52
CA VAL B 85 12.79 10.77 28.12
C VAL B 85 13.47 10.68 29.49
N ASP B 86 14.54 11.42 29.77
CA ASP B 86 15.15 11.36 31.11
C ASP B 86 14.41 12.50 31.82
N PRO B 87 13.37 12.17 32.61
CA PRO B 87 12.64 13.24 33.28
C PRO B 87 13.43 14.23 34.15
N LYS B 88 14.65 13.84 34.48
CA LYS B 88 15.54 14.66 35.29
C LYS B 88 16.05 15.88 34.59
N LYS B 89 16.00 15.85 33.27
CA LYS B 89 16.45 16.97 32.47
C LYS B 89 15.29 17.68 31.80
N CYS B 90 14.12 17.05 31.81
CA CYS B 90 12.99 17.64 31.16
C CYS B 90 12.45 18.94 31.81
N ILE B 91 12.31 19.99 30.99
CA ILE B 91 11.82 21.30 31.44
C ILE B 91 10.39 21.54 30.98
N ALA B 92 9.79 20.53 30.35
CA ALA B 92 8.40 20.59 29.91
C ALA B 92 8.14 21.81 29.01
N CYS B 93 9.02 22.00 28.04
CA CYS B 93 8.95 23.12 27.10
C CYS B 93 7.99 22.79 25.95
N GLY B 94 7.73 21.51 25.72
CA GLY B 94 6.81 21.08 24.70
C GLY B 94 7.29 21.10 23.25
N ALA B 95 8.60 21.23 23.10
CA ALA B 95 9.24 21.25 21.79
C ALA B 95 9.04 19.94 21.07
N CYS B 96 9.17 18.85 21.83
CA CYS B 96 9.03 17.47 21.36
C CYS B 96 7.58 17.16 20.93
N ILE B 97 6.61 17.79 21.61
CA ILE B 97 5.22 17.65 21.23
C ILE B 97 5.01 18.36 19.88
N ALA B 98 5.51 19.60 19.74
CA ALA B 98 5.42 20.35 18.47
C ALA B 98 6.02 19.54 17.29
N ALA B 99 7.14 18.87 17.56
CA ALA B 99 7.85 18.07 16.57
C ALA B 99 7.34 16.65 16.27
N CYS B 100 6.66 15.99 17.19
CA CYS B 100 6.15 14.61 16.90
C CYS B 100 4.96 14.68 15.91
N PRO B 101 5.05 14.03 14.73
CA PRO B 101 3.88 14.13 13.83
C PRO B 101 2.70 13.21 14.15
N TYR B 102 2.80 12.47 15.25
CA TYR B 102 1.80 11.45 15.56
C TYR B 102 0.94 11.58 16.83
N ASP B 103 0.94 12.75 17.45
CA ASP B 103 0.25 13.02 18.72
C ASP B 103 0.56 11.94 19.75
N ALA B 104 1.80 11.48 19.78
CA ALA B 104 2.26 10.41 20.66
C ALA B 104 2.70 10.85 22.07
N ARG B 105 2.94 12.14 22.27
CA ARG B 105 3.40 12.59 23.57
C ARG B 105 2.52 13.60 24.32
N TYR B 106 2.66 13.61 25.64
CA TYR B 106 1.89 14.52 26.47
C TYR B 106 2.68 15.00 27.66
N LEU B 107 2.10 16.00 28.29
CA LEU B 107 2.64 16.56 29.51
C LEU B 107 1.99 15.75 30.65
N HIS B 108 2.82 15.02 31.37
CA HIS B 108 2.38 14.22 32.49
C HIS B 108 2.18 15.30 33.58
N PRO B 109 1.22 15.10 34.52
CA PRO B 109 0.98 16.09 35.58
C PRO B 109 2.11 16.29 36.63
N ALA B 110 3.13 15.43 36.61
CA ALA B 110 4.28 15.52 37.52
C ALA B 110 5.29 16.59 37.05
N GLY B 111 4.99 17.25 35.93
CA GLY B 111 5.86 18.31 35.44
C GLY B 111 6.81 18.01 34.31
N TYR B 112 6.71 16.82 33.72
CA TYR B 112 7.59 16.44 32.62
C TYR B 112 6.82 15.76 31.48
N VAL B 113 7.47 15.59 30.34
CA VAL B 113 6.73 15.00 29.24
C VAL B 113 6.86 13.47 29.20
N SER B 114 5.77 12.81 28.80
CA SER B 114 5.73 11.34 28.77
C SER B 114 5.16 10.76 27.48
N LYS B 115 5.21 9.44 27.38
CA LYS B 115 4.75 8.76 26.20
C LYS B 115 5.22 7.30 26.22
N CYS B 116 4.64 6.52 25.30
CA CYS B 116 4.97 5.12 25.17
C CYS B 116 6.49 4.93 25.22
N THR B 117 6.84 3.96 26.04
CA THR B 117 8.18 3.59 26.41
C THR B 117 8.71 2.28 25.83
N PHE B 118 7.91 1.63 24.99
CA PHE B 118 8.18 0.26 24.50
C PHE B 118 8.39 -0.65 25.73
N CYS B 119 7.86 -0.24 26.88
CA CYS B 119 7.96 -1.01 28.12
C CYS B 119 9.40 -1.38 28.38
N ALA B 120 10.23 -0.34 28.36
CA ALA B 120 11.64 -0.46 28.59
C ALA B 120 11.85 -1.17 29.93
N HIS B 121 10.98 -0.89 30.90
CA HIS B 121 11.09 -1.52 32.21
C HIS B 121 10.98 -3.07 32.07
N ARG B 122 10.05 -3.55 31.24
CA ARG B 122 9.94 -4.99 31.02
C ARG B 122 11.03 -5.55 30.10
N LEU B 123 11.48 -4.75 29.15
CA LEU B 123 12.48 -5.18 28.14
C LEU B 123 13.83 -5.54 28.71
N GLU B 124 14.21 -4.72 29.67
CA GLU B 124 15.44 -4.78 30.40
C GLU B 124 15.42 -6.07 31.23
N LYS B 125 14.28 -6.44 31.80
CA LYS B 125 14.27 -7.70 32.52
C LYS B 125 13.79 -8.89 31.66
N GLY B 126 13.96 -8.81 30.35
CA GLY B 126 13.61 -9.90 29.45
C GLY B 126 12.17 -10.26 29.16
N LYS B 127 11.27 -9.33 29.40
CA LYS B 127 9.85 -9.55 29.13
C LYS B 127 9.39 -8.81 27.85
N VAL B 128 8.22 -9.17 27.35
CA VAL B 128 7.64 -8.51 26.18
C VAL B 128 6.69 -7.47 26.75
N PRO B 129 6.44 -6.38 25.99
CA PRO B 129 5.55 -5.31 26.45
C PRO B 129 4.11 -5.73 26.81
N ALA B 130 3.52 -4.98 27.74
CA ALA B 130 2.16 -5.18 28.23
C ALA B 130 1.11 -5.25 27.09
N CYS B 131 1.16 -4.34 26.12
CA CYS B 131 0.21 -4.43 25.00
C CYS B 131 0.31 -5.78 24.27
N VAL B 132 1.54 -6.25 24.09
CA VAL B 132 1.84 -7.48 23.37
C VAL B 132 1.36 -8.77 24.07
N GLU B 133 1.55 -8.81 25.38
CA GLU B 133 1.11 -9.94 26.20
C GLU B 133 -0.44 -10.07 26.23
N THR B 134 -1.15 -9.03 26.69
CA THR B 134 -2.66 -8.99 26.72
C THR B 134 -3.19 -8.63 25.32
N CYS B 135 -3.58 -9.61 24.55
CA CYS B 135 -4.10 -9.35 23.22
C CYS B 135 -4.71 -10.63 22.74
N PRO B 136 -6.04 -10.67 22.87
CA PRO B 136 -6.87 -11.81 22.48
C PRO B 136 -6.60 -12.27 21.05
N THR B 137 -6.49 -11.33 20.13
CA THR B 137 -6.32 -11.68 18.73
C THR B 137 -4.93 -12.07 18.21
N TYR B 138 -3.90 -11.83 19.02
CA TYR B 138 -2.50 -12.09 18.66
C TYR B 138 -2.08 -11.32 17.41
N CYS B 139 -2.50 -10.08 17.27
CA CYS B 139 -2.12 -9.34 16.08
C CYS B 139 -0.83 -8.52 16.26
N ARG B 140 -0.39 -8.25 17.50
CA ARG B 140 0.89 -7.54 17.68
C ARG B 140 2.10 -8.45 17.95
N THR B 141 3.22 -8.06 17.36
CA THR B 141 4.46 -8.77 17.49
C THR B 141 5.53 -7.76 17.75
N PHE B 142 6.55 -8.21 18.46
CA PHE B 142 7.64 -7.36 18.88
C PHE B 142 8.95 -8.10 18.77
N GLY B 143 10.05 -7.36 18.74
CA GLY B 143 11.37 -7.96 18.66
C GLY B 143 12.49 -7.11 18.09
N ASP B 144 13.61 -7.77 17.82
CA ASP B 144 14.80 -7.18 17.23
C ASP B 144 14.58 -7.43 15.72
N LEU B 145 14.59 -6.34 14.98
CA LEU B 145 14.35 -6.34 13.56
C LEU B 145 15.46 -7.10 12.84
N GLU B 146 16.65 -7.12 13.45
CA GLU B 146 17.84 -7.78 12.91
C GLU B 146 17.90 -9.28 13.16
N ASP B 147 17.05 -9.79 14.03
CA ASP B 147 17.09 -11.22 14.26
C ASP B 147 15.97 -11.84 13.42
N PRO B 148 16.36 -12.67 12.41
CA PRO B 148 15.42 -13.34 11.48
C PRO B 148 14.40 -14.25 12.16
N GLU B 149 14.67 -14.55 13.43
CA GLU B 149 13.82 -15.43 14.21
C GLU B 149 12.80 -14.73 15.08
N SER B 150 13.06 -13.47 15.38
CA SER B 150 12.18 -12.74 16.27
C SER B 150 10.75 -12.67 15.76
N PRO B 151 9.78 -12.55 16.67
CA PRO B 151 8.41 -12.48 16.15
C PRO B 151 8.11 -11.31 15.14
N VAL B 152 8.66 -10.09 15.29
CA VAL B 152 8.37 -9.00 14.32
C VAL B 152 8.95 -9.32 12.95
N ALA B 153 10.17 -9.83 12.96
CA ALA B 153 10.86 -10.15 11.73
C ALA B 153 10.06 -11.13 10.89
N LYS B 154 9.52 -12.15 11.56
CA LYS B 154 8.69 -13.20 10.96
C LYS B 154 7.39 -12.61 10.42
N ALA B 155 6.72 -11.85 11.27
CA ALA B 155 5.46 -11.18 10.93
C ALA B 155 5.61 -10.35 9.64
N LEU B 156 6.66 -9.52 9.57
CA LEU B 156 6.96 -8.69 8.38
C LEU B 156 7.24 -9.59 7.18
N LYS B 157 8.04 -10.63 7.39
CA LYS B 157 8.32 -11.56 6.30
C LYS B 157 7.03 -12.22 5.75
N ALA B 158 6.06 -12.51 6.61
CA ALA B 158 4.86 -13.17 6.12
C ALA B 158 3.70 -12.28 5.66
N ALA B 159 3.87 -10.98 5.81
CA ALA B 159 2.86 -10.01 5.42
C ALA B 159 2.58 -9.82 3.93
N GLU B 160 1.32 -9.58 3.59
CA GLU B 160 0.85 -9.32 2.23
C GLU B 160 1.22 -7.83 1.88
N ARG B 161 1.09 -6.91 2.84
CA ARG B 161 1.53 -5.52 2.62
C ARG B 161 2.04 -4.95 3.94
N VAL B 162 2.89 -3.94 3.87
CA VAL B 162 3.43 -3.28 5.04
C VAL B 162 3.27 -1.75 4.87
N ASP B 163 2.71 -1.07 5.90
CA ASP B 163 2.48 0.38 5.91
C ASP B 163 2.87 1.05 7.23
N VAL B 164 3.05 2.36 7.14
CA VAL B 164 3.57 3.14 8.21
C VAL B 164 2.84 4.48 8.11
N LEU B 165 2.63 5.15 9.22
CA LEU B 165 1.91 6.43 9.19
C LEU B 165 2.80 7.56 8.69
N ARG B 166 2.19 8.53 8.01
CA ARG B 166 2.89 9.68 7.41
C ARG B 166 4.32 9.33 7.00
N PRO B 167 4.50 8.44 6.02
CA PRO B 167 5.86 8.07 5.60
C PRO B 167 6.65 9.24 5.00
N GLU B 168 5.93 10.23 4.48
CA GLU B 168 6.54 11.39 3.86
C GLU B 168 7.19 12.44 4.81
N GLN B 169 7.04 12.27 6.12
CA GLN B 169 7.81 13.10 7.06
C GLN B 169 8.99 12.16 6.92
N GLY B 170 10.14 12.31 7.51
CA GLY B 170 11.06 11.25 7.13
C GLY B 170 11.48 10.51 8.35
N THR B 171 10.53 10.22 9.21
CA THR B 171 10.91 9.67 10.48
C THR B 171 11.29 8.22 10.60
N ARG B 172 11.00 7.42 9.59
CA ARG B 172 11.28 5.98 9.63
C ARG B 172 10.72 5.30 10.90
N PRO B 173 9.38 5.19 10.97
CA PRO B 173 8.71 4.57 12.13
C PRO B 173 9.16 3.13 12.30
N LYS B 174 9.13 2.64 13.53
CA LYS B 174 9.47 1.27 13.77
C LYS B 174 8.23 0.55 14.34
N LEU B 175 7.05 0.96 13.87
CA LEU B 175 5.79 0.32 14.22
C LEU B 175 5.15 0.22 12.84
N PHE B 176 5.06 -1.05 12.44
CA PHE B 176 4.61 -1.50 11.16
C PHE B 176 3.22 -2.08 11.18
N TYR B 177 2.44 -1.65 10.20
CA TYR B 177 1.08 -2.15 10.06
C TYR B 177 1.06 -3.14 8.93
N LEU B 178 0.54 -4.32 9.25
CA LEU B 178 0.44 -5.39 8.29
C LEU B 178 -0.96 -5.57 7.70
N ASN B 179 -0.97 -6.00 6.45
CA ASN B 179 -2.20 -6.32 5.75
C ASN B 179 -3.40 -5.38 5.93
N ALA B 180 -3.21 -4.08 5.75
CA ALA B 180 -4.29 -3.09 5.85
C ALA B 180 -5.51 -3.53 5.03
N PRO B 181 -6.73 -3.41 5.62
CA PRO B 181 -8.03 -3.75 5.03
C PRO B 181 -8.40 -3.05 3.72
N SER B 182 -8.10 -1.76 3.62
CA SER B 182 -8.40 -1.02 2.40
C SER B 182 -7.31 -1.14 1.32
N LYS B 183 -7.71 -1.37 0.06
CA LYS B 183 -6.76 -1.53 -1.07
C LYS B 183 -5.80 -0.35 -1.26
N LYS B 184 -6.29 0.83 -0.92
CA LYS B 184 -5.54 2.08 -1.04
C LYS B 184 -4.64 2.35 0.13
N GLY B 185 -4.67 1.46 1.10
CA GLY B 185 -3.81 1.61 2.26
C GLY B 185 -4.38 2.24 3.52
N LEU B 186 -3.49 2.63 4.42
CA LEU B 186 -3.94 3.22 5.65
C LEU B 186 -4.82 4.42 5.32
N THR B 187 -5.88 4.50 6.09
CA THR B 187 -6.88 5.53 6.03
C THR B 187 -6.36 6.95 6.47
N ARG B 188 -6.71 8.03 5.77
CA ARG B 188 -6.31 9.40 6.17
C ARG B 188 -7.58 10.23 6.25
N GLU B 189 -7.58 11.28 7.07
CA GLU B 189 -8.77 12.14 7.20
C GLU B 189 -9.00 12.89 5.88
N SER B 190 -7.91 13.20 5.18
CA SER B 190 -7.95 13.90 3.89
C SER B 190 -8.70 13.11 2.79
N GLU B 191 -8.72 11.78 2.85
CA GLU B 191 -9.48 11.01 1.84
C GLU B 191 -10.95 10.92 2.24
N VAL B 192 -11.35 11.63 3.30
CA VAL B 192 -12.77 11.66 3.68
C VAL B 192 -13.38 12.96 3.11
N HIS B 193 -14.71 13.10 3.15
CA HIS B 193 -15.48 14.24 2.59
C HIS B 193 -14.80 15.18 1.57
N HIS B 194 -14.99 14.90 0.36
N ALA C 2 -12.00 8.35 12.62
CA ALA C 2 -13.26 9.07 12.87
C ALA C 2 -13.71 8.80 14.34
N GLU C 3 -13.73 7.54 14.78
CA GLU C 3 -14.07 7.14 16.17
C GLU C 3 -12.81 6.66 16.92
N PHE C 4 -12.71 6.90 18.22
CA PHE C 4 -11.55 6.44 19.01
C PHE C 4 -11.91 5.69 20.28
N TYR C 5 -10.93 4.97 20.83
CA TYR C 5 -11.01 4.39 22.17
C TYR C 5 -9.81 5.07 22.76
N GLY C 6 -10.13 5.93 23.71
CA GLY C 6 -9.15 6.78 24.30
C GLY C 6 -9.16 7.91 23.28
N LEU C 7 -8.05 8.65 23.22
CA LEU C 7 -7.85 9.78 22.31
C LEU C 7 -6.38 10.06 22.01
N PRO C 8 -6.06 10.62 20.81
CA PRO C 8 -4.66 10.93 20.50
C PRO C 8 -4.42 12.19 21.32
N ASN C 9 -3.17 12.48 21.65
CA ASN C 9 -2.79 13.67 22.39
C ASN C 9 -2.60 14.85 21.42
N ALA C 10 -3.71 15.33 20.86
CA ALA C 10 -3.69 16.39 19.87
C ALA C 10 -4.18 17.74 20.35
N GLN C 11 -4.12 17.95 21.65
CA GLN C 11 -4.55 19.21 22.25
C GLN C 11 -3.43 20.26 22.29
N GLU C 12 -3.85 21.51 22.40
CA GLU C 12 -2.95 22.65 22.46
C GLU C 12 -1.86 22.46 23.53
N PHE C 13 -0.59 22.51 23.11
CA PHE C 13 0.55 22.36 24.02
C PHE C 13 1.16 23.71 24.41
N TRP C 14 0.88 24.76 23.63
CA TRP C 14 1.40 26.13 23.92
C TRP C 14 0.16 27.04 24.02
N HIS C 15 -0.07 27.53 25.23
CA HIS C 15 -1.22 28.35 25.61
C HIS C 15 -1.12 29.85 25.40
N TRP C 16 -2.14 30.58 25.82
CA TRP C 16 -2.15 32.04 25.73
C TRP C 16 -0.91 32.54 26.49
N THR C 17 -0.54 31.78 27.52
CA THR C 17 0.60 32.07 28.38
C THR C 17 1.90 32.15 27.58
N ASN C 18 2.12 31.12 26.77
CA ASN C 18 3.29 31.08 25.93
C ASN C 18 3.29 32.11 24.82
N ALA C 19 2.16 32.31 24.19
CA ALA C 19 1.96 33.28 23.09
C ALA C 19 2.38 34.65 23.56
N LEU C 20 2.17 34.88 24.86
CA LEU C 20 2.58 36.10 25.54
C LEU C 20 4.14 36.07 25.53
N HIS C 21 4.73 34.95 25.95
CA HIS C 21 6.20 34.84 25.93
C HIS C 21 6.68 35.19 24.51
N PHE C 22 5.96 34.72 23.50
CA PHE C 22 6.32 35.00 22.12
C PHE C 22 6.31 36.47 21.76
N VAL C 23 5.32 37.21 22.24
CA VAL C 23 5.28 38.64 21.96
C VAL C 23 6.45 39.32 22.71
N LEU C 24 6.70 38.86 23.93
CA LEU C 24 7.74 39.46 24.76
C LEU C 24 9.19 39.27 24.29
N VAL C 25 9.58 38.04 23.96
CA VAL C 25 10.93 37.77 23.49
C VAL C 25 11.21 38.59 22.19
N GLY C 26 10.15 38.99 21.48
CA GLY C 26 10.26 39.80 20.28
C GLY C 26 10.77 41.17 20.69
N LEU C 27 10.07 41.75 21.65
CA LEU C 27 10.40 43.02 22.30
C LEU C 27 11.79 42.94 22.91
N ALA C 28 11.99 41.93 23.73
CA ALA C 28 13.28 41.77 24.39
C ALA C 28 14.43 41.83 23.37
N GLY C 29 14.44 40.87 22.44
CA GLY C 29 15.46 40.77 21.41
C GLY C 29 15.70 41.98 20.53
N GLY C 30 14.61 42.58 20.06
CA GLY C 30 14.67 43.78 19.25
C GLY C 30 15.09 45.01 20.03
N VAL C 31 14.83 45.08 21.34
CA VAL C 31 15.31 46.26 22.07
C VAL C 31 16.81 46.05 22.35
N ALA C 32 17.24 44.81 22.52
CA ALA C 32 18.67 44.51 22.72
C ALA C 32 19.41 44.82 21.40
N LEU C 33 18.72 44.77 20.25
CA LEU C 33 19.37 45.09 18.97
C LEU C 33 19.54 46.63 18.91
N LEU C 34 18.50 47.34 19.33
CA LEU C 34 18.53 48.80 19.38
C LEU C 34 19.66 49.27 20.31
N ALA C 35 19.75 48.71 21.52
CA ALA C 35 20.81 49.10 22.43
C ALA C 35 22.20 48.82 21.83
N ALA C 36 22.35 47.71 21.10
CA ALA C 36 23.64 47.34 20.49
C ALA C 36 24.06 48.32 19.38
N LEU C 37 23.12 48.59 18.46
CA LEU C 37 23.34 49.51 17.36
C LEU C 37 23.56 50.94 17.89
N LEU C 38 23.02 51.26 19.06
CA LEU C 38 23.19 52.58 19.66
C LEU C 38 24.59 52.70 20.24
N HIS C 39 25.00 51.69 21.02
CA HIS C 39 26.36 51.71 21.54
C HIS C 39 27.33 51.81 20.40
N LEU C 40 26.97 51.21 19.28
CA LEU C 40 27.85 51.19 18.13
C LEU C 40 27.96 52.56 17.40
N LYS C 41 26.90 53.38 17.41
CA LYS C 41 26.97 54.72 16.80
C LYS C 41 27.57 55.66 17.85
N GLY C 42 27.80 55.14 19.05
CA GLY C 42 28.27 55.99 20.12
C GLY C 42 27.21 56.99 20.57
N ASP C 43 25.93 56.75 20.22
CA ASP C 43 24.83 57.65 20.61
C ASP C 43 24.57 57.57 22.12
N ALA C 44 24.21 58.71 22.71
CA ALA C 44 23.96 58.87 24.16
C ALA C 44 22.84 58.01 24.80
N GLU C 45 21.84 57.69 24.00
CA GLU C 45 20.68 56.88 24.43
C GLU C 45 21.02 55.40 24.58
N ALA C 46 22.24 55.04 24.24
CA ALA C 46 22.63 53.63 24.30
C ALA C 46 22.55 53.03 25.69
N ARG C 47 22.62 53.88 26.70
CA ARG C 47 22.62 53.42 28.08
C ARG C 47 21.31 52.96 28.68
N ARG C 48 20.25 53.71 28.39
CA ARG C 48 18.95 53.36 28.90
C ARG C 48 18.30 52.32 28.00
N TYR C 49 18.68 52.25 26.73
CA TYR C 49 18.09 51.20 25.91
C TYR C 49 18.66 49.86 26.39
N THR C 50 19.86 49.89 26.95
CA THR C 50 20.48 48.70 27.46
C THR C 50 19.76 48.28 28.75
N LEU C 51 19.37 49.25 29.58
CA LEU C 51 18.65 48.90 30.80
C LEU C 51 17.36 48.13 30.47
N TYR C 52 16.61 48.65 29.50
CA TYR C 52 15.33 48.11 28.97
C TYR C 52 15.42 46.72 28.35
N ALA C 53 16.45 46.52 27.54
CA ALA C 53 16.67 45.24 26.89
C ALA C 53 16.98 44.25 28.02
N LEU C 54 17.62 44.73 29.10
CA LEU C 54 17.91 43.87 30.24
C LEU C 54 16.61 43.55 30.99
N MET C 55 15.74 44.56 31.12
CA MET C 55 14.48 44.39 31.83
C MET C 55 13.52 43.46 31.12
N LEU C 56 13.42 43.62 29.81
CA LEU C 56 12.57 42.79 28.98
C LEU C 56 13.17 41.39 28.89
N ILE C 57 14.49 41.27 29.04
CA ILE C 57 15.11 39.94 29.02
C ILE C 57 14.77 39.26 30.35
N ALA C 58 14.82 40.03 31.43
CA ALA C 58 14.47 39.51 32.75
C ALA C 58 12.98 39.14 32.80
N LEU C 59 12.11 40.04 32.34
CA LEU C 59 10.67 39.80 32.30
C LEU C 59 10.35 38.58 31.42
N ASP C 60 11.11 38.36 30.35
CA ASP C 60 10.83 37.19 29.51
C ASP C 60 11.37 35.89 30.12
N LEU C 61 12.53 35.90 30.76
CA LEU C 61 13.00 34.66 31.39
C LEU C 61 12.06 34.36 32.58
N PHE C 62 11.59 35.39 33.28
CA PHE C 62 10.68 35.16 34.41
C PHE C 62 9.36 34.53 33.95
N ILE C 63 8.73 34.99 32.86
CA ILE C 63 7.51 34.30 32.48
C ILE C 63 7.76 32.95 31.69
N LEU C 64 8.98 32.69 31.23
CA LEU C 64 9.33 31.40 30.57
C LEU C 64 9.40 30.35 31.69
N TRP C 65 9.83 30.81 32.87
CA TRP C 65 9.97 29.96 34.03
C TRP C 65 8.66 29.85 34.83
N ALA C 66 7.93 30.96 34.98
CA ALA C 66 6.66 30.98 35.72
C ALA C 66 5.52 30.26 35.01
N GLU C 67 5.74 29.88 33.76
CA GLU C 67 4.72 29.20 32.97
C GLU C 67 5.13 27.77 32.67
N SER C 68 6.31 27.39 33.15
CA SER C 68 6.81 26.02 32.93
C SER C 68 6.24 25.03 33.93
N PRO C 69 5.67 23.92 33.40
CA PRO C 69 5.11 22.89 34.28
C PRO C 69 6.23 22.35 35.22
N ALA C 70 7.48 22.56 34.83
CA ALA C 70 8.61 22.09 35.66
C ALA C 70 9.27 23.27 36.38
N ARG C 71 8.46 24.29 36.65
CA ARG C 71 8.92 25.49 37.32
C ARG C 71 9.50 25.22 38.74
N PHE C 72 8.97 24.23 39.45
CA PHE C 72 9.49 23.92 40.78
C PHE C 72 10.37 22.65 40.84
N ARG C 73 10.58 22.01 39.69
CA ARG C 73 11.43 20.84 39.64
C ARG C 73 12.91 21.24 39.41
N PHE C 74 13.10 22.51 39.12
CA PHE C 74 14.39 23.12 38.85
C PHE C 74 15.30 22.30 37.98
N THR C 75 14.87 22.15 36.74
CA THR C 75 15.61 21.42 35.73
C THR C 75 16.17 22.35 34.63
N HIS C 76 15.82 23.64 34.62
CA HIS C 76 16.34 24.54 33.60
C HIS C 76 17.84 24.67 33.64
N ILE C 77 18.43 24.23 34.73
CA ILE C 77 19.87 24.31 34.80
C ILE C 77 20.48 23.49 33.63
N TRP C 78 19.82 22.44 33.15
CA TRP C 78 20.33 21.62 32.04
C TRP C 78 20.40 22.32 30.69
N LEU C 79 19.66 23.41 30.61
CA LEU C 79 19.64 24.25 29.43
C LEU C 79 21.08 24.79 29.21
N PHE C 80 21.76 24.98 30.35
CA PHE C 80 23.09 25.55 30.44
C PHE C 80 24.27 24.65 30.70
N LEU C 81 24.02 23.37 30.88
CA LEU C 81 25.12 22.44 31.11
C LEU C 81 25.26 21.47 29.96
N SER C 82 24.68 21.79 28.80
CA SER C 82 24.80 20.90 27.68
C SER C 82 24.88 21.68 26.37
N PHE C 83 25.15 20.93 25.31
CA PHE C 83 25.30 21.50 23.99
C PHE C 83 24.28 20.90 23.01
N HIS C 84 23.23 21.65 22.66
CA HIS C 84 22.24 21.18 21.70
C HIS C 84 22.03 22.20 20.60
N PRO C 85 23.02 22.27 19.68
CA PRO C 85 23.02 23.17 18.53
C PRO C 85 21.87 23.03 17.54
N THR C 86 21.23 21.87 17.52
CA THR C 86 20.10 21.58 16.61
C THR C 86 18.76 22.07 17.15
N SER C 87 18.76 22.54 18.38
CA SER C 87 17.52 22.97 19.01
C SER C 87 17.24 24.49 19.14
N PRO C 88 16.23 25.04 18.40
CA PRO C 88 16.01 26.48 18.60
C PRO C 88 15.91 27.01 20.01
N ILE C 89 15.21 26.29 20.86
CA ILE C 89 15.02 26.74 22.25
C ILE C 89 16.36 26.77 22.99
N TRP C 90 17.30 25.92 22.59
CA TRP C 90 18.60 25.93 23.23
C TRP C 90 19.31 27.22 22.77
N TRP C 91 19.27 27.50 21.47
CA TRP C 91 19.87 28.74 20.97
C TRP C 91 19.25 29.91 21.72
N GLY C 92 17.92 29.96 21.78
CA GLY C 92 17.25 31.04 22.48
C GLY C 92 17.67 31.28 23.93
N ALA C 93 17.95 30.20 24.64
CA ALA C 93 18.35 30.29 26.06
C ALA C 93 19.75 30.91 26.21
N TRP C 94 20.65 30.52 25.33
CA TRP C 94 21.99 31.05 25.35
C TRP C 94 22.11 32.49 24.81
N GLY C 95 21.32 32.86 23.79
CA GLY C 95 21.36 34.22 23.24
C GLY C 95 20.93 35.31 24.21
N LEU C 96 19.74 35.09 24.78
CA LEU C 96 19.13 35.98 25.79
C LEU C 96 20.08 36.03 27.02
N GLY C 97 20.32 34.85 27.59
CA GLY C 97 21.20 34.68 28.75
C GLY C 97 22.52 35.43 28.64
N LEU C 98 23.34 35.07 27.65
CA LEU C 98 24.63 35.75 27.40
C LEU C 98 24.38 37.22 26.99
N GLY C 99 23.29 37.48 26.29
CA GLY C 99 22.95 38.83 25.89
C GLY C 99 22.61 39.70 27.09
N PHE C 100 22.24 39.06 28.19
CA PHE C 100 21.89 39.74 29.44
C PHE C 100 23.15 40.02 30.28
N LEU C 101 24.18 39.19 30.12
CA LEU C 101 25.47 39.40 30.80
C LEU C 101 26.17 40.50 30.01
N THR C 102 26.29 40.29 28.71
CA THR C 102 26.93 41.25 27.80
C THR C 102 26.33 42.64 28.03
N GLY C 103 25.01 42.74 28.10
CA GLY C 103 24.34 44.00 28.35
C GLY C 103 24.42 44.43 29.81
N GLY C 104 24.81 43.50 30.67
CA GLY C 104 24.97 43.79 32.07
C GLY C 104 26.28 44.56 32.26
N LEU C 105 27.35 44.06 31.66
CA LEU C 105 28.67 44.71 31.75
C LEU C 105 28.69 46.11 31.07
N LEU C 106 27.91 46.25 30.00
CA LEU C 106 27.80 47.50 29.25
C LEU C 106 27.21 48.56 30.17
N TYR C 107 26.24 48.15 30.96
CA TYR C 107 25.58 49.03 31.90
C TYR C 107 26.51 49.45 33.05
N LEU C 108 27.38 48.52 33.44
CA LEU C 108 28.35 48.70 34.53
C LEU C 108 29.74 49.09 34.08
N GLY C 109 29.87 49.49 32.83
CA GLY C 109 31.19 49.85 32.31
C GLY C 109 32.33 49.02 32.88
N LYS C 110 32.30 47.71 32.63
CA LYS C 110 33.33 46.74 33.08
C LYS C 110 33.54 45.65 31.97
N GLY C 111 34.73 45.03 31.85
CA GLY C 111 34.95 44.02 30.81
C GLY C 111 34.92 44.42 29.33
N SER C 112 35.43 45.61 29.00
CA SER C 112 35.49 46.23 27.63
C SER C 112 34.23 47.06 27.13
N GLN C 113 34.07 47.40 25.84
CA GLN C 113 32.91 48.24 25.34
C GLN C 113 32.40 48.42 23.89
N ARG C 114 33.06 47.80 22.93
CA ARG C 114 32.64 47.91 21.52
C ARG C 114 32.59 46.40 21.25
N ALA C 115 33.58 45.71 21.83
CA ALA C 115 33.76 44.26 21.76
C ALA C 115 32.64 43.56 22.56
N LEU C 116 31.97 44.37 23.38
CA LEU C 116 30.81 43.97 24.16
C LEU C 116 29.58 44.45 23.37
N ALA C 117 29.69 45.54 22.60
CA ALA C 117 28.55 46.01 21.80
C ALA C 117 28.30 45.15 20.54
N TRP C 118 29.35 44.50 20.02
CA TRP C 118 29.26 43.60 18.84
C TRP C 118 28.71 42.27 19.33
N ALA C 119 29.12 41.90 20.54
CA ALA C 119 28.63 40.68 21.17
C ALA C 119 27.10 40.87 21.36
N LEU C 120 26.70 41.98 21.99
CA LEU C 120 25.26 42.22 22.18
C LEU C 120 24.62 42.18 20.82
N LEU C 121 25.33 42.64 19.80
CA LEU C 121 24.70 42.58 18.49
C LEU C 121 24.45 41.14 18.04
N VAL C 122 25.43 40.26 18.22
CA VAL C 122 25.29 38.88 17.78
C VAL C 122 24.29 38.07 18.61
N PHE C 123 24.24 38.31 19.91
CA PHE C 123 23.32 37.58 20.78
C PHE C 123 21.90 38.05 20.60
N SER C 124 21.73 39.31 20.19
CA SER C 124 20.39 39.82 19.97
C SER C 124 19.90 39.33 18.59
N LEU C 125 20.81 38.85 17.74
CA LEU C 125 20.35 38.31 16.45
C LEU C 125 19.95 36.85 16.68
N VAL C 126 20.63 36.18 17.60
CA VAL C 126 20.28 34.81 17.97
C VAL C 126 18.85 34.85 18.58
N ALA C 127 18.61 35.74 19.55
CA ALA C 127 17.29 35.89 20.21
C ALA C 127 16.10 36.34 19.34
N LEU C 128 16.39 37.04 18.25
CA LEU C 128 15.38 37.53 17.27
C LEU C 128 15.04 36.46 16.27
N SER C 129 15.98 35.56 16.11
CA SER C 129 15.92 34.45 15.16
C SER C 129 15.36 33.13 15.66
N TYR C 130 15.51 32.84 16.94
CA TYR C 130 15.07 31.56 17.44
C TYR C 130 13.56 31.25 17.51
N PRO C 131 12.71 32.27 17.78
CA PRO C 131 11.25 32.01 17.81
C PRO C 131 10.65 31.47 16.52
N GLY C 132 10.91 32.13 15.39
CA GLY C 132 10.38 31.68 14.12
C GLY C 132 10.87 30.29 13.76
N LEU C 133 12.09 29.98 14.20
CA LEU C 133 12.65 28.64 13.95
C LEU C 133 12.10 27.62 14.96
N ALA C 134 11.68 28.06 16.15
CA ALA C 134 11.09 27.14 17.13
C ALA C 134 9.77 26.62 16.53
N LEU C 135 9.14 27.44 15.70
CA LEU C 135 7.91 27.07 14.99
C LEU C 135 8.23 26.25 13.73
N ALA C 136 8.94 26.91 12.83
CA ALA C 136 9.35 26.42 11.49
C ALA C 136 10.07 25.08 11.31
N VAL C 137 10.72 24.58 12.35
CA VAL C 137 11.42 23.30 12.28
C VAL C 137 10.46 22.11 12.35
N ASN C 138 9.22 22.40 12.77
CA ASN C 138 8.16 21.38 12.88
C ASN C 138 7.44 21.29 11.56
N LEU C 139 8.08 20.56 10.67
CA LEU C 139 7.57 20.36 9.33
C LEU C 139 6.29 19.52 9.26
N ASN C 140 5.82 19.02 10.41
CA ASN C 140 4.60 18.23 10.49
C ASN C 140 3.38 19.15 10.67
N ARG C 141 3.63 20.36 11.16
CA ARG C 141 2.61 21.38 11.37
C ARG C 141 2.52 22.22 10.08
N PRO C 142 1.50 21.99 9.22
CA PRO C 142 1.40 22.79 8.00
C PRO C 142 1.38 24.34 8.05
N LEU C 143 0.93 24.95 9.14
CA LEU C 143 0.90 26.41 9.16
C LEU C 143 2.25 27.03 9.52
N TRP C 144 3.11 26.27 10.19
CA TRP C 144 4.43 26.80 10.56
C TRP C 144 5.47 26.58 9.52
N ASN C 145 5.22 27.13 8.35
CA ASN C 145 6.16 26.93 7.27
C ASN C 145 7.34 27.91 7.34
N GLY C 146 8.18 27.84 6.32
CA GLY C 146 9.36 28.69 6.24
C GLY C 146 9.19 30.18 6.52
N LEU C 147 8.08 30.78 6.10
CA LEU C 147 7.82 32.22 6.34
C LEU C 147 7.88 32.63 7.83
N MET C 148 7.69 31.65 8.72
CA MET C 148 7.71 31.89 10.16
C MET C 148 9.10 32.38 10.54
N ALA C 149 10.10 31.93 9.78
CA ALA C 149 11.47 32.35 10.02
C ALA C 149 11.65 33.80 9.47
N GLY C 150 10.68 34.27 8.71
CA GLY C 150 10.74 35.63 8.19
C GLY C 150 9.81 36.56 8.95
N LEU C 151 8.62 36.07 9.24
CA LEU C 151 7.61 36.81 9.98
C LEU C 151 8.02 37.07 11.43
N PHE C 152 8.69 36.13 12.08
CA PHE C 152 9.02 36.42 13.46
C PHE C 152 10.13 37.46 13.68
N PRO C 153 11.24 37.42 12.90
CA PRO C 153 12.28 38.45 13.08
C PRO C 153 11.78 39.89 12.74
N LEU C 154 11.06 40.06 11.62
CA LEU C 154 10.55 41.37 11.23
C LEU C 154 9.52 41.92 12.21
N THR C 155 8.76 41.03 12.83
CA THR C 155 7.72 41.46 13.74
C THR C 155 8.26 41.87 15.11
N ALA C 156 9.40 41.28 15.50
CA ALA C 156 10.06 41.58 16.76
C ALA C 156 10.67 42.99 16.65
N LEU C 157 10.98 43.39 15.42
CA LEU C 157 11.53 44.73 15.14
C LEU C 157 10.41 45.77 15.19
N VAL C 158 9.24 45.48 14.64
CA VAL C 158 8.12 46.41 14.70
C VAL C 158 7.78 46.66 16.21
N LEU C 159 7.91 45.63 17.06
CA LEU C 159 7.64 45.79 18.50
C LEU C 159 8.68 46.70 19.17
N ALA C 160 9.96 46.45 18.93
CA ALA C 160 11.00 47.29 19.56
C ALA C 160 10.94 48.76 19.10
N LEU C 161 10.84 48.98 17.80
CA LEU C 161 10.79 50.33 17.23
C LEU C 161 9.49 51.07 17.58
N GLY C 162 8.40 50.31 17.71
CA GLY C 162 7.11 50.86 18.08
C GLY C 162 7.18 51.40 19.51
N LEU C 163 7.94 50.70 20.36
CA LEU C 163 8.16 51.05 21.77
C LEU C 163 9.07 52.29 21.85
N ALA C 164 10.18 52.23 21.10
CA ALA C 164 11.15 53.33 21.02
C ALA C 164 10.47 54.64 20.61
N ALA C 165 9.51 54.56 19.69
CA ALA C 165 8.77 55.74 19.22
C ALA C 165 7.74 56.27 20.23
N LEU C 166 7.25 55.41 21.12
CA LEU C 166 6.30 55.86 22.13
C LEU C 166 7.13 56.63 23.20
N LEU C 167 8.37 56.16 23.42
CA LEU C 167 9.32 56.78 24.35
C LEU C 167 9.95 58.04 23.68
N LYS C 168 9.35 58.43 22.54
CA LYS C 168 9.74 59.61 21.77
C LYS C 168 11.15 59.70 21.16
N SER C 169 11.83 58.56 20.97
CA SER C 169 13.15 58.59 20.34
C SER C 169 12.82 58.97 18.88
N PRO C 170 13.46 60.05 18.35
CA PRO C 170 13.30 60.59 16.98
C PRO C 170 13.61 59.66 15.77
N TRP C 171 14.65 58.85 15.91
CA TRP C 171 15.15 57.83 14.94
C TRP C 171 14.39 56.51 15.25
N ALA C 172 13.42 56.11 14.45
CA ALA C 172 12.68 54.87 14.75
C ALA C 172 11.30 55.00 14.09
N LEU C 173 10.69 56.18 14.07
CA LEU C 173 9.37 56.32 13.41
C LEU C 173 9.47 56.17 11.90
N PHE C 174 10.67 56.25 11.34
CA PHE C 174 10.82 56.00 9.89
C PHE C 174 11.15 54.49 9.76
N PRO C 175 12.16 53.97 10.50
CA PRO C 175 12.43 52.53 10.38
C PRO C 175 11.17 51.71 10.78
N LEU C 176 10.40 52.21 11.75
CA LEU C 176 9.19 51.52 12.16
C LEU C 176 8.20 51.38 10.98
N ARG C 177 8.11 52.38 10.10
CA ARG C 177 7.19 52.32 8.95
C ARG C 177 7.68 51.41 7.80
N VAL C 178 9.00 51.36 7.63
CA VAL C 178 9.64 50.51 6.62
C VAL C 178 9.45 49.04 7.04
N LEU C 179 9.89 48.72 8.26
CA LEU C 179 9.75 47.37 8.80
C LEU C 179 8.31 46.90 9.02
N ALA C 180 7.40 47.85 9.25
CA ALA C 180 5.99 47.49 9.44
C ALA C 180 5.34 47.24 8.07
N GLY C 181 5.87 47.90 7.04
CA GLY C 181 5.39 47.70 5.67
C GLY C 181 5.84 46.33 5.17
N ALA C 182 7.06 45.97 5.52
CA ALA C 182 7.63 44.65 5.17
C ALA C 182 6.81 43.54 5.85
N SER C 183 6.67 43.62 7.18
CA SER C 183 5.90 42.67 7.97
C SER C 183 4.46 42.52 7.48
N LEU C 184 3.80 43.62 7.16
CA LEU C 184 2.41 43.50 6.70
C LEU C 184 2.31 42.97 5.30
N LEU C 185 3.33 43.20 4.48
CA LEU C 185 3.25 42.65 3.14
C LEU C 185 3.42 41.12 3.24
N LEU C 186 4.46 40.65 3.93
CA LEU C 186 4.70 39.20 4.09
C LEU C 186 3.51 38.50 4.83
N ALA C 187 2.88 39.20 5.76
CA ALA C 187 1.74 38.66 6.51
C ALA C 187 0.48 38.48 5.63
N LEU C 188 0.36 39.36 4.63
CA LEU C 188 -0.75 39.32 3.68
C LEU C 188 -0.53 38.21 2.64
N LEU C 189 0.73 37.94 2.30
CA LEU C 189 1.04 36.89 1.33
C LEU C 189 1.21 35.54 2.02
N TYR C 190 1.23 35.54 3.35
CA TYR C 190 1.38 34.30 4.07
C TYR C 190 0.36 33.20 3.74
N PRO C 191 -0.97 33.48 3.85
CA PRO C 191 -2.02 32.47 3.54
C PRO C 191 -1.94 31.87 2.13
N LEU C 192 -1.40 32.65 1.21
CA LEU C 192 -1.28 32.27 -0.21
C LEU C 192 -0.12 31.32 -0.45
N THR C 193 0.65 31.13 0.61
CA THR C 193 1.81 30.28 0.63
C THR C 193 1.48 28.90 1.20
N LEU C 194 0.22 28.70 1.58
CA LEU C 194 -0.20 27.44 2.19
C LEU C 194 -0.96 26.49 1.31
N PRO C 195 -0.90 25.16 1.63
CA PRO C 195 -1.65 24.21 0.80
C PRO C 195 -3.12 24.63 1.09
N PRO C 196 -4.04 24.46 0.12
CA PRO C 196 -5.46 24.79 0.27
C PRO C 196 -6.15 24.51 1.62
N GLU C 197 -6.01 23.27 2.09
CA GLU C 197 -6.62 22.79 3.34
C GLU C 197 -6.10 23.51 4.60
N ALA C 198 -4.82 23.89 4.57
CA ALA C 198 -4.17 24.62 5.67
C ALA C 198 -4.63 26.09 5.65
N ARG C 199 -4.72 26.69 4.46
CA ARG C 199 -5.20 28.07 4.35
C ARG C 199 -6.65 28.12 4.83
N GLY C 200 -7.44 27.11 4.43
CA GLY C 200 -8.83 27.00 4.82
C GLY C 200 -8.94 26.78 6.31
N HIS C 201 -7.96 26.08 6.88
CA HIS C 201 -7.97 25.86 8.32
C HIS C 201 -7.63 27.20 9.02
N LEU C 202 -6.57 27.90 8.59
CA LEU C 202 -6.23 29.23 9.15
C LEU C 202 -7.46 30.18 9.04
N LEU C 203 -8.09 30.26 7.87
CA LEU C 203 -9.25 31.13 7.69
C LEU C 203 -10.43 30.75 8.60
N GLU C 204 -10.81 29.47 8.69
CA GLU C 204 -11.89 29.11 9.60
C GLU C 204 -11.58 29.47 11.08
N GLU C 205 -10.47 28.94 11.61
CA GLU C 205 -10.10 29.16 13.02
C GLU C 205 -9.69 30.58 13.42
N ALA C 206 -9.06 31.27 12.49
CA ALA C 206 -8.65 32.66 12.74
C ALA C 206 -9.08 33.47 11.52
N GLY C 207 -8.22 34.39 11.09
CA GLY C 207 -8.51 35.24 9.94
C GLY C 207 -9.19 36.51 10.40
N PHE C 208 -10.51 36.52 10.35
CA PHE C 208 -11.23 37.68 10.83
C PHE C 208 -10.41 38.47 11.89
N TRP C 209 -9.60 37.75 12.66
CA TRP C 209 -8.69 38.32 13.66
C TRP C 209 -7.43 38.78 12.91
N TYR C 210 -6.99 37.89 12.03
CA TYR C 210 -5.87 38.05 11.12
C TYR C 210 -6.10 39.30 10.26
N GLY C 211 -7.20 39.27 9.51
CA GLY C 211 -7.60 40.37 8.64
C GLY C 211 -7.76 41.66 9.40
N LEU C 212 -8.13 41.58 10.69
CA LEU C 212 -8.28 42.76 11.55
C LEU C 212 -6.89 43.28 11.95
N PHE C 213 -5.93 42.37 12.13
CA PHE C 213 -4.55 42.73 12.48
C PHE C 213 -3.78 43.33 11.30
N LEU C 214 -4.16 42.90 10.09
CA LEU C 214 -3.61 43.42 8.83
C LEU C 214 -4.13 44.87 8.68
N LEU C 215 -5.45 45.08 8.79
CA LEU C 215 -5.99 46.46 8.71
C LEU C 215 -5.33 47.33 9.79
N LEU C 216 -5.50 46.93 11.05
CA LEU C 216 -4.90 47.66 12.18
C LEU C 216 -3.52 48.27 11.85
N GLY C 217 -2.58 47.38 11.51
CA GLY C 217 -1.22 47.77 11.21
C GLY C 217 -1.05 48.83 10.15
N LEU C 218 -2.09 49.05 9.35
CA LEU C 218 -2.07 50.07 8.28
C LEU C 218 -2.12 51.49 8.86
N GLY C 219 -2.54 51.59 10.12
CA GLY C 219 -2.60 52.85 10.85
C GLY C 219 -1.22 53.28 11.27
N THR C 220 -0.21 52.49 10.94
CA THR C 220 1.18 52.87 11.24
C THR C 220 1.65 53.94 10.20
N PHE C 221 0.91 54.11 9.10
CA PHE C 221 1.23 55.09 8.02
C PHE C 221 0.34 56.34 7.91
N TRP C 222 -0.56 56.48 8.88
CA TRP C 222 -1.57 57.55 9.05
C TRP C 222 -1.23 58.70 10.03
N GLN C 223 -1.94 58.76 11.16
CA GLN C 223 -1.74 59.79 12.19
C GLN C 223 -0.51 59.43 13.07
N GLU C 224 0.38 60.42 13.21
CA GLU C 224 1.63 60.37 13.98
C GLU C 224 1.55 59.60 15.32
N ARG C 225 0.70 60.00 16.27
CA ARG C 225 0.68 59.24 17.51
C ARG C 225 -0.25 58.01 17.66
N LEU C 226 -0.84 57.53 16.54
CA LEU C 226 -1.64 56.27 16.52
C LEU C 226 -0.68 55.23 15.96
N ALA C 227 0.19 55.71 15.07
CA ALA C 227 1.18 54.88 14.37
C ALA C 227 1.93 53.84 15.24
N PRO C 228 2.50 54.20 16.44
CA PRO C 228 3.16 53.12 17.21
C PRO C 228 2.20 52.12 17.88
N TRP C 229 1.02 52.59 18.29
CA TRP C 229 0.08 51.68 18.93
C TRP C 229 -0.39 50.66 17.93
N ALA C 230 -0.87 51.16 16.79
CA ALA C 230 -1.35 50.31 15.71
C ALA C 230 -0.29 49.28 15.26
N GLY C 231 0.96 49.72 15.13
CA GLY C 231 2.06 48.87 14.73
C GLY C 231 2.41 47.81 15.76
N LEU C 232 2.34 48.20 17.04
CA LEU C 232 2.58 47.30 18.19
C LEU C 232 1.50 46.21 18.28
N LEU C 233 0.24 46.63 18.24
CA LEU C 233 -0.86 45.69 18.32
C LEU C 233 -0.94 44.78 17.09
N ALA C 234 -0.60 45.28 15.90
CA ALA C 234 -0.66 44.40 14.73
C ALA C 234 0.43 43.33 14.86
N ALA C 235 1.66 43.75 15.17
CA ALA C 235 2.79 42.84 15.31
C ALA C 235 2.65 41.81 16.44
N ALA C 236 1.98 42.18 17.54
CA ALA C 236 1.77 41.26 18.67
C ALA C 236 0.57 40.37 18.44
N GLY C 237 -0.47 40.94 17.85
CA GLY C 237 -1.63 40.14 17.52
C GLY C 237 -1.20 39.10 16.51
N LEU C 238 -0.42 39.47 15.51
CA LEU C 238 -0.02 38.51 14.49
C LEU C 238 0.85 37.36 15.03
N ARG C 239 1.76 37.68 15.95
CA ARG C 239 2.64 36.69 16.58
C ARG C 239 1.87 35.67 17.44
N ALA C 240 0.94 36.16 18.25
CA ALA C 240 0.18 35.29 19.13
C ALA C 240 -0.81 34.42 18.37
N LEU C 241 -1.44 34.98 17.33
CA LEU C 241 -2.41 34.27 16.52
C LEU C 241 -1.74 33.09 15.75
N LEU C 242 -0.52 33.29 15.27
CA LEU C 242 0.17 32.22 14.54
C LEU C 242 0.62 31.12 15.49
N VAL C 243 0.91 31.49 16.73
CA VAL C 243 1.35 30.52 17.72
C VAL C 243 0.21 29.62 18.20
N LEU C 244 -0.98 30.20 18.37
CA LEU C 244 -2.15 29.44 18.80
C LEU C 244 -2.80 28.66 17.66
N ALA C 245 -2.91 29.29 16.49
CA ALA C 245 -3.55 28.63 15.35
C ALA C 245 -2.72 27.62 14.57
N GLY C 246 -1.41 27.61 14.78
CA GLY C 246 -0.56 26.69 14.03
C GLY C 246 -0.27 25.34 14.63
N GLN C 247 -0.84 25.05 15.80
CA GLN C 247 -0.66 23.77 16.53
C GLN C 247 -1.65 22.76 15.99
N TRP C 248 -1.42 22.38 14.75
CA TRP C 248 -2.33 21.49 14.05
C TRP C 248 -1.45 20.60 13.15
N GLN C 249 -1.77 19.31 13.11
CA GLN C 249 -1.02 18.29 12.32
C GLN C 249 -1.72 18.09 11.00
N GLY C 250 -3.03 18.15 11.22
CA GLY C 250 -4.10 17.94 10.30
C GLY C 250 -4.05 17.40 8.92
N LEU C 251 -4.84 16.37 8.65
CA LEU C 251 -4.97 15.87 7.28
C LEU C 251 -6.38 16.36 6.72
N GLY C 252 -6.83 15.75 5.73
N ALA D 30 -1.97 19.45 -39.33
CA ALA D 30 -0.57 18.96 -39.42
C ALA D 30 -0.32 17.52 -38.87
N PRO D 31 -1.24 16.92 -38.04
CA PRO D 31 -0.91 15.56 -37.58
C PRO D 31 -1.23 14.48 -38.63
N TRP D 32 -0.36 13.49 -38.80
CA TRP D 32 -0.61 12.45 -39.80
C TRP D 32 -2.04 11.89 -39.81
N TYR D 33 -2.69 11.77 -38.65
CA TYR D 33 -4.07 11.23 -38.64
C TYR D 33 -5.29 12.14 -39.06
N ALA D 34 -5.09 13.45 -39.17
CA ALA D 34 -6.14 14.43 -39.66
C ALA D 34 -5.38 15.13 -40.84
N GLN D 35 -5.21 14.24 -41.84
CA GLN D 35 -4.53 14.25 -43.18
C GLN D 35 -4.75 12.84 -43.90
N GLU D 36 -4.18 12.74 -45.11
CA GLU D 36 -4.16 11.58 -46.03
C GLU D 36 -3.54 10.36 -45.38
N VAL D 37 -4.25 9.26 -45.48
CA VAL D 37 -3.77 8.03 -44.91
C VAL D 37 -4.09 6.98 -46.02
N LYS D 38 -3.33 5.88 -46.07
CA LYS D 38 -3.55 4.74 -47.01
C LYS D 38 -3.11 3.63 -46.07
N SER D 39 -3.91 2.58 -45.94
CA SER D 39 -3.64 1.51 -45.00
C SER D 39 -3.50 0.10 -45.56
N VAL D 40 -2.28 -0.41 -45.70
CA VAL D 40 -2.11 -1.77 -46.22
C VAL D 40 -1.92 -2.84 -45.15
N TYR D 41 -2.17 -4.09 -45.51
CA TYR D 41 -1.90 -5.16 -44.57
C TYR D 41 -0.40 -5.38 -44.77
N GLN D 42 0.35 -5.51 -43.67
CA GLN D 42 1.80 -5.71 -43.76
C GLN D 42 2.28 -6.89 -42.90
N ILE D 43 3.61 -7.05 -42.81
CA ILE D 43 4.26 -8.08 -41.97
C ILE D 43 5.47 -7.39 -41.35
N CYS D 44 5.67 -7.51 -40.04
CA CYS D 44 6.78 -6.81 -39.42
C CYS D 44 8.17 -7.43 -39.68
N GLU D 45 9.13 -6.62 -40.11
CA GLU D 45 10.50 -7.12 -40.32
C GLU D 45 11.32 -6.63 -39.11
N GLY D 46 10.69 -6.46 -37.96
CA GLY D 46 11.41 -6.00 -36.78
C GLY D 46 12.34 -7.06 -36.22
N CYS D 47 11.94 -8.30 -36.35
CA CYS D 47 12.76 -9.43 -35.93
C CYS D 47 12.15 -10.57 -36.73
N PHE D 48 12.50 -11.82 -36.47
CA PHE D 48 11.97 -12.94 -37.26
C PHE D 48 10.68 -13.57 -36.81
N TRP D 49 10.02 -12.92 -35.89
CA TRP D 49 8.76 -13.39 -35.41
C TRP D 49 7.72 -13.04 -36.49
N ARG D 50 8.06 -12.04 -37.32
CA ARG D 50 7.24 -11.54 -38.44
C ARG D 50 5.72 -11.45 -38.06
N CYS D 51 5.43 -10.58 -37.09
CA CYS D 51 4.05 -10.32 -36.62
C CYS D 51 3.27 -9.69 -37.79
N GLY D 52 1.97 -10.00 -37.91
CA GLY D 52 1.14 -9.44 -38.95
C GLY D 52 0.72 -8.05 -38.51
N ILE D 53 0.82 -7.06 -39.37
CA ILE D 53 0.51 -5.69 -38.98
C ILE D 53 -0.32 -4.92 -39.99
N VAL D 54 -0.75 -3.71 -39.61
CA VAL D 54 -1.43 -2.84 -40.56
C VAL D 54 -0.48 -1.62 -40.59
N ALA D 55 -0.17 -1.14 -41.78
CA ALA D 55 0.71 0.01 -41.95
C ALA D 55 -0.14 1.19 -42.46
N HIS D 56 0.01 2.35 -41.82
CA HIS D 56 -0.74 3.59 -42.15
C HIS D 56 0.23 4.65 -42.66
N ALA D 57 0.16 4.96 -43.94
CA ALA D 57 1.03 5.95 -44.56
C ALA D 57 0.24 7.18 -45.01
N VAL D 58 0.95 8.29 -45.17
CA VAL D 58 0.38 9.55 -45.64
C VAL D 58 1.47 9.92 -46.65
N GLY D 59 1.18 9.70 -47.93
CA GLY D 59 2.17 9.92 -48.97
C GLY D 59 3.12 8.71 -48.95
N ASN D 60 4.43 8.97 -48.92
CA ASN D 60 5.51 7.96 -48.88
C ASN D 60 6.19 7.96 -47.51
N ARG D 61 5.41 7.74 -46.46
CA ARG D 61 5.93 7.75 -45.11
C ARG D 61 4.89 7.01 -44.31
N VAL D 62 5.29 5.90 -43.72
CA VAL D 62 4.41 5.12 -42.88
C VAL D 62 4.61 5.78 -41.51
N TYR D 63 3.53 6.33 -40.94
CA TYR D 63 3.61 7.02 -39.63
C TYR D 63 3.32 6.13 -38.42
N LYS D 64 2.45 5.15 -38.59
CA LYS D 64 2.10 4.28 -37.49
C LYS D 64 1.90 2.88 -38.07
N VAL D 65 2.16 1.88 -37.25
CA VAL D 65 1.98 0.50 -37.64
C VAL D 65 1.18 -0.13 -36.48
N GLU D 66 0.32 -1.10 -36.75
CA GLU D 66 -0.50 -1.65 -35.68
C GLU D 66 -0.74 -3.14 -35.85
N GLY D 67 -0.89 -3.87 -34.76
CA GLY D 67 -1.18 -5.28 -34.85
C GLY D 67 -2.66 -5.39 -35.27
N TYR D 68 -3.14 -6.56 -35.65
CA TYR D 68 -4.56 -6.67 -35.97
C TYR D 68 -5.13 -8.01 -35.47
N GLU D 69 -6.33 -8.02 -34.87
CA GLU D 69 -6.86 -9.34 -34.45
C GLU D 69 -7.16 -10.00 -35.77
N ALA D 70 -7.13 -11.32 -35.80
CA ALA D 70 -7.34 -12.06 -37.04
C ALA D 70 -5.93 -12.42 -37.54
N ASN D 71 -4.93 -11.87 -36.85
CA ASN D 71 -3.57 -12.31 -37.13
C ASN D 71 -3.18 -13.00 -35.82
N PRO D 72 -3.01 -14.35 -35.86
CA PRO D 72 -2.64 -15.09 -34.64
C PRO D 72 -1.34 -14.68 -33.93
N LYS D 73 -0.49 -13.91 -34.59
CA LYS D 73 0.76 -13.49 -33.98
C LYS D 73 0.62 -12.15 -33.26
N SER D 74 0.14 -11.11 -33.93
CA SER D 74 -0.02 -9.86 -33.20
C SER D 74 -1.34 -9.63 -32.42
N ARG D 75 -2.44 -10.28 -32.83
CA ARG D 75 -3.81 -10.14 -32.23
C ARG D 75 -4.14 -8.78 -31.63
N GLY D 76 -3.90 -7.72 -32.42
CA GLY D 76 -4.16 -6.34 -32.00
C GLY D 76 -3.01 -5.60 -31.32
N ARG D 77 -2.05 -6.35 -30.77
CA ARG D 77 -0.93 -5.78 -30.03
C ARG D 77 0.40 -5.79 -30.79
N LEU D 78 1.41 -5.07 -30.29
CA LEU D 78 2.69 -5.01 -30.95
C LEU D 78 3.79 -4.77 -29.94
N CYS D 79 5.04 -5.16 -30.22
CA CYS D 79 6.07 -4.89 -29.23
C CYS D 79 6.70 -3.52 -29.54
N PRO D 80 7.65 -3.05 -28.69
CA PRO D 80 8.29 -1.74 -28.93
C PRO D 80 9.03 -1.59 -30.26
N ARG D 81 9.79 -2.63 -30.62
CA ARG D 81 10.56 -2.69 -31.85
C ARG D 81 9.65 -2.67 -33.10
N GLY D 82 8.50 -3.32 -33.02
CA GLY D 82 7.59 -3.30 -34.14
C GLY D 82 7.06 -1.89 -34.36
N GLN D 83 6.80 -1.19 -33.25
CA GLN D 83 6.25 0.18 -33.34
C GLN D 83 7.28 1.16 -33.89
N GLY D 84 8.55 0.94 -33.55
CA GLY D 84 9.62 1.82 -33.99
C GLY D 84 10.36 1.38 -35.24
N ALA D 85 10.13 0.14 -35.67
CA ALA D 85 10.75 -0.45 -36.86
C ALA D 85 10.62 0.45 -38.09
N PRO D 86 9.47 1.12 -38.29
CA PRO D 86 9.38 1.98 -39.47
C PRO D 86 10.51 3.03 -39.69
N GLN D 87 11.14 3.49 -38.61
CA GLN D 87 12.16 4.54 -38.75
C GLN D 87 13.28 4.28 -39.73
N THR D 88 13.75 3.04 -39.85
CA THR D 88 14.85 2.79 -40.77
C THR D 88 14.59 3.26 -42.20
N THR D 89 13.37 3.16 -42.66
CA THR D 89 12.99 3.66 -43.98
C THR D 89 13.23 5.19 -44.09
N TYR D 90 12.99 5.91 -42.99
CA TYR D 90 13.16 7.36 -42.94
C TYR D 90 14.41 7.74 -42.15
N ASP D 91 15.42 6.90 -42.27
CA ASP D 91 16.70 7.14 -41.62
C ASP D 91 17.56 7.94 -42.63
N PRO D 92 18.21 9.06 -42.22
CA PRO D 92 19.01 9.68 -43.27
C PRO D 92 19.99 8.47 -43.45
N ASP D 93 21.23 8.52 -42.99
CA ASP D 93 22.16 7.36 -43.05
C ASP D 93 21.81 6.01 -43.82
N ARG D 94 20.54 5.68 -44.07
CA ARG D 94 20.19 4.44 -44.82
C ARG D 94 20.86 4.37 -46.22
N LEU D 95 21.03 3.16 -46.77
CA LEU D 95 21.65 3.01 -48.10
C LEU D 95 20.70 3.38 -49.21
N LYS D 96 21.22 4.13 -50.18
CA LYS D 96 20.43 4.67 -51.27
C LYS D 96 20.54 4.20 -52.73
N ARG D 97 21.77 3.90 -53.15
CA ARG D 97 22.11 3.49 -54.52
C ARG D 97 23.18 2.41 -54.49
N PRO D 98 23.28 1.55 -55.53
CA PRO D 98 24.33 0.53 -55.49
C PRO D 98 25.72 1.21 -55.40
N LEU D 99 26.73 0.49 -54.90
CA LEU D 99 28.12 1.01 -54.78
C LEU D 99 29.18 -0.04 -55.14
N ILE D 100 30.26 0.37 -55.80
CA ILE D 100 31.30 -0.59 -56.13
C ILE D 100 32.62 -0.11 -55.56
N ARG D 101 33.31 -1.05 -54.92
CA ARG D 101 34.60 -0.77 -54.32
C ARG D 101 35.50 -0.19 -55.40
N VAL D 102 36.21 0.89 -55.05
CA VAL D 102 37.15 1.57 -55.93
C VAL D 102 38.33 0.63 -56.22
N GLU D 103 38.55 0.25 -57.48
CA GLU D 103 39.65 -0.68 -57.77
C GLU D 103 40.99 -0.18 -57.24
N GLY D 104 41.77 -1.10 -56.69
CA GLY D 104 43.05 -0.75 -56.12
C GLY D 104 42.97 -0.52 -54.63
N SER D 105 41.78 -0.22 -54.11
CA SER D 105 41.68 -0.02 -52.68
C SER D 105 41.31 -1.28 -51.93
N GLN D 106 41.93 -1.31 -50.75
CA GLN D 106 41.88 -2.33 -49.73
C GLN D 106 40.48 -2.50 -49.10
N ARG D 107 40.02 -3.75 -48.97
CA ARG D 107 38.69 -4.04 -48.41
C ARG D 107 38.44 -3.28 -47.08
N GLY D 108 39.38 -3.31 -46.15
CA GLY D 108 39.17 -2.49 -44.97
C GLY D 108 38.64 -1.08 -45.33
N GLU D 109 39.49 -0.20 -45.91
CA GLU D 109 39.20 1.21 -46.35
C GLU D 109 37.77 1.42 -46.82
N GLY D 110 37.29 2.65 -46.90
CA GLY D 110 35.90 2.82 -47.29
C GLY D 110 35.57 3.46 -48.60
N LYS D 111 36.44 3.25 -49.57
CA LYS D 111 36.26 3.88 -50.87
C LYS D 111 35.42 3.08 -51.86
N TYR D 112 34.29 3.71 -52.20
CA TYR D 112 33.29 3.18 -53.10
C TYR D 112 32.92 4.23 -54.13
N ARG D 113 32.31 3.78 -55.22
CA ARG D 113 31.82 4.70 -56.23
C ARG D 113 30.42 4.28 -56.60
N VAL D 114 29.53 5.25 -56.83
CA VAL D 114 28.18 4.84 -57.14
C VAL D 114 28.03 4.25 -58.55
N ALA D 115 27.37 3.10 -58.53
CA ALA D 115 27.14 2.31 -59.71
C ALA D 115 25.68 2.30 -60.06
N THR D 116 25.42 1.65 -61.17
CA THR D 116 24.09 1.55 -61.70
C THR D 116 23.59 0.18 -61.26
N TRP D 117 22.29 -0.03 -61.18
CA TRP D 117 21.85 -1.35 -60.77
C TRP D 117 22.38 -2.37 -61.76
N GLU D 118 22.43 -1.96 -63.02
CA GLU D 118 22.89 -2.78 -64.12
C GLU D 118 24.40 -3.04 -64.07
N GLU D 119 25.16 -2.00 -63.82
CA GLU D 119 26.59 -2.19 -63.79
C GLU D 119 27.00 -3.06 -62.59
N ALA D 120 26.33 -2.89 -61.44
CA ALA D 120 26.59 -3.68 -60.23
C ALA D 120 26.23 -5.15 -60.43
N LEU D 121 25.06 -5.42 -61.00
CA LEU D 121 24.64 -6.80 -61.21
C LEU D 121 25.56 -7.55 -62.21
N ASP D 122 26.12 -6.84 -63.20
CA ASP D 122 27.02 -7.42 -64.19
C ASP D 122 28.40 -7.71 -63.59
N HIS D 123 28.86 -6.76 -62.79
CA HIS D 123 30.14 -6.89 -62.10
C HIS D 123 30.14 -8.16 -61.21
N ILE D 124 29.03 -8.39 -60.49
CA ILE D 124 28.83 -9.55 -59.60
C ILE D 124 28.73 -10.88 -60.38
N ALA D 125 27.91 -10.90 -61.42
CA ALA D 125 27.74 -12.09 -62.24
C ALA D 125 29.07 -12.46 -62.94
N LYS D 126 29.87 -11.44 -63.29
CA LYS D 126 31.17 -11.64 -63.94
C LYS D 126 32.10 -12.40 -62.98
N LYS D 127 32.35 -11.83 -61.80
CA LYS D 127 33.18 -12.41 -60.75
C LYS D 127 32.77 -13.82 -60.25
N MET D 128 31.46 -14.05 -60.18
CA MET D 128 30.87 -15.31 -59.73
C MET D 128 31.17 -16.41 -60.77
N LEU D 129 30.97 -16.09 -62.05
CA LEU D 129 31.26 -17.08 -63.10
C LEU D 129 32.77 -17.35 -63.18
N GLU D 130 33.63 -16.35 -62.99
CA GLU D 130 35.08 -16.59 -62.98
C GLU D 130 35.39 -17.71 -61.94
N ILE D 131 34.96 -17.50 -60.69
CA ILE D 131 35.08 -18.46 -59.57
C ILE D 131 34.43 -19.82 -59.93
N ARG D 132 33.25 -19.79 -60.56
CA ARG D 132 32.60 -21.03 -60.94
C ARG D 132 33.46 -21.79 -61.94
N GLU D 133 33.91 -21.10 -62.99
CA GLU D 133 34.70 -21.77 -64.01
C GLU D 133 36.19 -22.04 -63.63
N LYS D 134 36.57 -21.76 -62.37
CA LYS D 134 37.94 -22.00 -61.87
C LYS D 134 38.03 -22.91 -60.63
N TYR D 135 36.98 -22.86 -59.81
CA TYR D 135 36.85 -23.60 -58.57
C TYR D 135 35.57 -24.44 -58.40
N GLY D 136 34.53 -24.10 -59.15
CA GLY D 136 33.26 -24.78 -58.98
C GLY D 136 32.28 -23.86 -58.25
N PRO D 137 30.96 -24.13 -58.31
CA PRO D 137 29.95 -23.29 -57.62
C PRO D 137 30.10 -23.23 -56.09
N GLU D 138 30.35 -24.40 -55.49
CA GLU D 138 30.54 -24.61 -54.05
C GLU D 138 31.61 -23.70 -53.45
N ALA D 139 32.31 -22.95 -54.27
CA ALA D 139 33.30 -22.05 -53.74
C ALA D 139 32.67 -20.68 -53.44
N ILE D 140 31.36 -20.52 -53.63
CA ILE D 140 30.71 -19.27 -53.21
C ILE D 140 29.78 -19.64 -52.04
N ALA D 141 29.97 -18.92 -50.93
CA ALA D 141 29.18 -19.11 -49.73
C ALA D 141 28.12 -18.01 -49.65
N PHE D 142 26.94 -18.43 -49.21
CA PHE D 142 25.77 -17.58 -49.07
C PHE D 142 25.28 -17.48 -47.61
N PHE D 143 25.55 -16.35 -46.95
CA PHE D 143 25.11 -16.14 -45.58
C PHE D 143 23.93 -15.22 -45.59
N GLY D 144 22.89 -15.56 -44.85
CA GLY D 144 21.74 -14.69 -44.82
C GLY D 144 20.78 -14.81 -43.66
N HIS D 145 19.95 -13.78 -43.53
CA HIS D 145 18.94 -13.71 -42.50
C HIS D 145 17.79 -12.80 -42.99
N GLY D 146 16.60 -12.89 -42.38
CA GLY D 146 15.47 -12.07 -42.82
C GLY D 146 14.50 -12.80 -43.75
N THR D 147 13.37 -12.17 -44.08
CA THR D 147 12.39 -12.80 -44.96
C THR D 147 12.95 -13.10 -46.35
N GLY D 148 13.77 -12.16 -46.83
CA GLY D 148 14.40 -12.25 -48.13
C GLY D 148 15.42 -13.38 -48.26
N ASP D 149 15.82 -13.95 -47.12
CA ASP D 149 16.79 -15.05 -47.13
C ASP D 149 16.24 -16.33 -47.73
N TYR D 150 14.97 -16.31 -48.15
CA TYR D 150 14.45 -17.46 -48.86
C TYR D 150 15.19 -17.38 -50.22
N TRP D 151 15.32 -16.18 -50.77
CA TRP D 151 16.01 -16.01 -52.04
C TRP D 151 17.53 -16.19 -51.90
N PHE D 152 18.17 -15.44 -51.01
CA PHE D 152 19.62 -15.54 -50.88
C PHE D 152 20.26 -16.65 -50.04
N VAL D 153 19.46 -17.53 -49.46
CA VAL D 153 20.04 -18.64 -48.71
C VAL D 153 19.40 -19.97 -49.10
N ASP D 154 18.07 -20.06 -49.23
CA ASP D 154 17.43 -21.34 -49.52
C ASP D 154 17.14 -21.79 -50.94
N PHE D 155 17.21 -20.86 -51.88
CA PHE D 155 16.77 -21.21 -53.20
C PHE D 155 17.85 -20.92 -54.24
N LEU D 156 18.26 -19.65 -54.27
CA LEU D 156 19.27 -19.17 -55.19
C LEU D 156 20.62 -19.89 -55.08
N PRO D 157 21.09 -20.19 -53.85
CA PRO D 157 22.39 -20.91 -53.78
C PRO D 157 22.19 -22.38 -54.21
N ALA D 158 20.97 -22.89 -54.12
CA ALA D 158 20.69 -24.28 -54.50
C ALA D 158 20.46 -24.47 -56.01
N ALA D 159 20.12 -23.36 -56.68
CA ALA D 159 19.92 -23.31 -58.13
C ALA D 159 21.31 -23.28 -58.75
N TRP D 160 22.20 -22.57 -58.07
CA TRP D 160 23.59 -22.38 -58.46
C TRP D 160 24.49 -23.50 -57.98
N GLY D 161 23.93 -24.45 -57.27
CA GLY D 161 24.73 -25.56 -56.81
C GLY D 161 25.79 -25.40 -55.71
N SER D 162 25.63 -24.46 -54.79
CA SER D 162 26.57 -24.32 -53.65
C SER D 162 25.92 -24.93 -52.41
N PRO D 163 26.63 -25.78 -51.66
CA PRO D 163 25.97 -26.31 -50.48
C PRO D 163 26.33 -25.44 -49.25
N ASN D 164 27.16 -24.42 -49.46
CA ASN D 164 27.64 -23.57 -48.39
C ASN D 164 26.81 -22.31 -48.11
N ALA D 165 25.52 -22.56 -47.88
CA ALA D 165 24.51 -21.55 -47.57
C ALA D 165 24.21 -21.67 -46.05
N ALA D 166 24.26 -20.55 -45.32
CA ALA D 166 24.09 -20.60 -43.87
C ALA D 166 23.36 -19.42 -43.22
N LYS D 167 22.60 -19.68 -42.17
CA LYS D 167 21.88 -18.62 -41.43
C LYS D 167 22.41 -18.62 -40.00
N PRO D 168 22.56 -17.45 -39.36
CA PRO D 168 23.07 -17.52 -37.97
C PRO D 168 22.03 -18.07 -36.97
N SER D 169 20.75 -18.05 -37.34
CA SER D 169 19.68 -18.58 -36.48
C SER D 169 19.78 -20.10 -36.26
N VAL D 170 20.76 -20.72 -36.92
CA VAL D 170 20.99 -22.16 -36.77
C VAL D 170 22.17 -22.42 -35.80
N SER D 171 23.42 -22.35 -36.27
CA SER D 171 24.53 -22.64 -35.37
C SER D 171 24.88 -21.55 -34.35
N LEU D 172 24.26 -20.37 -34.46
CA LEU D 172 24.46 -19.33 -33.46
C LEU D 172 23.21 -19.07 -32.60
N CYS D 173 22.25 -19.98 -32.65
CA CYS D 173 21.04 -19.84 -31.87
C CYS D 173 20.39 -21.16 -31.50
N THR D 174 19.66 -21.63 -32.47
CA THR D 174 18.74 -22.72 -32.37
C THR D 174 19.12 -24.18 -32.61
N ALA D 175 20.26 -24.37 -33.27
CA ALA D 175 20.69 -25.69 -33.64
C ALA D 175 20.70 -26.77 -32.57
N PRO D 176 21.14 -26.47 -31.34
CA PRO D 176 21.11 -27.57 -30.37
C PRO D 176 19.70 -28.08 -30.01
N ARG D 177 18.71 -27.19 -30.07
CA ARG D 177 17.36 -27.59 -29.71
C ARG D 177 16.66 -28.27 -30.89
N GLU D 178 16.97 -27.86 -32.13
CA GLU D 178 16.35 -28.51 -33.28
C GLU D 178 16.93 -29.93 -33.48
N VAL D 179 18.22 -30.10 -33.22
CA VAL D 179 18.81 -31.43 -33.35
C VAL D 179 18.14 -32.32 -32.30
N ALA D 180 18.16 -31.89 -31.04
CA ALA D 180 17.54 -32.62 -29.92
C ALA D 180 16.06 -32.95 -30.10
N SER D 181 15.30 -32.03 -30.68
CA SER D 181 13.87 -32.23 -30.94
C SER D 181 13.61 -33.15 -32.12
N GLN D 182 14.54 -33.18 -33.08
CA GLN D 182 14.39 -34.10 -34.21
C GLN D 182 14.75 -35.53 -33.74
N TRP D 183 15.58 -35.65 -32.71
CA TRP D 183 15.99 -36.95 -32.19
C TRP D 183 14.94 -37.62 -31.28
N VAL D 184 14.35 -36.81 -30.41
CA VAL D 184 13.32 -37.19 -29.45
C VAL D 184 11.81 -37.35 -29.88
N PHE D 185 11.28 -36.54 -30.79
CA PHE D 185 9.92 -36.56 -31.25
C PHE D 185 10.43 -36.71 -32.65
N GLY D 186 9.69 -36.58 -33.71
CA GLY D 186 10.48 -36.57 -34.91
C GLY D 186 10.17 -35.22 -35.52
N ARG D 187 10.13 -34.18 -34.70
CA ARG D 187 9.72 -32.89 -35.19
C ARG D 187 10.57 -31.73 -34.74
N PRO D 188 10.40 -30.59 -35.40
CA PRO D 188 11.07 -29.32 -35.17
C PRO D 188 10.40 -28.59 -33.95
N ILE D 189 11.09 -27.67 -33.29
CA ILE D 189 10.42 -26.87 -32.25
C ILE D 189 9.95 -25.71 -33.15
N GLY D 190 10.85 -25.19 -33.98
CA GLY D 190 10.44 -24.18 -34.92
C GLY D 190 10.39 -22.72 -34.56
N GLY D 191 9.94 -21.92 -35.51
CA GLY D 191 9.90 -20.48 -35.33
C GLY D 191 9.01 -19.88 -34.27
N HIS D 192 7.77 -20.32 -34.22
CA HIS D 192 6.78 -19.83 -33.28
C HIS D 192 6.62 -21.05 -32.42
N GLU D 193 7.39 -21.15 -31.34
CA GLU D 193 7.33 -22.39 -30.60
C GLU D 193 6.01 -22.76 -29.96
N PRO D 194 5.60 -24.04 -30.19
CA PRO D 194 4.35 -24.65 -29.73
C PRO D 194 4.08 -24.97 -28.28
N ILE D 195 4.13 -23.94 -27.45
CA ILE D 195 3.86 -24.05 -26.03
C ILE D 195 2.40 -23.60 -25.82
N ASP D 196 1.60 -24.48 -25.22
CA ASP D 196 0.20 -24.18 -24.96
C ASP D 196 0.21 -23.38 -23.64
N TRP D 197 0.69 -22.15 -23.73
CA TRP D 197 0.80 -21.23 -22.60
C TRP D 197 -0.48 -21.01 -21.78
N GLU D 198 -1.63 -20.83 -22.44
CA GLU D 198 -2.89 -20.55 -21.75
C GLU D 198 -3.40 -21.54 -20.71
N ASN D 199 -3.12 -22.83 -20.91
CA ASN D 199 -3.56 -23.86 -19.97
C ASN D 199 -2.43 -24.38 -19.05
N ALA D 200 -1.24 -23.78 -19.14
CA ALA D 200 -0.11 -24.21 -18.30
C ALA D 200 -0.35 -23.73 -16.87
N ARG D 201 0.04 -24.56 -15.93
CA ARG D 201 -0.22 -24.27 -14.53
C ARG D 201 1.07 -24.11 -13.76
N TYR D 202 2.15 -24.54 -14.40
CA TYR D 202 3.48 -24.52 -13.80
C TYR D 202 4.48 -24.40 -14.94
N ILE D 203 5.20 -23.29 -14.98
CA ILE D 203 6.14 -23.04 -16.06
C ILE D 203 7.59 -22.95 -15.53
N VAL D 204 8.50 -23.77 -16.07
CA VAL D 204 9.92 -23.70 -15.66
C VAL D 204 10.77 -23.13 -16.83
N LEU D 205 11.44 -22.01 -16.55
CA LEU D 205 12.29 -21.30 -17.50
C LEU D 205 13.78 -21.44 -17.22
N ILE D 206 14.48 -22.12 -18.11
CA ILE D 206 15.92 -22.30 -17.99
C ILE D 206 16.49 -21.37 -19.09
N GLY D 207 16.99 -20.20 -18.68
CA GLY D 207 17.48 -19.17 -19.59
C GLY D 207 16.16 -18.48 -19.90
N HIS D 208 15.82 -18.32 -21.17
CA HIS D 208 14.50 -17.80 -21.57
C HIS D 208 14.09 -16.48 -20.91
N HIS D 209 14.91 -15.45 -21.01
CA HIS D 209 14.61 -14.16 -20.41
C HIS D 209 13.42 -13.37 -21.00
N ILE D 210 12.20 -13.95 -20.97
CA ILE D 210 10.97 -13.32 -21.50
C ILE D 210 10.77 -11.90 -20.89
N GLY D 211 10.32 -10.91 -21.66
CA GLY D 211 10.19 -9.55 -21.14
C GLY D 211 11.41 -8.73 -21.55
N GLU D 212 12.53 -9.40 -21.80
CA GLU D 212 13.78 -8.77 -22.31
C GLU D 212 13.76 -9.18 -23.78
N ASP D 213 13.52 -10.48 -23.97
CA ASP D 213 13.25 -11.11 -25.27
C ASP D 213 11.77 -10.69 -25.31
N THR D 214 11.48 -9.84 -26.28
CA THR D 214 10.21 -9.20 -26.41
C THR D 214 9.39 -9.67 -27.66
N HIS D 215 9.58 -10.95 -27.99
CA HIS D 215 8.82 -11.59 -29.10
C HIS D 215 7.37 -11.39 -28.67
N ASN D 216 6.60 -10.81 -29.56
CA ASN D 216 5.21 -10.42 -29.30
C ASN D 216 4.19 -11.42 -28.75
N THR D 217 3.85 -12.47 -29.48
CA THR D 217 2.88 -13.42 -28.98
C THR D 217 3.34 -14.14 -27.73
N GLN D 218 4.65 -14.27 -27.57
CA GLN D 218 5.20 -15.00 -26.43
C GLN D 218 5.01 -14.24 -25.13
N LEU D 219 5.13 -12.93 -25.23
CA LEU D 219 4.98 -12.07 -24.10
C LEU D 219 3.47 -12.02 -23.73
N GLN D 220 2.59 -11.95 -24.73
CA GLN D 220 1.14 -11.95 -24.50
C GLN D 220 0.71 -13.26 -23.82
N ASP D 221 1.30 -14.36 -24.28
CA ASP D 221 0.99 -15.68 -23.76
C ASP D 221 1.53 -15.91 -22.36
N PHE D 222 2.66 -15.29 -22.08
CA PHE D 222 3.27 -15.41 -20.79
C PHE D 222 2.48 -14.53 -19.79
N ALA D 223 2.08 -13.35 -20.24
CA ALA D 223 1.34 -12.44 -19.37
C ALA D 223 0.00 -13.05 -18.97
N LEU D 224 -0.67 -13.59 -19.95
CA LEU D 224 -1.95 -14.25 -19.78
C LEU D 224 -1.84 -15.38 -18.77
N ALA D 225 -0.81 -16.21 -18.91
CA ALA D 225 -0.61 -17.34 -18.00
C ALA D 225 -0.30 -16.90 -16.57
N LEU D 226 0.30 -15.72 -16.44
CA LEU D 226 0.56 -15.19 -15.10
C LEU D 226 -0.80 -14.79 -14.55
N LYS D 227 -1.61 -14.16 -15.41
CA LYS D 227 -2.96 -13.72 -15.04
C LYS D 227 -3.89 -14.89 -14.60
N ASN D 228 -3.85 -16.04 -15.29
CA ASN D 228 -4.68 -17.21 -14.94
C ASN D 228 -4.16 -18.00 -13.73
N GLY D 229 -3.20 -17.45 -13.00
CA GLY D 229 -2.66 -18.11 -11.83
C GLY D 229 -1.51 -19.08 -12.01
N ALA D 230 -0.88 -19.08 -13.18
CA ALA D 230 0.21 -20.05 -13.45
C ALA D 230 1.44 -19.69 -12.65
N LYS D 231 2.23 -20.62 -12.21
CA LYS D 231 3.33 -20.42 -11.38
C LYS D 231 4.63 -20.52 -12.24
N VAL D 232 5.60 -19.62 -12.09
CA VAL D 232 6.82 -19.59 -12.86
C VAL D 232 8.09 -19.83 -12.02
N VAL D 233 9.03 -20.62 -12.54
CA VAL D 233 10.31 -20.86 -11.87
C VAL D 233 11.35 -20.48 -12.91
N VAL D 234 12.23 -19.56 -12.56
CA VAL D 234 13.25 -19.13 -13.49
C VAL D 234 14.60 -19.67 -12.99
N VAL D 235 15.35 -20.35 -13.87
CA VAL D 235 16.69 -20.91 -13.54
C VAL D 235 17.62 -20.04 -14.39
N ASP D 236 18.53 -19.33 -13.72
CA ASP D 236 19.34 -18.34 -14.43
C ASP D 236 20.26 -17.67 -13.38
N PRO D 237 21.56 -17.47 -13.69
CA PRO D 237 22.47 -16.82 -12.72
C PRO D 237 22.20 -15.31 -12.54
N ARG D 238 21.31 -14.77 -13.34
CA ARG D 238 20.99 -13.34 -13.31
C ARG D 238 19.53 -13.12 -12.88
N PHE D 239 19.22 -12.15 -12.02
CA PHE D 239 17.80 -11.90 -11.69
C PHE D 239 17.30 -11.09 -12.83
N SER D 240 16.62 -11.68 -13.73
CA SER D 240 16.22 -11.04 -14.93
C SER D 240 14.70 -10.58 -14.77
N THR D 241 14.13 -9.96 -15.80
CA THR D 241 12.72 -9.60 -15.88
C THR D 241 11.73 -10.77 -15.64
N ALA D 242 12.03 -11.93 -16.24
CA ALA D 242 11.17 -13.10 -16.07
C ALA D 242 11.30 -13.64 -14.64
N ALA D 243 12.49 -13.49 -14.05
CA ALA D 243 12.70 -13.90 -12.67
C ALA D 243 11.93 -12.91 -11.78
N ALA D 244 11.82 -11.65 -12.19
CA ALA D 244 11.06 -10.66 -11.40
C ALA D 244 9.57 -11.04 -11.26
N LYS D 245 9.06 -11.92 -12.12
CA LYS D 245 7.65 -12.32 -12.13
C LYS D 245 7.41 -13.75 -11.66
N ALA D 246 8.50 -14.36 -11.24
CA ALA D 246 8.56 -15.75 -10.86
C ALA D 246 8.32 -16.09 -9.41
N HIS D 247 7.82 -17.29 -9.14
CA HIS D 247 7.54 -17.67 -7.79
C HIS D 247 8.78 -18.27 -7.15
N ARG D 248 9.71 -18.77 -7.97
CA ARG D 248 11.00 -19.26 -7.47
C ARG D 248 12.08 -18.84 -8.48
N TRP D 249 13.21 -18.34 -7.97
CA TRP D 249 14.35 -17.98 -8.81
C TRP D 249 15.48 -18.91 -8.38
N LEU D 250 16.03 -19.74 -9.27
CA LEU D 250 17.16 -20.57 -8.83
C LEU D 250 18.42 -19.92 -9.42
N PRO D 251 19.23 -19.25 -8.58
CA PRO D 251 20.41 -18.64 -9.21
C PRO D 251 21.55 -19.63 -9.48
N ILE D 252 21.35 -20.45 -10.49
CA ILE D 252 22.27 -21.50 -10.86
C ILE D 252 23.68 -21.06 -11.24
N LYS D 253 24.65 -21.91 -10.95
CA LYS D 253 26.01 -21.62 -11.33
C LYS D 253 26.10 -21.83 -12.83
N PRO D 254 26.65 -20.86 -13.56
CA PRO D 254 26.72 -21.04 -15.02
C PRO D 254 27.37 -22.32 -15.56
N GLY D 255 26.72 -22.87 -16.61
CA GLY D 255 27.13 -24.07 -17.34
C GLY D 255 26.83 -25.40 -16.70
N THR D 256 25.98 -25.34 -15.69
CA THR D 256 25.60 -26.39 -14.76
C THR D 256 24.13 -26.90 -14.83
N ASP D 257 23.40 -26.39 -15.81
CA ASP D 257 22.00 -26.71 -16.04
C ASP D 257 21.68 -28.17 -16.30
N THR D 258 22.63 -28.87 -16.91
CA THR D 258 22.43 -30.28 -17.23
C THR D 258 22.45 -31.12 -15.99
N ALA D 259 23.25 -30.72 -15.01
CA ALA D 259 23.29 -31.44 -13.76
C ALA D 259 21.93 -31.28 -13.06
N LEU D 260 21.34 -30.09 -13.12
CA LEU D 260 20.02 -29.85 -12.51
C LEU D 260 18.95 -30.73 -13.18
N LEU D 261 18.96 -30.77 -14.52
CA LEU D 261 17.95 -31.50 -15.30
C LEU D 261 18.01 -33.03 -15.12
N LEU D 262 19.23 -33.55 -15.00
CA LEU D 262 19.45 -34.97 -14.74
C LEU D 262 18.89 -35.28 -13.33
N ALA D 263 19.08 -34.39 -12.35
CA ALA D 263 18.56 -34.63 -11.00
C ALA D 263 17.02 -34.52 -10.99
N TRP D 264 16.47 -33.80 -11.95
CA TRP D 264 15.02 -33.76 -12.03
C TRP D 264 14.55 -35.07 -12.68
N ILE D 265 15.24 -35.58 -13.70
CA ILE D 265 14.84 -36.86 -14.31
C ILE D 265 14.90 -37.97 -13.25
N HIS D 266 15.91 -37.90 -12.38
CA HIS D 266 16.04 -38.85 -11.30
C HIS D 266 14.91 -38.72 -10.24
N VAL D 267 14.54 -37.51 -9.82
CA VAL D 267 13.42 -37.46 -8.88
C VAL D 267 12.11 -37.91 -9.58
N LEU D 268 11.90 -37.51 -10.84
CA LEU D 268 10.69 -37.95 -11.54
C LEU D 268 10.61 -39.49 -11.69
N ILE D 269 11.74 -40.16 -11.90
CA ILE D 269 11.72 -41.61 -12.06
C ILE D 269 11.80 -42.36 -10.75
N TYR D 270 12.83 -42.07 -9.95
CA TYR D 270 13.00 -42.76 -8.69
C TYR D 270 11.97 -42.50 -7.60
N GLU D 271 11.29 -41.36 -7.63
CA GLU D 271 10.22 -41.14 -6.66
C GLU D 271 8.92 -41.54 -7.35
N ASP D 272 9.05 -41.97 -8.59
CA ASP D 272 7.91 -42.48 -9.32
C ASP D 272 6.78 -41.50 -9.54
N LEU D 273 7.12 -40.34 -10.07
CA LEU D 273 6.14 -39.30 -10.27
C LEU D 273 5.76 -39.07 -11.73
N TYR D 274 6.43 -39.75 -12.65
CA TYR D 274 6.14 -39.56 -14.07
C TYR D 274 4.81 -40.16 -14.50
N ASP D 275 4.40 -39.78 -15.71
CA ASP D 275 3.16 -40.23 -16.32
C ASP D 275 3.44 -41.59 -16.98
N LYS D 276 3.01 -42.68 -16.34
CA LYS D 276 3.34 -44.00 -16.89
C LYS D 276 2.72 -44.42 -18.19
N GLU D 277 1.46 -44.12 -18.38
CA GLU D 277 0.90 -44.59 -19.62
C GLU D 277 1.35 -43.78 -20.82
N TYR D 278 1.72 -42.53 -20.58
CA TYR D 278 2.25 -41.69 -21.64
C TYR D 278 3.58 -42.34 -21.95
N VAL D 279 4.38 -42.61 -20.93
CA VAL D 279 5.64 -43.26 -21.23
C VAL D 279 5.29 -44.56 -21.99
N ALA D 280 4.57 -45.49 -21.36
CA ALA D 280 4.17 -46.77 -21.99
C ALA D 280 3.60 -46.72 -23.42
N LYS D 281 2.83 -45.70 -23.78
CA LYS D 281 2.31 -45.71 -25.13
C LYS D 281 2.90 -44.85 -26.25
N TYR D 282 3.69 -43.82 -25.94
CA TYR D 282 4.21 -42.97 -27.03
C TYR D 282 5.71 -42.87 -27.07
N THR D 283 6.31 -43.73 -26.27
CA THR D 283 7.73 -43.75 -26.03
C THR D 283 8.39 -45.09 -26.28
N VAL D 284 9.66 -45.03 -26.63
CA VAL D 284 10.46 -46.21 -26.92
C VAL D 284 11.84 -46.02 -26.26
N GLY D 285 12.28 -47.00 -25.47
CA GLY D 285 13.59 -46.90 -24.85
C GLY D 285 13.84 -46.24 -23.49
N PHE D 286 12.84 -46.07 -22.62
CA PHE D 286 13.08 -45.43 -21.29
C PHE D 286 13.82 -46.30 -20.28
N GLU D 287 13.91 -47.59 -20.58
CA GLU D 287 14.54 -48.62 -19.72
C GLU D 287 16.02 -48.54 -19.75
N GLU D 288 16.42 -47.41 -20.28
CA GLU D 288 17.80 -47.06 -20.47
C GLU D 288 17.93 -45.76 -19.71
N LEU D 289 16.91 -44.91 -19.71
CA LEU D 289 17.04 -43.64 -18.99
C LEU D 289 17.12 -43.83 -17.48
N LYS D 290 16.37 -44.77 -16.93
CA LYS D 290 16.38 -44.99 -15.47
C LYS D 290 17.73 -45.43 -14.90
N ALA D 291 18.41 -46.31 -15.62
CA ALA D 291 19.72 -46.82 -15.22
C ALA D 291 20.81 -45.76 -15.36
N HIS D 292 20.68 -44.93 -16.40
CA HIS D 292 21.63 -43.87 -16.69
C HIS D 292 21.68 -42.84 -15.57
N VAL D 293 20.51 -42.49 -15.07
CA VAL D 293 20.34 -41.45 -14.10
C VAL D 293 20.42 -41.87 -12.63
N LYS D 294 20.80 -43.11 -12.43
CA LYS D 294 20.84 -43.69 -11.10
C LYS D 294 21.56 -42.93 -9.99
N ASP D 295 22.74 -42.43 -10.30
CA ASP D 295 23.58 -41.70 -9.37
C ASP D 295 23.43 -40.16 -9.42
N PHE D 296 22.56 -39.67 -10.33
CA PHE D 296 22.34 -38.22 -10.54
C PHE D 296 21.23 -37.72 -9.67
N THR D 297 21.65 -37.54 -8.46
CA THR D 297 20.91 -37.18 -7.32
C THR D 297 20.80 -35.71 -6.94
N PRO D 298 19.71 -35.31 -6.28
CA PRO D 298 19.61 -33.91 -5.88
C PRO D 298 20.84 -33.50 -5.02
N GLU D 299 21.58 -34.44 -4.45
CA GLU D 299 22.76 -34.09 -3.65
C GLU D 299 24.00 -34.01 -4.56
N TRP D 300 24.03 -34.85 -5.59
CA TRP D 300 25.11 -34.84 -6.58
C TRP D 300 24.96 -33.50 -7.35
N ALA D 301 23.75 -33.23 -7.86
CA ALA D 301 23.43 -31.98 -8.57
C ALA D 301 23.74 -30.74 -7.71
N GLU D 302 23.45 -30.80 -6.43
CA GLU D 302 23.72 -29.65 -5.58
C GLU D 302 25.20 -29.24 -5.48
N LYS D 303 26.10 -30.22 -5.56
CA LYS D 303 27.54 -29.92 -5.49
C LYS D 303 28.00 -29.00 -6.62
N HIS D 304 27.51 -29.32 -7.81
CA HIS D 304 27.87 -28.65 -9.04
C HIS D 304 27.11 -27.38 -9.40
N THR D 305 25.88 -27.42 -8.97
CA THR D 305 24.84 -26.46 -9.26
C THR D 305 24.71 -25.29 -8.30
N GLU D 306 24.96 -25.62 -7.04
CA GLU D 306 24.85 -24.74 -5.90
C GLU D 306 23.38 -24.48 -5.57
N ILE D 307 22.45 -25.21 -6.21
CA ILE D 307 21.03 -25.09 -5.89
C ILE D 307 20.85 -26.15 -4.78
N PRO D 308 20.30 -25.76 -3.61
CA PRO D 308 20.14 -26.74 -2.53
C PRO D 308 19.27 -27.95 -2.89
N ALA D 309 19.74 -29.13 -2.50
CA ALA D 309 19.10 -30.43 -2.78
C ALA D 309 17.62 -30.42 -2.55
N GLN D 310 17.25 -29.73 -1.50
CA GLN D 310 15.88 -29.63 -1.12
C GLN D 310 15.04 -28.83 -2.13
N VAL D 311 15.58 -27.73 -2.67
CA VAL D 311 14.84 -26.92 -3.66
C VAL D 311 14.74 -27.66 -4.98
N ILE D 312 15.75 -28.46 -5.28
CA ILE D 312 15.80 -29.29 -6.47
C ILE D 312 14.68 -30.34 -6.42
N ARG D 313 14.55 -30.96 -5.27
CA ARG D 313 13.57 -32.02 -5.05
C ARG D 313 12.16 -31.46 -5.10
N GLU D 314 12.01 -30.32 -4.45
CA GLU D 314 10.76 -29.59 -4.37
C GLU D 314 10.22 -29.14 -5.73
N VAL D 315 11.07 -28.61 -6.60
CA VAL D 315 10.58 -28.18 -7.89
C VAL D 315 10.09 -29.39 -8.72
N ALA D 316 10.81 -30.52 -8.66
CA ALA D 316 10.46 -31.75 -9.39
C ALA D 316 9.05 -32.24 -8.99
N ARG D 317 8.84 -32.30 -7.68
CA ARG D 317 7.56 -32.65 -7.07
C ARG D 317 6.43 -31.69 -7.45
N GLU D 318 6.75 -30.40 -7.48
CA GLU D 318 5.77 -29.38 -7.85
C GLU D 318 5.35 -29.47 -9.31
N MET D 319 6.27 -29.76 -10.23
CA MET D 319 5.84 -29.87 -11.64
C MET D 319 5.05 -31.19 -11.84
N ALA D 320 5.44 -32.26 -11.14
CA ALA D 320 4.74 -33.56 -11.17
C ALA D 320 3.29 -33.33 -10.67
N ALA D 321 3.12 -32.67 -9.53
CA ALA D 321 1.79 -32.37 -8.98
C ALA D 321 0.86 -31.69 -10.00
N HIS D 322 1.42 -31.01 -10.99
CA HIS D 322 0.59 -30.35 -12.01
C HIS D 322 0.52 -31.14 -13.30
N LYS D 323 1.02 -32.41 -13.22
CA LYS D 323 1.01 -33.36 -14.43
C LYS D 323 -0.17 -33.32 -15.42
N PRO D 324 -0.16 -32.61 -16.67
CA PRO D 324 0.22 -32.73 -18.19
C PRO D 324 -0.11 -31.07 -18.28
N ARG D 325 0.01 -30.30 -17.17
CA ARG D 325 -0.07 -28.84 -17.25
C ARG D 325 1.11 -28.13 -16.57
N ALA D 326 2.27 -28.81 -16.68
CA ALA D 326 3.58 -28.33 -16.24
C ALA D 326 4.48 -28.49 -17.49
N VAL D 327 5.19 -27.42 -17.84
CA VAL D 327 6.10 -27.39 -18.98
C VAL D 327 7.43 -26.76 -18.67
N LEU D 328 8.44 -27.21 -19.39
CA LEU D 328 9.75 -26.58 -19.39
C LEU D 328 9.88 -26.24 -20.88
N PRO D 329 9.38 -25.07 -21.28
CA PRO D 329 9.43 -24.61 -22.68
C PRO D 329 10.90 -24.46 -23.03
N PRO D 330 11.37 -25.10 -24.12
CA PRO D 330 12.80 -24.94 -24.44
C PRO D 330 13.13 -23.51 -24.91
N THR D 331 14.26 -22.96 -24.47
CA THR D 331 14.61 -21.61 -24.92
C THR D 331 15.05 -21.62 -26.40
N ARG D 332 15.18 -20.43 -26.98
CA ARG D 332 15.56 -20.26 -28.37
C ARG D 332 17.07 -20.14 -28.51
N HIS D 333 17.69 -19.12 -27.93
CA HIS D 333 19.14 -19.06 -28.09
C HIS D 333 19.77 -20.12 -27.17
N ASN D 334 20.30 -21.19 -27.76
CA ASN D 334 20.83 -22.33 -26.99
C ASN D 334 22.31 -22.64 -27.06
N VAL D 335 23.01 -21.79 -27.78
CA VAL D 335 24.39 -22.00 -28.08
C VAL D 335 25.35 -21.41 -27.01
N TRP D 336 25.38 -22.10 -25.86
CA TRP D 336 26.14 -21.72 -24.64
C TRP D 336 27.20 -22.79 -24.29
N TYR D 337 28.38 -22.53 -23.78
CA TYR D 337 29.18 -23.75 -23.42
C TYR D 337 29.52 -24.95 -24.36
N GLY D 338 28.82 -25.19 -25.46
CA GLY D 338 29.26 -26.31 -26.30
C GLY D 338 28.94 -27.78 -26.08
N ASP D 339 28.05 -28.09 -25.15
CA ASP D 339 27.58 -29.45 -24.94
C ASP D 339 26.06 -29.29 -24.89
N ASP D 340 25.59 -28.25 -25.56
CA ASP D 340 24.17 -27.86 -25.59
C ASP D 340 23.07 -28.79 -26.08
N THR D 341 23.35 -29.70 -27.01
CA THR D 341 22.29 -30.61 -27.47
C THR D 341 21.94 -31.51 -26.31
N TYR D 342 22.92 -31.79 -25.45
CA TYR D 342 22.72 -32.63 -24.28
C TYR D 342 21.78 -31.97 -23.28
N ARG D 343 21.97 -30.67 -23.09
CA ARG D 343 21.15 -29.93 -22.18
C ARG D 343 19.71 -29.93 -22.71
N VAL D 344 19.50 -29.72 -24.01
CA VAL D 344 18.13 -29.70 -24.52
C VAL D 344 17.47 -31.08 -24.49
N MET D 345 18.20 -32.13 -24.87
CA MET D 345 17.66 -33.49 -24.79
C MET D 345 17.06 -33.73 -23.40
N ALA D 346 17.91 -33.58 -22.38
CA ALA D 346 17.54 -33.77 -20.97
C ALA D 346 16.26 -33.05 -20.51
N LEU D 347 16.09 -31.83 -21.00
CA LEU D 347 14.96 -30.98 -20.70
C LEU D 347 13.72 -31.47 -21.45
N LEU D 348 13.92 -32.00 -22.65
CA LEU D 348 12.82 -32.54 -23.43
C LEU D 348 12.36 -33.83 -22.73
N TYR D 349 13.28 -34.62 -22.18
CA TYR D 349 12.87 -35.83 -21.42
C TYR D 349 12.02 -35.43 -20.22
N VAL D 350 12.35 -34.33 -19.53
CA VAL D 350 11.53 -33.97 -18.38
C VAL D 350 10.09 -33.78 -18.87
N ASN D 351 9.92 -33.02 -19.94
CA ASN D 351 8.60 -32.81 -20.54
C ASN D 351 7.89 -34.15 -20.87
N VAL D 352 8.60 -35.09 -21.49
CA VAL D 352 8.04 -36.40 -21.86
C VAL D 352 7.53 -37.09 -20.60
N LEU D 353 8.36 -37.06 -19.56
CA LEU D 353 8.07 -37.64 -18.25
C LEU D 353 6.88 -36.97 -17.51
N LEU D 354 6.48 -35.78 -17.95
CA LEU D 354 5.32 -35.12 -17.37
C LEU D 354 4.16 -35.43 -18.33
N GLY D 355 4.48 -36.15 -19.40
CA GLY D 355 3.50 -36.54 -20.42
C GLY D 355 2.68 -35.39 -20.97
N ASN D 356 3.37 -34.29 -21.22
CA ASN D 356 2.77 -33.05 -21.69
C ASN D 356 2.81 -32.72 -23.18
N TYR D 357 3.52 -33.54 -23.94
CA TYR D 357 3.66 -33.29 -25.37
C TYR D 357 2.43 -33.72 -26.18
N GLY D 358 1.73 -32.71 -26.67
CA GLY D 358 0.54 -32.93 -27.46
C GLY D 358 -0.74 -32.87 -26.63
N ARG D 359 -0.64 -32.27 -25.44
CA ARG D 359 -1.80 -32.12 -24.56
C ARG D 359 -1.99 -30.70 -24.10
N PRO D 360 -3.20 -30.34 -23.66
CA PRO D 360 -3.36 -28.96 -23.20
C PRO D 360 -2.47 -28.68 -21.99
N GLY D 361 -1.79 -27.55 -21.99
CA GLY D 361 -0.96 -27.22 -20.85
C GLY D 361 0.55 -27.36 -21.02
N GLY D 362 0.99 -27.93 -22.13
CA GLY D 362 2.39 -28.07 -22.35
C GLY D 362 2.72 -27.65 -23.77
N PHE D 363 2.59 -28.57 -24.69
CA PHE D 363 2.97 -28.40 -26.03
C PHE D 363 1.80 -28.81 -26.90
N TYR D 364 1.45 -28.08 -27.98
CA TYR D 364 0.44 -28.58 -28.89
C TYR D 364 1.24 -29.04 -30.11
N ILE D 365 0.60 -29.76 -31.03
CA ILE D 365 1.24 -30.20 -32.27
C ILE D 365 1.03 -29.10 -33.34
N ALA D 366 2.14 -28.57 -33.85
CA ALA D 366 2.11 -27.53 -34.85
C ALA D 366 2.25 -28.13 -36.26
N GLN D 367 1.28 -27.82 -37.12
CA GLN D 367 1.26 -28.29 -38.51
C GLN D 367 1.46 -27.10 -39.42
N SER D 368 2.25 -27.31 -40.48
CA SER D 368 2.50 -26.28 -41.47
C SER D 368 1.25 -26.15 -42.29
N PRO D 369 1.00 -24.95 -42.84
CA PRO D 369 -0.16 -24.67 -43.67
C PRO D 369 0.07 -25.07 -45.12
N TYR D 370 -1.01 -25.35 -45.82
CA TYR D 370 -0.92 -25.69 -47.24
C TYR D 370 -0.90 -24.44 -48.13
N LEU D 371 0.11 -24.33 -48.98
CA LEU D 371 0.20 -23.23 -49.97
C LEU D 371 1.16 -23.85 -50.94
N GLU D 372 0.71 -24.00 -52.15
CA GLU D 372 1.53 -24.63 -53.15
C GLU D 372 2.64 -23.74 -53.66
N LYS D 373 3.82 -24.34 -53.76
CA LYS D 373 5.02 -23.68 -54.25
C LYS D 373 4.84 -23.27 -55.70
N TYR D 374 5.71 -22.40 -56.18
CA TYR D 374 5.62 -22.03 -57.57
C TYR D 374 6.15 -23.29 -58.35
N PRO D 375 5.45 -23.72 -59.43
CA PRO D 375 5.89 -24.90 -60.20
C PRO D 375 7.23 -24.66 -60.92
N LEU D 376 8.20 -25.51 -60.64
CA LEU D 376 9.53 -25.37 -61.22
C LEU D 376 10.22 -26.71 -61.34
N PRO D 377 11.31 -26.76 -62.13
CA PRO D 377 12.03 -28.03 -62.25
C PRO D 377 12.75 -28.25 -60.90
N PRO D 378 13.12 -29.50 -60.57
CA PRO D 378 13.81 -29.65 -59.28
C PRO D 378 15.12 -28.82 -59.26
N LEU D 379 15.63 -28.57 -58.05
CA LEU D 379 16.86 -27.81 -57.87
C LEU D 379 18.08 -28.72 -57.95
N PRO D 380 19.26 -28.16 -58.31
CA PRO D 380 20.48 -28.96 -58.39
C PRO D 380 20.68 -29.63 -57.00
N LEU D 381 20.52 -28.85 -55.92
CA LEU D 381 20.59 -29.35 -54.53
C LEU D 381 19.30 -28.98 -53.76
N GLU D 382 18.73 -29.97 -53.08
CA GLU D 382 17.53 -29.82 -52.25
C GLU D 382 17.93 -30.54 -50.95
N PRO D 383 17.94 -29.83 -49.81
CA PRO D 383 18.35 -30.52 -48.60
C PRO D 383 17.23 -31.11 -47.71
N ALA D 384 17.63 -31.90 -46.70
CA ALA D 384 16.70 -32.40 -45.69
C ALA D 384 17.21 -31.71 -44.41
N ALA D 385 16.27 -31.24 -43.58
CA ALA D 385 16.60 -30.50 -42.37
C ALA D 385 16.23 -31.09 -41.00
N GLY D 386 16.86 -32.23 -40.66
CA GLY D 386 16.60 -32.86 -39.38
C GLY D 386 16.28 -34.34 -39.34
N GLY D 387 15.34 -34.77 -40.18
CA GLY D 387 14.86 -36.14 -40.29
C GLY D 387 15.79 -37.16 -40.87
N CYS D 388 16.21 -37.87 -39.64
CA CYS D 388 17.31 -38.57 -40.09
C CYS D 388 17.50 -39.94 -40.46
N SER D 389 18.12 -40.55 -39.54
CA SER D 389 18.54 -41.93 -39.58
C SER D 389 19.23 -42.03 -41.00
N GLY D 390 20.52 -41.72 -40.96
CA GLY D 390 21.41 -41.59 -42.09
C GLY D 390 21.41 -40.06 -42.12
N PRO D 391 21.93 -39.39 -41.05
CA PRO D 391 21.96 -37.93 -40.94
C PRO D 391 22.89 -37.16 -41.88
N SER D 392 24.17 -37.11 -41.52
CA SER D 392 25.14 -36.39 -42.32
C SER D 392 25.91 -37.26 -43.31
N GLY D 393 26.56 -38.31 -42.80
CA GLY D 393 27.35 -39.23 -43.59
C GLY D 393 26.61 -39.98 -44.69
N GLY D 394 25.52 -40.66 -44.31
CA GLY D 394 24.70 -41.39 -45.23
C GLY D 394 23.67 -40.49 -45.92
N ASP D 395 24.00 -39.20 -46.00
CA ASP D 395 23.16 -38.17 -46.63
C ASP D 395 23.80 -36.79 -46.93
N HIS D 396 24.78 -36.80 -47.83
CA HIS D 396 25.45 -35.60 -48.37
C HIS D 396 26.57 -35.92 -49.37
N GLU D 397 27.09 -37.15 -49.34
CA GLU D 397 28.24 -37.57 -50.17
C GLU D 397 28.14 -37.63 -51.75
N PRO D 398 28.31 -38.80 -52.44
CA PRO D 398 28.20 -38.67 -53.90
C PRO D 398 26.75 -38.70 -54.46
N GLU D 399 26.21 -37.53 -54.80
CA GLU D 399 24.83 -37.38 -55.32
C GLU D 399 24.59 -36.07 -56.14
N GLY D 400 24.92 -34.90 -55.58
CA GLY D 400 24.83 -33.61 -56.30
C GLY D 400 26.30 -33.48 -56.72
N PHE D 401 27.07 -32.60 -56.09
CA PHE D 401 28.53 -32.69 -56.27
C PHE D 401 29.36 -32.45 -54.97
N LYS D 402 30.03 -31.32 -54.72
CA LYS D 402 30.82 -31.22 -53.48
C LYS D 402 30.07 -31.07 -52.17
N PRO D 403 30.53 -31.71 -51.08
CA PRO D 403 29.73 -31.52 -49.88
C PRO D 403 29.92 -30.19 -49.14
N ARG D 404 28.97 -29.85 -48.27
CA ARG D 404 29.06 -28.62 -47.47
C ARG D 404 30.46 -28.61 -46.87
N ALA D 405 31.15 -27.49 -46.97
CA ALA D 405 32.52 -27.43 -46.51
C ALA D 405 32.82 -27.67 -45.03
N ASP D 406 31.79 -27.88 -44.21
CA ASP D 406 31.97 -28.12 -42.78
C ASP D 406 31.55 -29.54 -42.41
N LYS D 407 31.20 -30.26 -43.46
CA LYS D 407 30.73 -31.65 -43.40
C LYS D 407 31.28 -32.57 -42.32
N GLY D 408 32.56 -32.58 -42.01
CA GLY D 408 32.94 -33.54 -40.98
C GLY D 408 33.12 -33.05 -39.56
N LYS D 409 32.82 -31.78 -39.28
CA LYS D 409 33.11 -31.25 -37.96
C LYS D 409 32.24 -31.51 -36.75
N PHE D 410 31.04 -32.00 -37.01
CA PHE D 410 30.10 -32.32 -35.98
C PHE D 410 29.15 -33.32 -36.60
N PHE D 411 28.37 -33.97 -35.77
CA PHE D 411 27.49 -35.01 -36.25
C PHE D 411 26.29 -34.62 -37.08
N ALA D 412 25.62 -33.54 -36.74
CA ALA D 412 24.43 -33.11 -37.45
C ALA D 412 24.67 -32.64 -38.89
N ARG D 413 23.62 -32.72 -39.71
CA ARG D 413 23.67 -32.33 -41.12
C ARG D 413 23.49 -30.83 -41.38
N SER D 414 23.03 -30.06 -40.39
CA SER D 414 22.87 -28.64 -40.66
C SER D 414 24.21 -27.98 -40.88
N THR D 415 24.21 -26.98 -41.74
CA THR D 415 25.39 -26.19 -42.05
C THR D 415 25.62 -25.21 -40.89
N ALA D 416 26.87 -25.09 -40.44
CA ALA D 416 27.21 -24.18 -39.34
C ALA D 416 27.96 -22.93 -39.84
N ILE D 417 27.28 -21.78 -39.88
CA ILE D 417 27.86 -20.52 -40.37
C ILE D 417 29.31 -20.22 -39.94
N GLN D 418 29.64 -20.44 -38.67
CA GLN D 418 31.00 -20.16 -38.24
C GLN D 418 32.04 -21.24 -38.69
N GLU D 419 31.57 -22.34 -39.27
CA GLU D 419 32.47 -23.40 -39.78
C GLU D 419 32.83 -23.26 -41.28
N LEU D 420 32.01 -22.48 -42.00
CA LEU D 420 32.32 -22.16 -43.41
C LEU D 420 33.32 -20.97 -43.70
N ILE D 421 33.98 -20.38 -42.73
CA ILE D 421 34.82 -19.23 -42.86
C ILE D 421 36.30 -19.70 -42.61
N GLU D 422 36.46 -21.05 -42.47
CA GLU D 422 37.85 -21.46 -42.24
C GLU D 422 38.31 -21.75 -43.70
N PRO D 423 37.44 -22.39 -44.54
CA PRO D 423 37.90 -22.63 -45.91
C PRO D 423 38.34 -21.33 -46.60
N MET D 424 37.76 -20.20 -46.19
CA MET D 424 38.10 -18.89 -46.77
C MET D 424 39.54 -18.45 -46.51
N ILE D 425 40.17 -19.09 -45.54
CA ILE D 425 41.52 -18.77 -45.15
C ILE D 425 42.53 -19.86 -45.51
N THR D 426 42.41 -21.02 -44.90
CA THR D 426 43.34 -22.10 -45.17
C THR D 426 43.03 -22.79 -46.50
N GLY D 427 41.94 -22.37 -47.11
CA GLY D 427 41.51 -23.01 -48.34
C GLY D 427 41.44 -24.51 -48.11
N GLU D 428 41.49 -25.00 -46.87
CA GLU D 428 41.48 -26.46 -46.76
C GLU D 428 40.38 -27.45 -47.30
N PRO D 429 39.47 -28.13 -46.47
CA PRO D 429 38.60 -29.01 -47.29
C PRO D 429 38.65 -28.74 -48.74
N TYR D 430 38.30 -27.52 -49.08
CA TYR D 430 38.44 -26.97 -50.41
C TYR D 430 38.28 -25.47 -50.26
N PRO D 431 38.75 -24.70 -51.27
CA PRO D 431 38.65 -23.23 -51.25
C PRO D 431 37.31 -22.53 -51.38
N ILE D 432 37.08 -21.55 -50.52
CA ILE D 432 35.89 -20.72 -50.60
C ILE D 432 36.39 -19.31 -50.94
N LYS D 433 36.13 -18.93 -52.20
CA LYS D 433 36.47 -17.61 -52.75
C LYS D 433 35.05 -17.06 -52.95
N GLY D 434 34.82 -15.77 -52.76
CA GLY D 434 33.45 -15.32 -52.95
C GLY D 434 32.46 -15.72 -51.86
N LEU D 435 31.86 -14.68 -51.27
CA LEU D 435 30.87 -14.75 -50.19
C LEU D 435 29.74 -13.68 -50.35
N PHE D 436 28.49 -14.08 -50.11
CA PHE D 436 27.35 -13.15 -50.11
C PHE D 436 26.88 -12.93 -48.68
N ALA D 437 26.51 -11.70 -48.37
CA ALA D 437 25.99 -11.43 -47.03
C ALA D 437 24.68 -10.68 -47.19
N TYR D 438 23.59 -11.43 -47.19
CA TYR D 438 22.28 -10.82 -47.31
C TYR D 438 21.64 -10.59 -45.91
N GLY D 439 21.40 -9.33 -45.55
CA GLY D 439 20.83 -8.99 -44.26
C GLY D 439 21.34 -9.82 -43.10
N ILE D 440 22.65 -9.88 -42.97
CA ILE D 440 23.28 -10.67 -41.90
C ILE D 440 24.55 -9.94 -41.49
N ASN D 441 24.63 -9.67 -40.19
CA ASN D 441 25.75 -8.94 -39.57
C ASN D 441 26.98 -9.82 -39.42
N LEU D 442 27.99 -9.61 -40.27
CA LEU D 442 29.19 -10.44 -40.19
C LEU D 442 30.06 -10.16 -38.95
N PHE D 443 30.15 -8.91 -38.54
CA PHE D 443 30.98 -8.62 -37.41
C PHE D 443 30.26 -8.56 -36.06
N HIS D 444 28.97 -8.86 -36.03
CA HIS D 444 28.25 -8.86 -34.77
C HIS D 444 27.61 -10.18 -34.46
N SER D 445 27.30 -10.92 -35.51
CA SER D 445 26.64 -12.18 -35.37
C SER D 445 27.52 -13.44 -35.43
N ILE D 446 28.77 -13.33 -35.85
CA ILE D 446 29.65 -14.52 -35.91
C ILE D 446 30.82 -14.29 -34.93
N PRO D 447 31.12 -15.28 -34.05
CA PRO D 447 32.23 -15.00 -33.14
C PRO D 447 33.55 -14.90 -33.88
N ASN D 448 34.55 -14.43 -33.13
CA ASN D 448 35.91 -14.30 -33.63
C ASN D 448 36.04 -13.33 -34.81
N VAL D 449 35.76 -12.05 -34.57
CA VAL D 449 35.83 -11.04 -35.60
C VAL D 449 37.17 -10.92 -36.38
N PRO D 450 38.35 -11.08 -35.70
CA PRO D 450 39.59 -10.97 -36.49
C PRO D 450 39.73 -12.06 -37.57
N ARG D 451 39.20 -13.24 -37.28
CA ARG D 451 39.27 -14.33 -38.25
C ARG D 451 38.33 -14.03 -39.43
N THR D 452 37.15 -13.51 -39.15
CA THR D 452 36.19 -13.19 -40.21
C THR D 452 36.78 -12.12 -41.15
N LYS D 453 37.46 -11.12 -40.58
CA LYS D 453 38.12 -10.04 -41.33
C LYS D 453 39.23 -10.62 -42.22
N GLU D 454 40.02 -11.53 -41.67
CA GLU D 454 41.08 -12.17 -42.44
C GLU D 454 40.50 -12.92 -43.64
N ALA D 455 39.38 -13.62 -43.39
CA ALA D 455 38.66 -14.39 -44.41
C ALA D 455 38.16 -13.48 -45.55
N LEU D 456 37.60 -12.32 -45.20
CA LEU D 456 37.12 -11.40 -46.20
C LEU D 456 38.26 -10.93 -47.13
N LYS D 457 39.37 -10.45 -46.58
CA LYS D 457 40.48 -10.00 -47.45
C LYS D 457 40.91 -11.04 -48.51
N ASN D 458 40.92 -12.30 -48.08
CA ASN D 458 41.30 -13.44 -48.91
C ASN D 458 40.37 -13.84 -50.04
N LEU D 459 39.15 -13.31 -49.99
CA LEU D 459 38.13 -13.53 -50.99
C LEU D 459 38.41 -12.88 -52.35
N ASP D 460 37.88 -13.55 -53.38
CA ASP D 460 37.93 -13.16 -54.80
C ASP D 460 36.69 -12.27 -55.03
N LEU D 461 35.59 -12.61 -54.36
CA LEU D 461 34.36 -11.81 -54.42
C LEU D 461 33.69 -11.68 -53.05
N TYR D 462 33.15 -10.49 -52.77
CA TYR D 462 32.38 -10.26 -51.56
C TYR D 462 31.28 -9.28 -51.93
N VAL D 463 30.06 -9.67 -51.60
CA VAL D 463 28.86 -8.89 -51.84
C VAL D 463 28.18 -8.62 -50.49
N ALA D 464 27.46 -7.51 -50.36
CA ALA D 464 26.76 -7.17 -49.12
C ALA D 464 25.43 -6.44 -49.43
N ILE D 465 24.31 -7.16 -49.31
CA ILE D 465 22.94 -6.66 -49.57
C ILE D 465 22.24 -6.30 -48.26
N ASP D 466 21.82 -5.05 -48.13
CA ASP D 466 21.23 -4.64 -46.86
C ASP D 466 21.12 -3.14 -46.76
N VAL D 467 20.10 -2.75 -46.01
CA VAL D 467 19.59 -1.42 -45.68
C VAL D 467 20.35 -0.18 -45.12
N LEU D 468 21.09 -0.27 -44.04
CA LEU D 468 21.80 0.95 -43.57
C LEU D 468 23.29 0.68 -43.91
N PRO D 469 24.24 1.49 -43.38
CA PRO D 469 25.68 1.28 -43.64
C PRO D 469 26.28 0.83 -42.27
N GLN D 470 26.69 -0.43 -42.22
CA GLN D 470 27.26 -1.07 -41.02
C GLN D 470 28.66 -1.57 -41.30
N GLU D 471 29.58 -1.42 -40.35
CA GLU D 471 30.95 -1.92 -40.56
C GLU D 471 31.21 -3.03 -41.63
N HIS D 472 30.53 -4.17 -41.53
CA HIS D 472 30.73 -5.31 -42.47
C HIS D 472 30.32 -4.99 -43.90
N VAL D 473 29.29 -4.17 -44.08
CA VAL D 473 28.88 -3.82 -45.43
C VAL D 473 29.95 -2.97 -46.12
N MET D 474 30.56 -2.04 -45.40
CA MET D 474 31.54 -1.19 -46.03
C MET D 474 32.78 -1.94 -46.60
N TRP D 475 33.09 -3.11 -46.05
CA TRP D 475 34.20 -3.97 -46.50
C TRP D 475 33.97 -4.73 -47.80
N ALA D 476 32.80 -4.55 -48.40
CA ALA D 476 32.44 -5.29 -49.62
C ALA D 476 32.89 -4.68 -50.95
N ASP D 477 32.82 -5.48 -52.02
CA ASP D 477 33.24 -5.08 -53.36
C ASP D 477 32.05 -4.48 -54.12
N VAL D 478 30.86 -4.70 -53.72
CA VAL D 478 29.79 -4.11 -54.43
C VAL D 478 28.64 -4.48 -53.47
N ILE D 479 28.06 -3.40 -52.98
CA ILE D 479 27.01 -3.20 -52.00
C ILE D 479 25.70 -3.10 -52.80
N LEU D 480 24.58 -3.53 -52.22
CA LEU D 480 23.27 -3.43 -52.87
C LEU D 480 22.20 -2.98 -51.83
N PRO D 481 21.61 -1.76 -52.01
CA PRO D 481 20.58 -1.24 -51.09
C PRO D 481 19.33 -2.07 -51.37
N GLU D 482 18.70 -2.61 -50.33
CA GLU D 482 17.48 -3.40 -50.51
C GLU D 482 16.22 -2.71 -50.00
N ALA D 483 15.18 -2.60 -50.84
CA ALA D 483 13.92 -2.00 -50.40
C ALA D 483 13.47 -2.53 -49.01
N THR D 484 13.21 -1.56 -48.12
CA THR D 484 12.78 -1.70 -46.72
C THR D 484 11.49 -2.55 -46.62
N TYR D 485 11.25 -3.28 -45.54
CA TYR D 485 10.06 -4.11 -45.52
C TYR D 485 8.75 -3.38 -45.91
N LEU D 486 8.61 -2.10 -45.58
CA LEU D 486 7.39 -1.37 -45.92
C LEU D 486 7.30 -0.99 -47.43
N GLU D 487 8.41 -1.14 -48.15
CA GLU D 487 8.45 -0.76 -49.57
C GLU D 487 8.45 -1.93 -50.57
N ARG D 488 8.39 -3.14 -50.08
CA ARG D 488 8.40 -4.27 -50.99
C ARG D 488 7.36 -5.35 -50.76
N TYR D 489 7.21 -6.22 -51.77
CA TYR D 489 6.31 -7.40 -51.76
C TYR D 489 7.28 -8.57 -51.51
N ASP D 490 6.94 -9.42 -50.53
CA ASP D 490 7.72 -10.60 -50.19
C ASP D 490 6.91 -11.88 -50.30
N ASP D 491 7.53 -12.93 -50.81
CA ASP D 491 6.86 -14.22 -50.95
C ASP D 491 6.19 -14.62 -49.61
N PHE D 492 5.00 -15.21 -49.66
CA PHE D 492 4.29 -15.59 -48.45
C PHE D 492 5.07 -16.17 -47.28
N VAL D 493 4.67 -15.75 -46.08
CA VAL D 493 5.24 -16.24 -44.82
C VAL D 493 4.20 -17.31 -44.29
N LEU D 494 4.70 -18.53 -44.01
CA LEU D 494 3.91 -19.69 -43.51
C LEU D 494 4.52 -20.13 -42.17
N VAL D 495 3.70 -20.05 -41.12
CA VAL D 495 4.08 -20.37 -39.75
C VAL D 495 3.36 -21.63 -39.20
N ALA D 496 4.08 -22.70 -38.83
CA ALA D 496 3.44 -23.91 -38.26
C ALA D 496 2.83 -23.51 -36.92
N HIS D 497 1.58 -23.90 -36.71
CA HIS D 497 0.84 -23.43 -35.54
C HIS D 497 -0.39 -24.28 -35.25
N LYS D 498 -0.97 -24.06 -34.08
CA LYS D 498 -2.20 -24.78 -33.65
C LYS D 498 -3.00 -24.80 -34.95
N THR D 499 -3.31 -23.57 -35.35
CA THR D 499 -4.02 -23.14 -36.53
C THR D 499 -2.96 -22.66 -37.51
N PRO D 500 -2.84 -23.34 -38.67
CA PRO D 500 -1.85 -22.93 -39.66
C PRO D 500 -2.34 -21.76 -40.50
N PHE D 501 -1.52 -20.71 -40.59
CA PHE D 501 -1.87 -19.52 -41.30
C PHE D 501 -0.84 -19.01 -42.28
N ILE D 502 -1.27 -18.14 -43.17
CA ILE D 502 -0.36 -17.57 -44.14
C ILE D 502 -0.45 -16.03 -44.10
N GLN D 503 0.71 -15.39 -44.26
CA GLN D 503 0.78 -13.94 -44.25
C GLN D 503 1.24 -13.39 -45.59
N LEU D 504 0.84 -12.14 -45.86
CA LEU D 504 1.17 -11.43 -47.08
C LEU D 504 1.49 -9.97 -46.77
N ARG D 505 2.63 -9.48 -47.26
CA ARG D 505 3.02 -8.09 -47.07
C ARG D 505 2.98 -7.35 -48.42
N THR D 506 2.17 -6.29 -48.48
CA THR D 506 1.99 -5.44 -49.66
C THR D 506 2.83 -4.17 -49.42
N PRO D 507 3.38 -3.49 -50.47
CA PRO D 507 4.15 -2.29 -50.15
C PRO D 507 3.29 -1.05 -49.86
N ALA D 508 3.43 -0.50 -48.65
CA ALA D 508 2.65 0.67 -48.24
C ALA D 508 2.85 1.85 -49.17
N HIS D 509 4.10 2.00 -49.63
CA HIS D 509 4.51 3.03 -50.57
C HIS D 509 5.74 2.46 -51.28
N GLU D 510 6.05 2.95 -52.47
CA GLU D 510 7.16 2.51 -53.31
C GLU D 510 8.57 2.76 -52.78
N PRO D 511 9.55 1.90 -53.13
CA PRO D 511 10.93 2.07 -52.66
C PRO D 511 11.37 3.55 -52.74
N LEU D 512 12.32 3.92 -51.88
CA LEU D 512 12.85 5.27 -51.83
C LEU D 512 14.30 5.32 -52.34
N PHE D 513 14.60 6.35 -53.12
CA PHE D 513 15.91 6.60 -53.72
C PHE D 513 16.10 5.61 -54.91
N ASP D 514 17.25 4.92 -54.94
CA ASP D 514 17.57 3.93 -55.98
C ASP D 514 17.65 2.58 -55.25
N THR D 515 16.56 2.26 -54.57
CA THR D 515 16.45 1.06 -53.76
C THR D 515 15.59 -0.03 -54.46
N LYS D 516 15.90 -1.29 -54.22
CA LYS D 516 15.14 -2.38 -54.85
C LYS D 516 14.70 -3.49 -53.88
N PRO D 517 13.60 -4.21 -54.23
CA PRO D 517 13.09 -5.31 -53.39
C PRO D 517 14.06 -6.51 -53.62
N GLY D 518 14.17 -7.44 -52.66
CA GLY D 518 15.02 -8.62 -52.75
C GLY D 518 14.64 -9.69 -53.78
N TRP D 519 13.34 -9.89 -54.01
CA TRP D 519 12.89 -10.87 -55.02
C TRP D 519 13.36 -10.41 -56.40
N TRP D 520 13.45 -9.10 -56.59
CA TRP D 520 13.89 -8.52 -57.86
C TRP D 520 15.41 -8.66 -58.08
N ILE D 521 16.17 -8.51 -57.00
CA ILE D 521 17.62 -8.63 -57.07
C ILE D 521 17.97 -10.11 -57.38
N ALA D 522 17.28 -11.05 -56.72
CA ALA D 522 17.49 -12.49 -56.92
C ALA D 522 17.11 -12.90 -58.35
N ARG D 523 16.06 -12.29 -58.88
CA ARG D 523 15.63 -12.57 -60.26
C ARG D 523 16.67 -12.14 -61.29
N GLU D 524 17.25 -10.97 -61.10
CA GLU D 524 18.24 -10.43 -62.04
C GLU D 524 19.54 -11.25 -62.02
N LEU D 525 20.01 -11.58 -60.81
CA LEU D 525 21.22 -12.39 -60.54
C LEU D 525 21.00 -13.84 -60.94
N GLY D 526 19.74 -14.15 -61.21
CA GLY D 526 19.34 -15.48 -61.65
C GLY D 526 19.43 -15.52 -63.16
N LEU D 527 18.89 -14.49 -63.82
CA LEU D 527 18.93 -14.37 -65.28
C LEU D 527 20.38 -14.13 -65.77
N ARG D 528 21.14 -13.34 -65.02
CA ARG D 528 22.53 -13.07 -65.35
C ARG D 528 23.40 -14.35 -65.25
N LEU D 529 23.05 -15.29 -64.38
CA LEU D 529 23.81 -16.55 -64.23
C LEU D 529 23.23 -17.76 -65.03
N GLY D 530 22.22 -17.52 -65.86
CA GLY D 530 21.61 -18.58 -66.67
C GLY D 530 20.69 -19.51 -65.88
N LEU D 531 20.12 -19.01 -64.81
CA LEU D 531 19.22 -19.82 -64.00
C LEU D 531 17.77 -19.37 -64.29
N GLU D 532 17.51 -18.95 -65.52
CA GLU D 532 16.19 -18.46 -65.89
C GLU D 532 15.04 -19.46 -65.75
N GLN D 533 15.33 -20.75 -65.83
CA GLN D 533 14.29 -21.76 -65.67
C GLN D 533 13.74 -21.71 -64.21
N TYR D 534 14.55 -21.23 -63.26
CA TYR D 534 14.08 -21.15 -61.89
C TYR D 534 13.21 -19.91 -61.66
N PHE D 535 13.40 -18.91 -62.50
CA PHE D 535 12.67 -17.66 -62.46
C PHE D 535 11.83 -17.45 -63.71
N PRO D 536 10.89 -18.36 -63.97
CA PRO D 536 10.01 -18.23 -65.14
C PRO D 536 8.93 -17.16 -65.09
N TRP D 537 8.70 -16.59 -63.91
CA TRP D 537 7.68 -15.56 -63.65
C TRP D 537 8.31 -14.18 -63.79
N LYS D 538 7.70 -13.29 -64.57
CA LYS D 538 8.28 -11.96 -64.72
C LYS D 538 8.16 -11.00 -63.52
N THR D 539 7.02 -11.08 -62.85
CA THR D 539 6.67 -10.15 -61.76
C THR D 539 6.28 -10.83 -60.40
N ILE D 540 6.47 -10.21 -59.23
CA ILE D 540 6.06 -10.94 -58.01
C ILE D 540 4.55 -10.99 -57.84
N GLU D 541 3.84 -10.03 -58.41
CA GLU D 541 2.38 -10.09 -58.30
C GLU D 541 1.95 -11.35 -59.07
N GLU D 542 2.59 -11.60 -60.22
CA GLU D 542 2.28 -12.78 -61.04
C GLU D 542 2.60 -14.08 -60.25
N TYR D 543 3.79 -14.08 -59.66
CA TYR D 543 4.31 -15.17 -58.82
C TYR D 543 3.35 -15.49 -57.64
N LEU D 544 2.87 -14.44 -56.96
CA LEU D 544 1.95 -14.55 -55.82
C LEU D 544 0.58 -15.08 -56.24
N GLU D 545 0.09 -14.62 -57.40
CA GLU D 545 -1.20 -15.09 -57.94
C GLU D 545 -1.19 -16.59 -58.24
N THR D 546 -0.17 -17.03 -58.96
CA THR D 546 -0.05 -18.45 -59.30
C THR D 546 -0.14 -19.31 -58.01
N ARG D 547 0.59 -18.91 -56.96
CA ARG D 547 0.57 -19.61 -55.68
C ARG D 547 -0.82 -19.50 -55.03
N LEU D 548 -1.39 -18.30 -55.06
CA LEU D 548 -2.70 -18.09 -54.46
C LEU D 548 -3.81 -18.94 -55.07
N GLN D 549 -3.71 -19.17 -56.40
CA GLN D 549 -4.67 -19.99 -57.19
C GLN D 549 -4.93 -21.40 -56.64
N SER D 550 -3.95 -21.97 -55.94
CA SER D 550 -4.04 -23.34 -55.38
C SER D 550 -5.11 -23.39 -54.29
N LEU D 551 -5.20 -22.32 -53.51
CA LEU D 551 -6.29 -22.20 -52.53
C LEU D 551 -7.25 -21.27 -53.30
N GLY D 552 -8.28 -21.81 -53.96
CA GLY D 552 -9.22 -20.97 -54.70
C GLY D 552 -9.21 -19.52 -54.29
N LEU D 553 -8.08 -18.84 -54.49
CA LEU D 553 -7.93 -17.47 -54.05
C LEU D 553 -7.21 -16.58 -55.02
N ASP D 554 -7.53 -15.29 -55.02
CA ASP D 554 -6.77 -14.44 -55.90
C ASP D 554 -6.09 -13.30 -55.08
N LEU D 555 -4.95 -12.78 -55.55
CA LEU D 555 -4.13 -11.69 -54.92
C LEU D 555 -4.92 -10.51 -54.27
N GLU D 556 -5.85 -9.93 -55.03
CA GLU D 556 -6.71 -8.83 -54.54
C GLU D 556 -7.38 -9.19 -53.23
N THR D 557 -7.92 -10.40 -53.23
CA THR D 557 -8.64 -10.96 -52.10
C THR D 557 -7.80 -11.12 -50.84
N MET D 558 -6.56 -11.58 -51.02
CA MET D 558 -5.63 -11.74 -49.90
C MET D 558 -5.23 -10.36 -49.38
N LYS D 559 -5.12 -9.38 -50.28
CA LYS D 559 -4.76 -8.03 -49.87
C LYS D 559 -5.80 -7.40 -48.94
N GLY D 560 -7.05 -7.84 -49.05
CA GLY D 560 -8.03 -7.32 -48.12
C GLY D 560 -8.08 -8.08 -46.79
N MET D 561 -7.52 -9.30 -46.73
CA MET D 561 -7.52 -10.17 -45.52
C MET D 561 -6.26 -10.10 -44.64
N GLY D 562 -5.12 -10.12 -45.34
CA GLY D 562 -3.79 -10.10 -44.78
C GLY D 562 -3.30 -11.54 -44.55
N THR D 563 -3.88 -12.12 -43.52
CA THR D 563 -3.69 -13.46 -42.93
C THR D 563 -4.82 -14.46 -43.30
N LEU D 564 -4.47 -15.61 -43.88
CA LEU D 564 -5.46 -16.64 -44.25
C LEU D 564 -5.22 -17.83 -43.28
N VAL D 565 -6.07 -17.99 -42.28
CA VAL D 565 -5.86 -19.07 -41.30
C VAL D 565 -6.55 -20.40 -41.63
N GLN D 566 -5.76 -21.47 -41.67
CA GLN D 566 -6.25 -22.82 -41.97
C GLN D 566 -6.45 -23.65 -40.68
N ARG D 567 -7.00 -24.86 -40.79
CA ARG D 567 -7.35 -25.71 -39.64
C ARG D 567 -6.21 -26.18 -38.75
N GLY D 568 -5.83 -27.44 -38.91
CA GLY D 568 -4.72 -27.96 -38.16
C GLY D 568 -4.99 -28.72 -36.90
N LYS D 569 -4.26 -29.82 -36.76
CA LYS D 569 -4.40 -30.65 -35.58
C LYS D 569 -3.46 -30.26 -34.44
N PRO D 570 -4.01 -29.99 -33.23
CA PRO D 570 -3.26 -29.62 -32.03
C PRO D 570 -2.96 -30.68 -30.94
N TRP D 571 -3.90 -31.58 -30.66
CA TRP D 571 -3.71 -32.54 -29.58
C TRP D 571 -3.43 -33.99 -30.03
N LEU D 572 -2.83 -34.82 -29.18
CA LEU D 572 -2.56 -36.23 -29.56
C LEU D 572 -3.86 -36.97 -29.95
N GLU D 573 -4.95 -36.71 -29.22
CA GLU D 573 -6.29 -37.30 -29.46
C GLU D 573 -6.80 -37.10 -30.89
N ASP D 574 -6.36 -36.02 -31.54
CA ASP D 574 -6.78 -35.71 -32.91
C ASP D 574 -6.01 -36.62 -33.88
N TRP D 575 -4.80 -37.01 -33.47
CA TRP D 575 -3.93 -37.88 -34.26
C TRP D 575 -4.33 -39.33 -34.11
N GLU D 576 -4.42 -39.75 -32.85
CA GLU D 576 -4.80 -41.08 -32.48
C GLU D 576 -6.19 -41.52 -32.94
N LYS D 577 -7.21 -40.70 -32.75
CA LYS D 577 -8.53 -41.18 -33.16
C LYS D 577 -8.60 -41.40 -34.68
N GLU D 578 -7.50 -41.04 -35.33
CA GLU D 578 -7.24 -41.07 -36.78
C GLU D 578 -6.40 -42.24 -37.25
N GLY D 579 -5.78 -42.89 -36.29
CA GLY D 579 -4.92 -44.00 -36.60
C GLY D 579 -3.45 -43.65 -36.70
N ARG D 580 -3.06 -42.40 -36.47
CA ARG D 580 -1.64 -42.10 -36.53
C ARG D 580 -1.06 -41.22 -35.43
N LEU D 581 0.26 -41.38 -35.27
CA LEU D 581 1.13 -40.70 -34.28
C LEU D 581 2.16 -39.93 -35.05
N PRO D 582 2.48 -38.69 -34.61
CA PRO D 582 3.43 -37.79 -35.32
C PRO D 582 4.98 -37.84 -35.47
N PHE D 583 5.74 -38.13 -34.46
CA PHE D 583 7.16 -38.42 -34.40
C PHE D 583 8.28 -38.68 -35.58
N GLY D 584 9.37 -39.27 -35.08
CA GLY D 584 10.59 -39.81 -35.74
C GLY D 584 10.71 -41.30 -35.35
N THR D 585 11.22 -42.12 -36.26
CA THR D 585 11.20 -43.54 -36.37
C THR D 585 9.69 -43.86 -35.91
N ALA D 586 9.35 -44.64 -34.90
CA ALA D 586 8.02 -45.00 -34.60
C ALA D 586 7.36 -43.99 -33.55
N SER D 587 7.86 -44.04 -32.32
CA SER D 587 7.41 -43.14 -31.23
C SER D 587 8.55 -42.16 -30.82
N GLY D 588 8.38 -41.50 -29.67
CA GLY D 588 9.37 -40.58 -29.16
C GLY D 588 10.54 -41.37 -28.66
N LYS D 589 11.71 -41.07 -29.20
CA LYS D 589 12.79 -41.86 -28.66
C LYS D 589 13.33 -41.15 -27.40
N ILE D 590 13.28 -41.81 -26.25
CA ILE D 590 13.87 -41.24 -25.00
C ILE D 590 15.30 -41.75 -24.91
N GLU D 591 16.19 -40.81 -24.63
CA GLU D 591 17.63 -41.01 -24.53
C GLU D 591 18.19 -41.78 -25.75
N LEU D 592 17.42 -41.78 -26.85
CA LEU D 592 17.75 -42.51 -28.10
C LEU D 592 17.96 -41.78 -29.37
N TYR D 593 18.36 -42.55 -30.37
CA TYR D 593 18.57 -42.14 -31.76
C TYR D 593 19.59 -43.06 -31.99
N CYS D 594 19.36 -43.88 -32.94
CA CYS D 594 20.18 -44.93 -33.21
C CYS D 594 21.66 -44.93 -33.90
N GLN D 595 21.88 -44.24 -34.92
CA GLN D 595 23.00 -44.07 -35.75
C GLN D 595 24.25 -43.28 -35.17
N ARG D 596 24.01 -42.75 -33.96
CA ARG D 596 24.93 -41.90 -33.22
C ARG D 596 25.60 -42.84 -32.23
N PHE D 597 24.78 -43.67 -31.60
CA PHE D 597 25.21 -44.69 -30.63
C PHE D 597 25.90 -45.83 -31.37
N LYS D 598 25.48 -46.03 -32.61
CA LYS D 598 25.95 -47.05 -33.58
C LYS D 598 27.33 -46.65 -34.10
N GLU D 599 27.43 -45.40 -34.46
CA GLU D 599 28.68 -44.85 -34.91
C GLU D 599 28.63 -43.33 -34.59
N ALA D 600 29.77 -42.82 -34.15
CA ALA D 600 29.92 -41.44 -33.74
C ALA D 600 29.13 -40.95 -32.51
N GLY D 601 29.77 -41.18 -31.37
CA GLY D 601 29.32 -40.78 -30.07
C GLY D 601 28.37 -41.53 -29.19
N HIS D 602 28.68 -41.52 -27.89
CA HIS D 602 27.89 -42.10 -26.79
C HIS D 602 26.49 -41.36 -26.81
N GLN D 603 25.43 -42.14 -26.56
CA GLN D 603 24.01 -41.69 -26.65
C GLN D 603 23.26 -40.73 -25.74
N PRO D 604 23.56 -40.76 -24.45
CA PRO D 604 22.86 -39.84 -23.56
C PRO D 604 23.53 -38.61 -23.05
N LEU D 605 22.81 -37.90 -22.22
CA LEU D 605 23.23 -36.70 -21.62
C LEU D 605 23.90 -36.95 -20.30
N PRO D 606 25.22 -37.25 -20.34
CA PRO D 606 25.91 -37.48 -19.07
C PRO D 606 26.68 -36.16 -19.05
N VAL D 607 27.17 -35.72 -20.23
CA VAL D 607 27.97 -34.49 -20.38
C VAL D 607 27.47 -33.37 -19.53
N PHE D 608 27.32 -33.58 -18.24
CA PHE D 608 26.92 -32.44 -17.49
C PHE D 608 28.24 -31.52 -17.62
N THR D 609 29.39 -32.21 -17.72
CA THR D 609 30.80 -31.78 -17.87
C THR D 609 31.17 -30.40 -17.36
N PRO D 610 31.53 -30.29 -16.07
CA PRO D 610 31.90 -29.02 -15.45
C PRO D 610 32.54 -28.00 -16.33
N PRO D 611 31.87 -26.85 -16.52
CA PRO D 611 32.42 -25.81 -17.36
C PRO D 611 33.76 -25.34 -16.81
N GLU D 612 34.59 -24.86 -17.71
CA GLU D 612 35.88 -24.29 -17.37
C GLU D 612 35.53 -22.97 -16.67
N GLU D 613 36.07 -22.75 -15.48
CA GLU D 613 35.75 -21.55 -14.74
C GLU D 613 36.62 -20.35 -15.01
N PRO D 614 36.05 -19.14 -14.88
CA PRO D 614 36.87 -17.95 -15.14
C PRO D 614 38.13 -17.81 -14.33
N PRO D 615 39.23 -17.32 -14.96
CA PRO D 615 40.52 -17.13 -14.28
C PRO D 615 40.31 -16.08 -13.18
N GLU D 616 41.27 -15.93 -12.29
CA GLU D 616 41.16 -14.92 -11.27
C GLU D 616 41.19 -13.53 -11.93
N GLY D 617 40.31 -12.66 -11.43
CA GLY D 617 40.16 -11.29 -11.91
C GLY D 617 39.28 -11.11 -13.13
N PHE D 618 38.58 -12.20 -13.45
CA PHE D 618 37.72 -12.24 -14.61
C PHE D 618 36.30 -12.66 -14.15
N TYR D 619 35.37 -12.56 -15.08
CA TYR D 619 33.98 -12.91 -14.90
C TYR D 619 33.58 -13.75 -16.09
N ARG D 620 32.55 -14.60 -15.98
CA ARG D 620 32.14 -15.33 -17.18
C ARG D 620 31.18 -14.40 -17.96
N LEU D 621 31.62 -13.84 -19.08
CA LEU D 621 30.79 -12.92 -19.88
C LEU D 621 29.43 -13.56 -20.12
N LEU D 622 28.40 -12.73 -20.11
CA LEU D 622 27.08 -13.25 -20.41
C LEU D 622 26.53 -12.26 -21.47
N TYR D 623 25.25 -12.32 -21.79
CA TYR D 623 24.66 -11.39 -22.77
C TYR D 623 23.19 -11.77 -22.92
N GLY D 624 22.39 -10.85 -23.45
CA GLY D 624 20.97 -11.03 -23.64
C GLY D 624 20.36 -10.01 -24.57
N ARG D 625 19.13 -9.58 -24.29
CA ARG D 625 18.40 -8.63 -25.12
C ARG D 625 17.77 -7.49 -24.30
N SER D 626 17.69 -6.29 -24.89
CA SER D 626 17.06 -5.13 -24.26
C SER D 626 15.74 -4.93 -25.06
N PRO D 627 14.58 -5.13 -24.39
CA PRO D 627 13.24 -5.02 -24.97
C PRO D 627 13.00 -4.11 -26.12
N VAL D 628 13.70 -3.00 -26.14
CA VAL D 628 13.50 -2.03 -27.16
C VAL D 628 14.28 -2.35 -28.47
N HIS D 629 15.47 -2.95 -28.32
CA HIS D 629 16.41 -3.37 -29.41
C HIS D 629 16.43 -4.88 -29.82
N THR D 630 16.41 -5.09 -31.14
CA THR D 630 16.45 -6.39 -31.89
C THR D 630 17.88 -6.51 -32.45
N PHE D 631 18.73 -7.40 -31.92
CA PHE D 631 20.14 -7.50 -32.33
C PHE D 631 20.73 -6.10 -32.64
N ALA D 632 21.90 -6.07 -33.27
CA ALA D 632 22.60 -4.82 -33.60
C ALA D 632 22.05 -3.89 -34.71
N ARG D 633 20.99 -4.29 -35.41
CA ARG D 633 20.43 -3.48 -36.52
C ARG D 633 19.48 -2.39 -36.10
N THR D 634 19.48 -2.03 -34.84
CA THR D 634 18.50 -1.06 -34.43
C THR D 634 19.09 0.11 -33.64
N GLN D 635 20.41 0.09 -33.48
CA GLN D 635 21.11 1.12 -32.77
C GLN D 635 20.99 2.52 -33.44
N ASN D 636 20.97 2.60 -34.77
CA ASN D 636 20.85 3.89 -35.52
C ASN D 636 19.43 4.47 -35.58
N ASN D 637 18.48 3.68 -35.05
CA ASN D 637 17.08 4.11 -35.02
C ASN D 637 16.95 5.17 -33.89
N TRP D 638 16.57 6.40 -34.21
CA TRP D 638 16.47 7.42 -33.15
C TRP D 638 15.31 7.19 -32.18
N VAL D 639 14.17 6.74 -32.70
CA VAL D 639 13.03 6.48 -31.84
C VAL D 639 13.44 5.41 -30.79
N LEU D 640 14.11 4.35 -31.23
CA LEU D 640 14.54 3.29 -30.34
C LEU D 640 15.82 3.58 -29.52
N MET D 641 16.75 4.35 -30.06
CA MET D 641 17.99 4.70 -29.33
C MET D 641 17.72 5.69 -28.18
N GLU D 642 16.65 6.46 -28.35
CA GLU D 642 16.19 7.46 -27.38
C GLU D 642 15.68 6.76 -26.11
N MET D 643 15.09 5.57 -26.30
CA MET D 643 14.58 4.77 -25.21
C MET D 643 15.78 4.07 -24.50
N ASP D 644 16.79 3.63 -25.26
CA ASP D 644 17.98 2.93 -24.67
C ASP D 644 19.24 3.25 -25.52
N PRO D 645 19.88 4.42 -25.24
CA PRO D 645 21.09 4.89 -25.92
C PRO D 645 22.40 4.12 -25.76
N GLU D 646 22.45 3.21 -24.80
CA GLU D 646 23.71 2.48 -24.58
C GLU D 646 23.46 1.22 -23.77
N ASN D 647 24.40 0.27 -23.79
CA ASN D 647 24.19 -0.84 -22.93
C ASN D 647 24.91 -0.51 -21.62
N GLU D 648 24.76 -1.42 -20.67
CA GLU D 648 25.28 -1.21 -19.33
C GLU D 648 25.78 -2.59 -18.75
N VAL D 649 26.96 -2.64 -18.12
CA VAL D 649 27.48 -3.91 -17.56
C VAL D 649 26.97 -4.21 -16.15
N TRP D 650 26.37 -5.38 -15.99
CA TRP D 650 25.83 -5.82 -14.71
C TRP D 650 26.97 -6.58 -13.96
N ILE D 651 27.29 -6.15 -12.74
CA ILE D 651 28.33 -6.74 -11.84
C ILE D 651 27.66 -6.64 -10.49
N HIS D 652 27.99 -7.56 -9.61
CA HIS D 652 27.42 -7.51 -8.30
C HIS D 652 27.95 -6.32 -7.53
N LYS D 653 27.05 -5.73 -6.76
CA LYS D 653 27.31 -4.59 -5.90
C LYS D 653 28.62 -4.70 -5.09
N GLU D 654 28.84 -5.85 -4.49
CA GLU D 654 30.03 -6.09 -3.69
C GLU D 654 31.27 -6.32 -4.51
N GLU D 655 31.10 -6.75 -5.74
CA GLU D 655 32.25 -6.95 -6.60
C GLU D 655 32.71 -5.58 -7.09
N ALA D 656 31.73 -4.77 -7.48
CA ALA D 656 31.97 -3.40 -7.97
C ALA D 656 32.63 -2.57 -6.86
N LYS D 657 32.19 -2.79 -5.64
CA LYS D 657 32.73 -2.10 -4.46
C LYS D 657 34.22 -2.50 -4.21
N ARG D 658 34.57 -3.78 -4.38
CA ARG D 658 35.96 -4.27 -4.25
C ARG D 658 36.87 -3.71 -5.34
N LEU D 659 36.37 -3.68 -6.58
CA LEU D 659 37.10 -3.07 -7.70
C LEU D 659 36.77 -1.68 -7.18
N GLY D 660 37.07 -0.55 -7.79
CA GLY D 660 36.63 0.64 -7.08
C GLY D 660 35.57 1.35 -7.89
N LEU D 661 34.47 0.67 -8.18
CA LEU D 661 33.49 1.26 -9.08
C LEU D 661 32.15 1.71 -8.52
N LYS D 662 31.68 2.84 -9.02
CA LYS D 662 30.39 3.34 -8.57
C LYS D 662 29.42 3.52 -9.71
N GLU D 663 28.22 3.98 -9.38
CA GLU D 663 27.17 4.15 -10.34
C GLU D 663 27.44 5.09 -11.52
N GLY D 664 28.29 6.08 -11.35
CA GLY D 664 28.51 6.92 -12.49
C GLY D 664 29.54 6.39 -13.48
N ASP D 665 30.35 5.45 -13.01
CA ASP D 665 31.49 4.93 -13.77
C ASP D 665 31.40 4.19 -15.07
N TYR D 666 32.45 4.36 -15.88
CA TYR D 666 32.60 3.67 -17.16
C TYR D 666 33.82 2.76 -17.03
N VAL D 667 33.87 1.78 -17.89
CA VAL D 667 34.86 0.76 -17.77
C VAL D 667 35.14 0.23 -19.17
N MET D 668 36.31 -0.40 -19.35
CA MET D 668 36.64 -1.09 -20.60
C MET D 668 36.57 -2.56 -20.15
N LEU D 669 36.09 -3.41 -21.04
CA LEU D 669 36.02 -4.84 -20.77
C LEU D 669 37.14 -5.41 -21.62
N VAL D 670 38.01 -6.17 -21.00
CA VAL D 670 39.12 -6.77 -21.71
C VAL D 670 38.87 -8.26 -21.62
N ASN D 671 38.95 -8.98 -22.74
CA ASN D 671 38.70 -10.41 -22.62
C ASN D 671 40.00 -11.18 -22.35
N GLN D 672 39.89 -12.49 -22.20
CA GLN D 672 41.05 -13.29 -21.87
C GLN D 672 42.17 -13.20 -22.89
N ASP D 673 41.79 -12.89 -24.11
CA ASP D 673 42.73 -12.74 -25.21
C ASP D 673 43.19 -11.30 -25.44
N GLY D 674 42.97 -10.42 -24.47
CA GLY D 674 43.40 -9.04 -24.64
C GLY D 674 42.53 -8.05 -25.41
N VAL D 675 41.44 -8.48 -26.06
CA VAL D 675 40.58 -7.55 -26.81
C VAL D 675 39.82 -6.66 -25.82
N LYS D 676 39.78 -5.36 -26.13
CA LYS D 676 39.20 -4.28 -25.31
C LYS D 676 37.93 -3.68 -25.95
N GLU D 677 36.84 -3.47 -25.20
CA GLU D 677 35.61 -2.89 -25.78
C GLU D 677 35.19 -1.52 -25.17
N GLY D 678 35.13 -0.51 -26.09
CA GLY D 678 34.83 0.92 -25.87
C GLY D 678 34.26 1.24 -24.52
N PRO D 679 34.42 2.46 -23.92
CA PRO D 679 33.78 2.48 -22.60
C PRO D 679 32.26 2.14 -22.46
N VAL D 680 31.92 1.29 -21.48
CA VAL D 680 30.52 0.91 -21.13
C VAL D 680 30.20 1.36 -19.71
N ARG D 681 28.99 1.85 -19.47
CA ARG D 681 28.60 2.25 -18.12
C ARG D 681 28.52 0.99 -17.23
N VAL D 682 28.91 1.19 -15.97
CA VAL D 682 28.90 0.18 -14.93
C VAL D 682 27.58 0.20 -14.19
N LYS D 683 26.94 -0.97 -14.08
CA LYS D 683 25.68 -1.11 -13.34
C LYS D 683 25.87 -2.11 -12.17
N PRO D 684 26.21 -1.62 -10.95
CA PRO D 684 26.43 -2.47 -9.77
C PRO D 684 25.15 -3.20 -9.37
N THR D 685 24.09 -2.47 -9.33
CA THR D 685 22.84 -3.10 -9.07
C THR D 685 22.67 -4.74 -9.18
N ALA D 686 22.75 -5.35 -7.97
CA ALA D 686 22.57 -6.75 -7.36
C ALA D 686 21.79 -8.02 -7.87
N ARG D 687 21.37 -7.99 -9.11
CA ARG D 687 20.61 -9.06 -9.71
C ARG D 687 21.53 -10.05 -10.44
N ILE D 688 22.73 -10.30 -9.94
CA ILE D 688 23.62 -11.24 -10.63
C ILE D 688 24.64 -11.92 -9.70
N ARG D 689 25.07 -13.14 -10.03
CA ARG D 689 26.07 -13.78 -9.19
C ARG D 689 27.41 -13.02 -9.34
N LYS D 690 28.34 -13.30 -8.45
CA LYS D 690 29.67 -12.65 -8.36
C LYS D 690 30.68 -13.23 -9.35
N ASP D 691 30.16 -14.27 -9.97
CA ASP D 691 30.70 -15.21 -10.93
C ASP D 691 30.74 -14.79 -12.39
N CYS D 692 29.87 -13.81 -12.62
CA CYS D 692 29.41 -13.32 -13.91
C CYS D 692 29.30 -11.85 -14.16
N VAL D 693 29.13 -11.49 -15.42
CA VAL D 693 28.88 -10.10 -15.74
C VAL D 693 27.89 -10.21 -16.93
N TYR D 694 27.07 -9.18 -17.18
CA TYR D 694 26.08 -9.22 -18.27
C TYR D 694 26.00 -7.95 -19.11
N ILE D 695 26.01 -8.08 -20.44
CA ILE D 695 25.78 -6.93 -21.30
C ILE D 695 24.80 -7.27 -22.40
N VAL D 696 23.95 -6.31 -22.75
CA VAL D 696 22.99 -6.50 -23.83
C VAL D 696 23.81 -6.55 -25.13
N HIS D 697 23.40 -7.44 -26.02
CA HIS D 697 24.05 -7.68 -27.30
C HIS D 697 23.74 -6.65 -28.37
N GLY D 698 24.74 -6.35 -29.18
CA GLY D 698 24.48 -5.48 -30.30
C GLY D 698 24.90 -4.06 -30.26
N PHE D 699 25.63 -3.70 -29.22
CA PHE D 699 26.12 -2.35 -29.13
C PHE D 699 27.56 -2.32 -29.57
N GLY D 700 28.25 -1.22 -29.30
CA GLY D 700 29.64 -1.08 -29.68
C GLY D 700 29.96 -1.11 -31.18
N HIS D 701 29.08 -0.51 -31.98
CA HIS D 701 29.31 -0.47 -33.40
C HIS D 701 30.51 0.38 -33.73
N LYS D 702 31.22 0.00 -34.78
CA LYS D 702 32.24 0.92 -35.28
C LYS D 702 31.86 1.05 -36.75
N ALA D 703 31.07 2.08 -36.97
CA ALA D 703 30.47 2.33 -38.26
C ALA D 703 30.23 3.83 -38.30
N PRO D 704 31.22 4.61 -38.73
CA PRO D 704 30.97 6.06 -38.74
C PRO D 704 29.78 6.58 -39.54
N LEU D 705 29.32 5.85 -40.54
CA LEU D 705 28.18 6.32 -41.32
C LEU D 705 26.84 6.02 -40.65
N MET D 706 26.83 5.16 -39.65
CA MET D 706 25.60 4.95 -38.90
C MET D 706 25.91 5.91 -37.75
N ARG D 707 25.57 7.16 -38.01
CA ARG D 707 25.90 8.24 -37.11
C ARG D 707 25.45 8.17 -35.65
N LEU D 708 24.29 7.58 -35.38
CA LEU D 708 23.80 7.40 -34.01
C LEU D 708 24.44 6.17 -33.35
N ALA D 709 24.51 5.07 -34.08
CA ALA D 709 25.04 3.83 -33.55
C ALA D 709 26.51 3.86 -33.19
N HIS D 710 27.21 4.69 -33.94
CA HIS D 710 28.65 4.67 -33.88
C HIS D 710 29.49 4.47 -32.64
N GLY D 711 29.69 5.33 -31.68
CA GLY D 711 30.64 4.76 -30.73
C GLY D 711 30.13 4.39 -29.36
N ARG D 712 28.95 3.80 -29.31
CA ARG D 712 28.28 3.63 -28.05
C ARG D 712 28.17 2.25 -27.44
N GLY D 713 28.55 2.11 -26.18
CA GLY D 713 28.47 0.84 -25.50
C GLY D 713 29.61 -0.11 -25.82
N ALA D 714 29.50 -1.35 -25.34
CA ALA D 714 30.50 -2.38 -25.59
C ALA D 714 29.85 -3.49 -26.41
N SER D 715 30.65 -4.15 -27.23
CA SER D 715 30.17 -5.21 -28.07
C SER D 715 30.55 -6.59 -27.51
N ASP D 716 29.56 -7.46 -27.27
CA ASP D 716 29.89 -8.78 -26.76
C ASP D 716 30.55 -9.62 -27.86
N ASN D 717 30.08 -9.52 -29.10
CA ASN D 717 30.70 -10.32 -30.14
C ASN D 717 32.20 -10.05 -30.29
N TYR D 718 32.64 -8.79 -30.16
CA TYR D 718 34.06 -8.43 -30.25
C TYR D 718 34.85 -8.97 -29.05
N LEU D 719 34.19 -9.22 -27.93
CA LEU D 719 34.87 -9.82 -26.80
C LEU D 719 34.74 -11.35 -26.88
N GLN D 720 33.98 -11.87 -27.84
CA GLN D 720 33.78 -13.31 -27.98
C GLN D 720 34.73 -13.85 -29.02
N THR D 721 35.96 -13.93 -28.59
CA THR D 721 37.04 -14.33 -29.42
C THR D 721 37.09 -15.86 -29.58
N ARG D 722 36.52 -16.57 -28.60
CA ARG D 722 36.47 -18.04 -28.64
C ARG D 722 35.06 -18.58 -28.61
N TYR D 723 34.94 -19.87 -28.86
CA TYR D 723 33.66 -20.51 -28.76
C TYR D 723 33.96 -21.97 -28.66
N LYS D 724 33.09 -22.72 -27.99
CA LYS D 724 33.30 -24.15 -27.93
C LYS D 724 32.25 -24.79 -28.82
N LEU D 725 32.71 -25.47 -29.86
CA LEU D 725 31.86 -26.13 -30.86
C LEU D 725 31.10 -27.33 -30.29
N ASP D 726 29.82 -27.45 -30.63
CA ASP D 726 29.03 -28.59 -30.17
C ASP D 726 29.28 -29.71 -31.21
N PRO D 727 29.90 -30.85 -30.79
CA PRO D 727 30.18 -31.97 -31.69
C PRO D 727 28.93 -32.60 -32.27
N ILE D 728 27.79 -32.41 -31.62
CA ILE D 728 26.54 -32.98 -32.13
C ILE D 728 25.87 -32.00 -33.12
N SER D 729 25.40 -30.86 -32.64
CA SER D 729 24.76 -29.86 -33.50
C SER D 729 25.82 -28.89 -34.07
N GLY D 730 25.48 -27.99 -34.96
CA GLY D 730 26.58 -27.14 -35.36
C GLY D 730 27.03 -26.05 -34.37
N GLY D 731 26.35 -25.90 -33.23
CA GLY D 731 26.59 -24.81 -32.29
C GLY D 731 27.88 -24.13 -31.86
N ALA D 732 27.97 -22.81 -31.96
CA ALA D 732 29.17 -22.10 -31.50
C ALA D 732 28.92 -21.70 -30.03
N GLY D 733 29.36 -22.51 -29.08
CA GLY D 733 29.18 -22.20 -27.67
C GLY D 733 29.90 -20.92 -27.25
N LEU D 734 29.13 -19.85 -27.09
CA LEU D 734 29.61 -18.51 -26.76
C LEU D 734 29.88 -18.09 -25.31
N ARG D 735 29.25 -18.73 -24.34
CA ARG D 735 29.38 -18.29 -22.94
C ARG D 735 30.59 -18.84 -22.21
N VAL D 736 31.59 -19.05 -23.02
CA VAL D 736 32.82 -19.67 -22.64
C VAL D 736 33.95 -18.61 -22.58
N ASN D 737 33.56 -17.35 -22.72
CA ASN D 737 34.49 -16.22 -22.72
C ASN D 737 34.44 -15.52 -21.40
N PHE D 738 35.58 -14.96 -21.00
CA PHE D 738 35.75 -14.25 -19.75
C PHE D 738 36.21 -12.82 -20.01
N VAL D 739 35.92 -11.96 -19.04
CA VAL D 739 36.15 -10.56 -19.23
C VAL D 739 36.64 -9.89 -17.92
N ARG D 740 37.52 -8.87 -18.02
CA ARG D 740 38.01 -8.11 -16.86
C ARG D 740 37.63 -6.63 -17.00
N LEU D 741 37.56 -5.91 -15.89
CA LEU D 741 37.14 -4.51 -15.92
C LEU D 741 38.28 -3.54 -15.64
N GLU D 742 38.53 -2.59 -16.54
CA GLU D 742 39.57 -1.59 -16.32
C GLU D 742 38.82 -0.29 -16.31
N LYS D 743 39.18 0.56 -15.37
CA LYS D 743 38.51 1.83 -15.26
C LYS D 743 38.83 2.71 -16.50
N ALA D 744 37.83 3.46 -16.92
CA ALA D 744 37.94 4.32 -18.10
C ALA D 744 37.17 5.59 -17.89
N GLU D 745 37.51 6.61 -18.68
CA GLU D 745 36.82 7.89 -18.61
C GLU D 745 35.47 7.80 -19.32
N ARG D 746 34.52 8.60 -18.84
CA ARG D 746 33.19 8.66 -19.44
C ARG D 746 33.42 9.14 -20.90
N PRO D 747 32.76 8.49 -21.88
CA PRO D 747 33.02 8.92 -23.23
C PRO D 747 32.42 10.22 -23.72
N ARG D 748 33.08 10.77 -24.73
CA ARG D 748 32.68 12.03 -25.35
C ARG D 748 31.94 11.62 -26.60
N LEU D 749 30.67 11.98 -26.71
CA LEU D 749 29.90 11.53 -27.87
C LEU D 749 28.95 12.60 -28.39
N PRO D 750 28.62 12.55 -29.69
CA PRO D 750 27.69 13.60 -30.12
C PRO D 750 26.31 13.50 -29.46
N SER D 751 25.59 14.62 -29.44
CA SER D 751 24.26 14.61 -28.88
C SER D 751 23.40 13.79 -29.81
N LEU D 752 22.69 12.87 -29.20
CA LEU D 752 21.81 11.97 -29.87
C LEU D 752 20.51 12.66 -30.34
N THR D 753 20.04 13.65 -29.58
CA THR D 753 18.83 14.37 -29.96
C THR D 753 19.14 15.21 -31.19
N GLY D 754 20.32 15.83 -31.17
CA GLY D 754 20.82 16.64 -32.27
C GLY D 754 20.89 15.80 -33.54
N LEU D 755 21.40 14.58 -33.40
CA LEU D 755 21.43 13.68 -34.53
C LEU D 755 19.99 13.21 -34.87
N ALA D 756 19.13 13.00 -33.87
CA ALA D 756 17.78 12.52 -34.21
C ALA D 756 16.96 13.51 -35.05
N LYS D 757 17.29 14.78 -34.91
CA LYS D 757 16.57 15.87 -35.57
C LYS D 757 16.80 16.13 -37.05
N ARG D 758 17.94 15.68 -37.57
CA ARG D 758 18.25 15.78 -38.99
C ARG D 758 16.99 15.28 -39.66
N PRO D 759 16.42 16.08 -40.56
CA PRO D 759 15.20 15.69 -41.26
C PRO D 759 15.46 14.66 -42.33
N PHE D 760 14.45 13.83 -42.58
CA PHE D 760 14.54 12.83 -43.61
C PHE D 760 14.16 13.41 -44.95
N ASP D 761 15.16 13.50 -45.80
CA ASP D 761 15.07 14.02 -47.14
C ASP D 761 14.89 12.86 -48.14
N GLU D 762 13.65 12.68 -48.57
CA GLU D 762 13.19 11.64 -49.51
C GLU D 762 13.86 11.73 -50.89
N ARG D 763 14.68 12.76 -51.04
CA ARG D 763 15.28 13.25 -52.29
C ARG D 763 14.20 13.33 -53.37
N ARG D 764 14.04 12.41 -54.17
N MET E 1 -18.95 14.69 -18.33
CA MET E 1 -19.79 13.98 -17.32
C MET E 1 -19.23 12.59 -16.79
N PRO E 2 -18.32 11.90 -17.57
CA PRO E 2 -17.73 10.63 -17.06
C PRO E 2 -16.44 11.15 -16.32
N ARG E 3 -15.63 10.24 -15.78
CA ARG E 3 -14.34 10.58 -15.14
C ARG E 3 -13.29 9.64 -15.75
N TYR E 4 -12.57 10.14 -16.75
CA TYR E 4 -11.58 9.33 -17.46
C TYR E 4 -10.36 8.86 -16.73
N ALA E 5 -10.09 7.57 -16.77
CA ALA E 5 -8.91 7.04 -16.11
C ALA E 5 -8.21 5.85 -16.74
N MET E 6 -6.97 5.69 -16.28
CA MET E 6 -6.04 4.70 -16.74
C MET E 6 -5.56 3.87 -15.55
N ALA E 7 -5.45 2.56 -15.70
CA ALA E 7 -4.93 1.75 -14.62
C ALA E 7 -3.83 0.88 -15.21
N ILE E 8 -2.76 0.69 -14.44
CA ILE E 8 -1.65 -0.13 -14.88
C ILE E 8 -1.35 -1.20 -13.85
N ASP E 9 -1.53 -2.43 -14.27
CA ASP E 9 -1.31 -3.56 -13.38
C ASP E 9 0.20 -3.86 -13.38
N LEU E 10 0.93 -3.42 -12.35
CA LEU E 10 2.38 -3.62 -12.26
C LEU E 10 2.82 -5.07 -12.04
N SER E 11 1.88 -5.96 -11.71
CA SER E 11 2.23 -7.35 -11.52
C SER E 11 2.45 -7.99 -12.91
N LEU E 12 1.92 -7.35 -13.94
CA LEU E 12 2.06 -7.83 -15.32
C LEU E 12 3.02 -6.97 -16.17
N CYS E 13 3.26 -5.72 -15.79
CA CYS E 13 4.18 -4.88 -16.53
C CYS E 13 5.59 -5.50 -16.48
N VAL E 14 6.19 -5.63 -17.65
CA VAL E 14 7.54 -6.16 -17.79
C VAL E 14 8.42 -5.01 -18.26
N GLY E 15 7.86 -3.83 -18.43
CA GLY E 15 8.66 -2.68 -18.84
C GLY E 15 9.41 -2.74 -20.17
N CYS E 16 8.84 -3.47 -21.13
CA CYS E 16 9.31 -3.61 -22.53
C CYS E 16 8.92 -2.17 -22.91
N ALA E 17 9.50 -1.37 -23.77
CA ALA E 17 8.75 -0.09 -23.75
C ALA E 17 7.76 0.15 -24.89
N ALA E 18 6.84 -0.80 -25.10
CA ALA E 18 5.92 -0.71 -26.23
C ALA E 18 4.93 0.44 -26.32
N CYS E 19 4.36 0.75 -25.16
CA CYS E 19 3.40 1.82 -24.96
C CYS E 19 4.16 3.10 -25.24
N ALA E 20 5.33 3.22 -24.62
CA ALA E 20 6.17 4.40 -24.80
C ALA E 20 6.49 4.63 -26.28
N VAL E 21 6.82 3.58 -27.03
CA VAL E 21 7.13 3.75 -28.44
C VAL E 21 5.85 3.98 -29.28
N ALA E 22 4.75 3.31 -28.94
CA ALA E 22 3.47 3.51 -29.66
C ALA E 22 3.02 5.00 -29.56
N CYS E 23 3.18 5.59 -28.37
CA CYS E 23 2.90 7.02 -28.09
C CYS E 23 3.73 7.93 -29.04
N LYS E 24 5.05 7.80 -29.01
CA LYS E 24 5.98 8.57 -29.90
C LYS E 24 5.67 8.53 -31.39
N MET E 25 5.08 7.43 -31.84
CA MET E 25 4.77 7.29 -33.25
C MET E 25 3.48 8.00 -33.62
N GLU E 26 2.46 7.77 -32.79
CA GLU E 26 1.12 8.31 -32.90
C GLU E 26 1.01 9.84 -32.80
N ASN E 27 1.59 10.35 -31.72
CA ASN E 27 1.51 11.77 -31.42
C ASN E 27 2.73 12.49 -31.94
N GLU E 28 3.50 11.77 -32.73
CA GLU E 28 4.69 12.28 -33.34
C GLU E 28 5.39 13.19 -32.34
N VAL E 29 5.64 12.65 -31.15
CA VAL E 29 6.32 13.39 -30.10
C VAL E 29 7.78 13.49 -30.61
N PRO E 30 8.34 14.71 -30.64
CA PRO E 30 9.69 15.09 -31.09
C PRO E 30 10.85 14.49 -30.29
N PRO E 31 12.07 14.38 -30.88
CA PRO E 31 13.23 13.82 -30.16
C PRO E 31 13.58 14.60 -28.88
N GLY E 32 13.97 13.90 -27.81
CA GLY E 32 14.37 14.55 -26.57
C GLY E 32 13.28 14.76 -25.53
N VAL E 33 12.03 14.57 -25.92
CA VAL E 33 10.94 14.74 -24.98
C VAL E 33 9.98 13.56 -25.07
N PHE E 34 9.30 13.29 -23.97
CA PHE E 34 8.45 12.11 -23.84
C PHE E 34 7.10 12.32 -23.17
N ASN E 35 6.02 11.83 -23.77
CA ASN E 35 4.73 11.92 -23.08
C ASN E 35 4.70 10.79 -22.03
N LEU E 36 5.43 9.72 -22.34
CA LEU E 36 5.45 8.49 -21.55
C LEU E 36 6.86 7.92 -21.53
N TRP E 37 7.28 7.43 -20.36
CA TRP E 37 8.59 6.81 -20.17
C TRP E 37 8.43 5.68 -19.12
N ILE E 38 9.40 4.77 -19.02
CA ILE E 38 9.36 3.65 -18.07
C ILE E 38 10.47 3.85 -17.02
N ARG E 39 10.20 3.51 -15.77
CA ARG E 39 11.17 3.63 -14.68
C ARG E 39 11.27 2.22 -14.15
N GLU E 40 12.49 1.74 -13.94
CA GLU E 40 12.73 0.38 -13.47
C GLU E 40 13.64 0.47 -12.27
N ARG E 41 13.24 -0.12 -11.15
CA ARG E 41 14.02 -0.03 -9.94
C ARG E 41 14.04 -1.37 -9.18
N GLU E 42 15.21 -1.75 -8.65
CA GLU E 42 15.36 -2.99 -7.88
C GLU E 42 15.31 -2.63 -6.38
N VAL E 43 14.75 -3.51 -5.56
CA VAL E 43 14.61 -3.35 -4.10
C VAL E 43 15.27 -4.63 -3.76
N GLY E 44 16.33 -4.52 -3.01
CA GLY E 44 17.19 -5.66 -2.96
C GLY E 44 17.58 -6.69 -1.98
N GLU E 45 18.57 -7.50 -2.38
CA GLU E 45 19.14 -8.60 -1.61
C GLU E 45 18.49 -9.96 -1.90
N TYR E 46 19.27 -10.86 -2.49
CA TYR E 46 18.90 -12.21 -2.96
C TYR E 46 17.57 -12.95 -2.70
N PRO E 47 17.38 -13.57 -1.50
CA PRO E 47 16.13 -14.29 -1.22
C PRO E 47 14.92 -13.40 -1.33
N ASN E 48 15.21 -12.11 -1.35
CA ASN E 48 14.20 -11.08 -1.35
C ASN E 48 14.41 -9.93 -2.35
N LEU E 49 14.70 -10.27 -3.60
CA LEU E 49 14.89 -9.30 -4.67
C LEU E 49 13.51 -8.98 -5.25
N VAL E 50 13.24 -7.70 -5.52
CA VAL E 50 12.00 -7.24 -6.16
C VAL E 50 12.33 -6.16 -7.24
N VAL E 51 11.76 -6.27 -8.44
CA VAL E 51 11.98 -5.26 -9.51
C VAL E 51 10.60 -4.69 -9.88
N GLU E 52 10.53 -3.37 -9.87
CA GLU E 52 9.32 -2.64 -10.19
C GLU E 52 9.52 -2.01 -11.55
N PHE E 53 8.62 -2.33 -12.48
CA PHE E 53 8.61 -1.75 -13.82
C PHE E 53 7.41 -0.82 -13.72
N ARG E 54 7.68 0.46 -13.94
CA ARG E 54 6.66 1.46 -13.81
C ARG E 54 6.56 2.48 -14.94
N PRO E 55 5.48 2.44 -15.73
CA PRO E 55 5.40 3.44 -16.80
C PRO E 55 4.89 4.76 -16.18
N GLU E 56 5.47 5.89 -16.54
CA GLU E 56 5.02 7.16 -16.01
C GLU E 56 4.56 8.11 -17.12
N GLN E 57 3.57 8.96 -16.84
CA GLN E 57 3.03 9.92 -17.83
C GLN E 57 2.07 10.83 -17.06
N CYS E 58 1.41 11.76 -17.76
CA CYS E 58 0.40 12.62 -17.14
C CYS E 58 -0.67 11.71 -16.54
N LEU E 59 -1.00 11.99 -15.29
CA LEU E 59 -1.97 11.22 -14.53
C LEU E 59 -3.33 11.90 -14.64
N HIS E 60 -3.36 13.02 -15.35
CA HIS E 60 -4.60 13.76 -15.55
C HIS E 60 -5.31 13.84 -14.21
N CYS E 61 -4.59 14.44 -13.26
CA CYS E 61 -4.98 14.62 -11.87
C CYS E 61 -6.37 15.24 -11.75
N GLU E 62 -7.14 14.85 -10.75
CA GLU E 62 -8.47 15.42 -10.66
C GLU E 62 -8.46 16.81 -10.08
N ASN E 63 -7.34 17.17 -9.47
CA ASN E 63 -7.21 18.45 -8.82
C ASN E 63 -5.80 18.88 -9.23
N PRO E 64 -5.61 19.13 -10.55
CA PRO E 64 -4.32 19.51 -11.13
C PRO E 64 -3.63 20.80 -10.79
N PRO E 65 -2.45 20.68 -10.17
CA PRO E 65 -1.81 21.95 -9.85
C PRO E 65 -1.34 22.79 -11.05
N CYS E 66 -1.27 22.20 -12.24
CA CYS E 66 -0.79 22.88 -13.46
C CYS E 66 -1.77 23.82 -14.19
N VAL E 67 -3.05 23.67 -13.88
CA VAL E 67 -4.15 24.46 -14.42
C VAL E 67 -4.20 25.88 -13.75
N PRO E 68 -4.45 25.99 -12.41
CA PRO E 68 -4.52 27.26 -11.65
C PRO E 68 -3.38 28.26 -11.80
N VAL E 69 -2.25 27.71 -12.16
CA VAL E 69 -1.00 28.40 -12.25
C VAL E 69 -0.76 29.14 -13.59
N CYS E 70 -1.53 28.72 -14.59
CA CYS E 70 -1.50 29.25 -15.95
C CYS E 70 -2.10 30.67 -16.03
N PRO E 71 -1.36 31.65 -16.59
CA PRO E 71 -1.89 33.02 -16.68
C PRO E 71 -2.83 33.24 -17.88
N THR E 72 -2.54 32.50 -18.91
CA THR E 72 -3.24 32.55 -20.15
C THR E 72 -4.60 31.84 -20.22
N GLY E 73 -4.70 30.68 -19.58
CA GLY E 73 -5.91 29.89 -19.62
C GLY E 73 -5.78 28.74 -20.62
N ALA E 74 -4.57 28.56 -21.16
CA ALA E 74 -4.29 27.50 -22.14
C ALA E 74 -4.29 26.09 -21.52
N SER E 75 -4.05 26.07 -20.21
CA SER E 75 -4.03 24.86 -19.40
C SER E 75 -5.43 24.78 -18.82
N TYR E 76 -6.25 23.85 -19.28
CA TYR E 76 -7.63 23.77 -18.81
C TYR E 76 -7.97 22.35 -18.46
N GLN E 77 -8.96 22.16 -17.62
CA GLN E 77 -9.38 20.83 -17.23
C GLN E 77 -10.76 20.68 -17.84
N THR E 78 -10.95 19.58 -18.54
CA THR E 78 -12.16 19.27 -19.27
C THR E 78 -13.34 18.74 -18.45
N LYS E 79 -14.55 18.72 -19.01
CA LYS E 79 -15.69 18.23 -18.23
C LYS E 79 -15.64 16.74 -17.82
N ASP E 80 -14.82 15.93 -18.49
CA ASP E 80 -14.66 14.50 -18.17
C ASP E 80 -13.33 14.18 -17.50
N GLY E 81 -12.53 15.20 -17.23
CA GLY E 81 -11.29 14.97 -16.54
C GLY E 81 -9.98 14.81 -17.27
N LEU E 82 -9.82 15.49 -18.39
CA LEU E 82 -8.58 15.44 -19.13
C LEU E 82 -7.95 16.79 -18.91
N VAL E 83 -6.64 16.83 -18.70
CA VAL E 83 -5.97 18.11 -18.58
C VAL E 83 -5.32 18.21 -19.97
N LEU E 84 -5.60 19.31 -20.65
CA LEU E 84 -5.11 19.55 -22.01
C LEU E 84 -4.49 20.93 -22.12
N VAL E 85 -3.80 21.20 -23.21
CA VAL E 85 -3.24 22.51 -23.45
C VAL E 85 -3.76 22.98 -24.80
N ASP E 86 -4.23 24.22 -24.84
CA ASP E 86 -4.69 24.85 -26.08
C ASP E 86 -3.45 25.66 -26.41
N PRO E 87 -2.72 25.26 -27.47
CA PRO E 87 -1.50 26.00 -27.82
C PRO E 87 -1.64 27.42 -28.37
N LYS E 88 -2.88 27.80 -28.61
CA LYS E 88 -3.19 29.11 -29.15
C LYS E 88 -3.03 30.18 -28.11
N LYS E 89 -3.29 29.85 -26.86
CA LYS E 89 -3.14 30.81 -25.78
C LYS E 89 -1.82 30.61 -25.01
N CYS E 90 -1.09 29.54 -25.29
CA CYS E 90 0.14 29.28 -24.54
C CYS E 90 1.31 30.24 -24.81
N ILE E 91 1.82 30.87 -23.73
CA ILE E 91 2.93 31.81 -23.85
C ILE E 91 4.26 31.17 -23.44
N ALA E 92 4.28 29.84 -23.37
CA ALA E 92 5.46 29.04 -22.99
C ALA E 92 6.28 29.65 -21.84
N CYS E 93 5.60 29.94 -20.71
CA CYS E 93 6.21 30.52 -19.50
C CYS E 93 6.73 29.46 -18.51
N GLY E 94 6.29 28.23 -18.67
CA GLY E 94 6.70 27.14 -17.79
C GLY E 94 6.05 27.06 -16.41
N ALA E 95 5.08 27.91 -16.08
CA ALA E 95 4.51 27.86 -14.74
C ALA E 95 3.93 26.50 -14.39
N CYS E 96 3.34 25.86 -15.39
CA CYS E 96 2.71 24.55 -15.27
C CYS E 96 3.77 23.46 -15.06
N ILE E 97 4.91 23.59 -15.73
CA ILE E 97 6.00 22.62 -15.57
C ILE E 97 6.49 22.75 -14.11
N ALA E 98 6.63 23.98 -13.62
CA ALA E 98 7.02 24.19 -12.22
C ALA E 98 6.01 23.58 -11.22
N ALA E 99 4.72 23.68 -11.54
CA ALA E 99 3.68 23.15 -10.65
C ALA E 99 3.34 21.66 -10.84
N CYS E 100 3.81 21.04 -11.93
CA CYS E 100 3.56 19.61 -12.16
C CYS E 100 4.54 18.84 -11.26
N PRO E 101 4.03 17.93 -10.40
CA PRO E 101 4.89 17.14 -9.49
C PRO E 101 5.54 15.88 -10.05
N TYR E 102 5.20 15.57 -11.28
CA TYR E 102 5.54 14.33 -11.96
C TYR E 102 6.45 14.31 -13.18
N ASP E 103 6.89 15.48 -13.59
CA ASP E 103 7.74 15.67 -14.78
C ASP E 103 7.06 15.24 -16.08
N ALA E 104 5.74 15.39 -16.14
CA ALA E 104 4.97 14.94 -17.29
C ALA E 104 4.91 15.91 -18.46
N ARG E 105 5.29 17.15 -18.18
CA ARG E 105 5.24 18.29 -19.09
C ARG E 105 6.53 18.74 -19.77
N TYR E 106 6.45 19.10 -21.04
CA TYR E 106 7.61 19.65 -21.73
C TYR E 106 7.27 20.77 -22.70
N LEU E 107 8.31 21.51 -23.03
CA LEU E 107 8.25 22.59 -23.98
C LEU E 107 8.42 21.95 -25.37
N HIS E 108 7.39 22.05 -26.20
CA HIS E 108 7.48 21.51 -27.55
C HIS E 108 8.39 22.45 -28.37
N PRO E 109 9.22 21.91 -29.28
CA PRO E 109 10.11 22.75 -30.10
C PRO E 109 9.35 23.75 -31.00
N ALA E 110 8.02 23.65 -31.01
CA ALA E 110 7.20 24.57 -31.79
C ALA E 110 6.67 25.71 -30.88
N GLY E 111 7.30 25.87 -29.71
CA GLY E 111 6.99 26.96 -28.80
C GLY E 111 5.79 26.99 -27.86
N TYR E 112 5.35 25.83 -27.45
CA TYR E 112 4.24 25.69 -26.52
C TYR E 112 4.46 24.40 -25.72
N VAL E 113 3.82 24.34 -24.56
CA VAL E 113 3.96 23.23 -23.64
C VAL E 113 3.09 22.05 -24.06
N SER E 114 3.65 20.85 -23.94
CA SER E 114 2.94 19.65 -24.33
C SER E 114 3.12 18.53 -23.31
N LYS E 115 2.36 17.46 -23.48
CA LYS E 115 2.38 16.38 -22.51
C LYS E 115 1.34 15.43 -23.07
N CYS E 116 1.25 14.25 -22.46
CA CYS E 116 0.27 13.24 -22.79
C CYS E 116 -1.10 13.91 -22.76
N THR E 117 -1.97 13.40 -23.61
CA THR E 117 -3.25 13.99 -23.92
C THR E 117 -4.45 13.07 -23.74
N PHE E 118 -4.19 11.91 -23.14
CA PHE E 118 -5.14 10.81 -23.03
C PHE E 118 -5.64 10.44 -24.42
N CYS E 119 -4.84 10.75 -25.44
CA CYS E 119 -5.20 10.50 -26.84
C CYS E 119 -6.59 11.09 -27.09
N ALA E 120 -6.75 12.38 -26.75
CA ALA E 120 -8.02 13.07 -26.95
C ALA E 120 -8.57 12.83 -28.37
N HIS E 121 -7.67 12.94 -29.36
CA HIS E 121 -8.03 12.74 -30.77
C HIS E 121 -8.69 11.39 -31.08
N ARG E 122 -8.38 10.38 -30.27
CA ARG E 122 -8.96 9.06 -30.45
C ARG E 122 -10.21 8.85 -29.63
N LEU E 123 -10.23 9.50 -28.48
CA LEU E 123 -11.35 9.36 -27.58
C LEU E 123 -12.62 9.91 -28.22
N GLU E 124 -12.50 10.98 -29.00
CA GLU E 124 -13.68 11.52 -29.65
C GLU E 124 -14.15 10.62 -30.79
N LYS E 125 -13.24 9.98 -31.53
CA LYS E 125 -13.71 9.09 -32.57
C LYS E 125 -14.10 7.73 -31.98
N GLY E 126 -14.15 7.65 -30.66
CA GLY E 126 -14.57 6.43 -30.00
C GLY E 126 -13.57 5.29 -29.92
N LYS E 127 -12.29 5.64 -29.89
CA LYS E 127 -11.22 4.64 -29.78
C LYS E 127 -10.45 4.75 -28.46
N VAL E 128 -9.68 3.71 -28.16
CA VAL E 128 -8.89 3.66 -26.94
C VAL E 128 -7.51 4.20 -27.29
N PRO E 129 -6.82 4.80 -26.30
CA PRO E 129 -5.47 5.36 -26.50
C PRO E 129 -4.53 4.33 -27.18
N ALA E 130 -3.49 4.84 -27.83
CA ALA E 130 -2.49 4.06 -28.55
C ALA E 130 -1.61 3.15 -27.67
N CYS E 131 -1.29 3.61 -26.47
CA CYS E 131 -0.49 2.84 -25.52
C CYS E 131 -1.28 1.64 -24.96
N VAL E 132 -2.59 1.88 -24.78
CA VAL E 132 -3.54 0.89 -24.26
C VAL E 132 -3.75 -0.15 -25.34
N GLU E 133 -3.78 0.30 -26.58
CA GLU E 133 -3.99 -0.57 -27.72
C GLU E 133 -2.84 -1.57 -28.00
N THR E 134 -1.61 -1.07 -28.00
CA THR E 134 -0.44 -1.90 -28.27
C THR E 134 0.02 -2.87 -27.19
N CYS E 135 -0.38 -2.61 -25.95
CA CYS E 135 0.12 -3.39 -24.81
C CYS E 135 0.01 -4.90 -24.91
N PRO E 136 1.18 -5.56 -25.07
CA PRO E 136 1.33 -7.01 -25.20
C PRO E 136 0.90 -7.73 -23.94
N THR E 137 1.23 -7.18 -22.79
CA THR E 137 0.86 -7.84 -21.55
C THR E 137 -0.55 -7.61 -21.02
N TYR E 138 -1.38 -6.82 -21.70
CA TYR E 138 -2.76 -6.59 -21.26
C TYR E 138 -2.81 -5.98 -19.85
N CYS E 139 -1.74 -5.28 -19.49
CA CYS E 139 -1.71 -4.71 -18.17
C CYS E 139 -2.33 -3.31 -18.07
N ARG E 140 -2.46 -2.56 -19.17
CA ARG E 140 -3.13 -1.28 -19.00
C ARG E 140 -4.57 -1.25 -19.52
N THR E 141 -5.43 -0.63 -18.71
CA THR E 141 -6.85 -0.46 -18.99
C THR E 141 -7.27 0.99 -18.92
N PHE E 142 -8.40 1.30 -19.55
CA PHE E 142 -8.88 2.65 -19.64
C PHE E 142 -10.41 2.74 -19.64
N GLY E 143 -10.93 3.93 -19.37
CA GLY E 143 -12.36 4.13 -19.38
C GLY E 143 -12.86 5.17 -18.43
N ASP E 144 -14.18 5.20 -18.28
CA ASP E 144 -14.84 6.13 -17.38
C ASP E 144 -14.97 5.41 -16.04
N LEU E 145 -14.35 6.01 -15.03
CA LEU E 145 -14.35 5.55 -13.64
C LEU E 145 -15.79 5.25 -13.14
N GLU E 146 -16.77 6.10 -13.52
CA GLU E 146 -18.19 6.00 -13.09
C GLU E 146 -19.02 4.93 -13.82
N ASP E 147 -18.53 4.45 -14.94
CA ASP E 147 -19.23 3.37 -15.63
C ASP E 147 -18.54 2.10 -15.12
N PRO E 148 -19.27 1.24 -14.36
CA PRO E 148 -18.77 -0.01 -13.79
C PRO E 148 -18.51 -1.17 -14.79
N GLU E 149 -18.75 -0.92 -16.09
CA GLU E 149 -18.50 -1.91 -17.14
C GLU E 149 -17.17 -1.57 -17.81
N SER E 150 -16.67 -0.38 -17.46
CA SER E 150 -15.38 0.15 -17.92
C SER E 150 -14.22 -0.78 -17.65
N PRO E 151 -13.24 -0.86 -18.57
CA PRO E 151 -12.12 -1.74 -18.22
C PRO E 151 -11.35 -1.11 -17.00
N VAL E 152 -11.26 0.22 -16.80
CA VAL E 152 -10.56 0.71 -15.58
C VAL E 152 -11.29 0.29 -14.31
N ALA E 153 -12.60 0.48 -14.34
CA ALA E 153 -13.51 0.20 -13.22
C ALA E 153 -13.47 -1.24 -12.72
N LYS E 154 -13.42 -2.16 -13.67
CA LYS E 154 -13.39 -3.59 -13.38
C LYS E 154 -12.05 -4.03 -12.82
N ALA E 155 -10.99 -3.39 -13.29
CA ALA E 155 -9.62 -3.68 -12.87
C ALA E 155 -9.37 -3.11 -11.48
N LEU E 156 -9.82 -1.88 -11.25
CA LEU E 156 -9.70 -1.30 -9.94
C LEU E 156 -10.42 -2.29 -9.00
N LYS E 157 -11.63 -2.73 -9.34
CA LYS E 157 -12.33 -3.68 -8.48
C LYS E 157 -11.57 -4.99 -8.25
N ALA E 158 -10.88 -5.49 -9.26
CA ALA E 158 -10.15 -6.76 -9.11
C ALA E 158 -8.77 -6.66 -8.46
N ALA E 159 -8.22 -5.47 -8.38
CA ALA E 159 -6.90 -5.28 -7.79
C ALA E 159 -6.81 -5.70 -6.34
N GLU E 160 -5.64 -6.21 -5.99
CA GLU E 160 -5.34 -6.63 -4.64
C GLU E 160 -4.93 -5.33 -3.89
N ARG E 161 -4.31 -4.39 -4.59
CA ARG E 161 -3.89 -3.11 -4.01
C ARG E 161 -3.86 -1.99 -5.07
N VAL E 162 -4.10 -0.75 -4.67
CA VAL E 162 -4.13 0.38 -5.60
C VAL E 162 -3.27 1.51 -5.05
N ASP E 163 -2.39 2.06 -5.88
CA ASP E 163 -1.49 3.11 -5.46
C ASP E 163 -1.43 4.24 -6.47
N VAL E 164 -0.80 5.32 -6.05
CA VAL E 164 -0.74 6.50 -6.87
C VAL E 164 0.56 7.21 -6.48
N LEU E 165 1.16 7.94 -7.40
CA LEU E 165 2.41 8.65 -7.15
C LEU E 165 2.17 9.95 -6.35
N ARG E 166 3.03 10.24 -5.36
CA ARG E 166 2.93 11.43 -4.48
C ARG E 166 1.50 11.73 -4.03
N PRO E 167 0.85 10.76 -3.37
CA PRO E 167 -0.51 11.09 -2.98
C PRO E 167 -0.56 12.28 -2.02
N GLU E 168 0.49 12.42 -1.22
CA GLU E 168 0.53 13.50 -0.24
C GLU E 168 0.37 14.87 -0.90
N GLN E 169 0.50 14.95 -2.22
CA GLN E 169 0.28 16.24 -2.91
C GLN E 169 -1.20 16.48 -3.11
N GLY E 170 -1.55 17.66 -3.55
CA GLY E 170 -2.96 17.81 -3.63
C GLY E 170 -3.75 17.06 -4.66
N THR E 171 -3.04 16.42 -5.59
CA THR E 171 -3.71 16.06 -6.83
C THR E 171 -4.77 15.13 -7.33
N ARG E 172 -4.93 14.01 -6.67
CA ARG E 172 -5.91 13.03 -7.05
C ARG E 172 -5.63 12.47 -8.44
N PRO E 173 -4.44 11.86 -8.60
CA PRO E 173 -4.01 11.25 -9.86
C PRO E 173 -5.06 10.27 -10.34
N LYS E 174 -5.38 10.36 -11.64
CA LYS E 174 -6.35 9.48 -12.26
C LYS E 174 -5.69 8.41 -13.14
N LEU E 175 -4.48 8.01 -12.73
CA LEU E 175 -3.70 6.94 -13.35
C LEU E 175 -3.34 6.15 -12.08
N PHE E 176 -3.85 4.93 -12.03
CA PHE E 176 -3.75 4.05 -10.90
C PHE E 176 -2.84 2.88 -11.13
N TYR E 177 -1.90 2.68 -10.23
CA TYR E 177 -1.00 1.55 -10.38
C TYR E 177 -1.61 0.43 -9.64
N LEU E 178 -1.87 -0.66 -10.32
CA LEU E 178 -2.48 -1.70 -9.55
C LEU E 178 -1.47 -2.48 -8.73
N ASN E 179 -1.44 -3.78 -8.89
CA ASN E 179 -0.66 -4.62 -8.00
C ASN E 179 0.83 -4.48 -7.79
N ALA E 180 1.22 -3.39 -7.12
CA ALA E 180 2.61 -3.04 -6.83
C ALA E 180 3.39 -4.23 -6.31
N PRO E 181 4.57 -4.52 -6.91
CA PRO E 181 5.41 -5.65 -6.52
C PRO E 181 6.10 -5.60 -5.14
N SER E 182 6.51 -4.44 -4.65
CA SER E 182 7.11 -4.43 -3.32
C SER E 182 6.00 -4.20 -2.28
N LYS E 183 6.08 -4.95 -1.18
CA LYS E 183 5.14 -4.88 -0.05
C LYS E 183 4.97 -3.51 0.58
N LYS E 184 5.98 -2.68 0.42
CA LYS E 184 5.90 -1.35 0.98
C LYS E 184 5.27 -0.39 -0.01
N GLY E 185 4.87 -0.89 -1.17
CA GLY E 185 4.27 -0.02 -2.14
C GLY E 185 5.23 0.48 -3.19
N LEU E 186 4.80 1.52 -3.90
CA LEU E 186 5.58 2.12 -4.95
C LEU E 186 6.88 2.66 -4.39
N THR E 187 7.90 2.27 -5.11
CA THR E 187 9.28 2.55 -4.93
C THR E 187 9.56 4.07 -4.93
N ARG E 188 10.44 4.55 -4.04
CA ARG E 188 10.79 5.98 -3.97
C ARG E 188 12.30 6.05 -3.91
N GLU E 189 12.88 7.14 -4.40
CA GLU E 189 14.31 7.29 -4.35
C GLU E 189 14.81 7.53 -2.90
N SER E 190 14.02 8.15 -2.04
CA SER E 190 14.46 8.40 -0.66
C SER E 190 14.58 7.09 0.12
N GLU E 191 13.77 6.10 -0.26
CA GLU E 191 13.83 4.78 0.35
C GLU E 191 15.13 4.02 -0.08
N VAL E 192 15.86 4.52 -1.08
CA VAL E 192 17.16 3.91 -1.45
C VAL E 192 18.20 4.69 -0.59
N HIS E 193 18.40 5.97 -0.93
CA HIS E 193 19.27 6.92 -0.20
C HIS E 193 18.43 8.19 0.15
N HIS E 194 17.56 8.09 1.04
N ALA F 2 15.34 4.16 -10.96
CA ALA F 2 16.80 4.32 -11.14
C ALA F 2 17.27 4.07 -12.59
N GLU F 3 16.64 3.18 -13.35
CA GLU F 3 17.01 3.04 -14.78
C GLU F 3 15.74 3.41 -15.57
N PHE F 4 15.88 4.01 -16.76
CA PHE F 4 14.71 4.40 -17.56
C PHE F 4 14.74 3.93 -19.01
N TYR F 5 13.57 3.89 -19.66
CA TYR F 5 13.50 3.70 -21.12
C TYR F 5 12.83 5.02 -21.39
N GLY F 6 13.54 5.90 -22.08
CA GLY F 6 13.04 7.24 -22.32
C GLY F 6 13.50 8.05 -21.11
N LEU F 7 12.86 9.16 -20.81
CA LEU F 7 13.29 9.92 -19.64
C LEU F 7 12.22 10.84 -19.14
N PRO F 8 12.18 11.07 -17.82
CA PRO F 8 11.17 11.98 -17.30
C PRO F 8 11.64 13.37 -17.75
N ASN F 9 10.69 14.27 -17.99
CA ASN F 9 11.01 15.63 -18.40
C ASN F 9 11.40 16.43 -17.14
N ALA F 10 12.53 16.06 -16.53
CA ALA F 10 13.03 16.70 -15.31
C ALA F 10 14.15 17.69 -15.57
N GLN F 11 14.22 18.15 -16.80
CA GLN F 11 15.21 19.10 -17.29
C GLN F 11 14.90 20.54 -16.77
N GLU F 12 15.92 21.35 -16.50
CA GLU F 12 15.74 22.74 -16.08
C GLU F 12 14.67 23.43 -17.02
N PHE F 13 13.72 24.20 -16.47
CA PHE F 13 12.69 24.85 -17.30
C PHE F 13 12.82 26.38 -17.39
N TRP F 14 13.48 26.98 -16.38
CA TRP F 14 13.72 28.44 -16.32
C TRP F 14 15.24 28.55 -16.25
N HIS F 15 15.81 29.03 -17.34
CA HIS F 15 17.25 29.12 -17.50
C HIS F 15 17.86 30.41 -17.02
N TRP F 16 19.18 30.53 -17.17
CA TRP F 16 19.89 31.73 -16.77
C TRP F 16 19.21 33.04 -17.25
N THR F 17 18.36 33.00 -18.28
CA THR F 17 17.68 34.21 -18.80
C THR F 17 16.42 34.59 -18.00
N ASN F 18 15.83 33.58 -17.38
CA ASN F 18 14.64 33.76 -16.57
C ASN F 18 15.07 33.99 -15.13
N ALA F 19 16.37 33.89 -14.93
CA ALA F 19 16.93 34.17 -13.65
C ALA F 19 17.35 35.62 -13.78
N LEU F 20 17.62 36.07 -15.01
CA LEU F 20 18.00 37.47 -15.21
C LEU F 20 16.77 38.37 -15.07
N HIS F 21 15.63 37.89 -15.57
CA HIS F 21 14.37 38.62 -15.47
C HIS F 21 13.97 38.70 -14.01
N PHE F 22 14.23 37.63 -13.26
CA PHE F 22 13.89 37.65 -11.85
C PHE F 22 14.59 38.78 -11.16
N VAL F 23 15.84 39.05 -11.55
CA VAL F 23 16.59 40.14 -10.92
C VAL F 23 16.05 41.54 -11.33
N LEU F 24 15.74 41.72 -12.60
CA LEU F 24 15.19 42.98 -13.10
C LEU F 24 13.78 43.34 -12.62
N VAL F 25 12.91 42.36 -12.41
CA VAL F 25 11.55 42.68 -11.99
C VAL F 25 11.59 43.02 -10.51
N GLY F 26 12.74 42.73 -9.90
CA GLY F 26 12.96 43.05 -8.50
C GLY F 26 13.12 44.56 -8.53
N LEU F 27 14.12 45.00 -9.30
CA LEU F 27 14.41 46.42 -9.52
C LEU F 27 13.15 47.19 -10.00
N ALA F 28 12.56 46.76 -11.11
CA ALA F 28 11.35 47.40 -11.66
C ALA F 28 10.23 47.64 -10.64
N GLY F 29 9.99 46.66 -9.78
CA GLY F 29 8.94 46.80 -8.79
C GLY F 29 9.36 47.65 -7.61
N GLY F 30 10.64 47.53 -7.24
CA GLY F 30 11.20 48.26 -6.12
C GLY F 30 11.32 49.75 -6.33
N VAL F 31 11.76 50.12 -7.52
CA VAL F 31 11.89 51.50 -7.94
C VAL F 31 10.46 52.07 -8.14
N ALA F 32 9.55 51.31 -8.76
CA ALA F 32 8.19 51.81 -8.88
C ALA F 32 7.66 52.12 -7.46
N LEU F 33 8.11 51.41 -6.43
CA LEU F 33 7.61 51.73 -5.09
C LEU F 33 8.24 53.07 -4.62
N LEU F 34 9.55 53.23 -4.82
CA LEU F 34 10.27 54.47 -4.48
C LEU F 34 9.54 55.68 -5.13
N ALA F 35 9.34 55.62 -6.44
CA ALA F 35 8.57 56.63 -7.21
C ALA F 35 7.21 57.05 -6.62
N ALA F 36 6.29 56.10 -6.36
CA ALA F 36 5.00 56.45 -5.80
C ALA F 36 5.20 57.04 -4.40
N LEU F 37 6.00 56.42 -3.56
CA LEU F 37 6.22 57.02 -2.26
C LEU F 37 6.79 58.45 -2.42
N LEU F 38 7.75 58.67 -3.33
CA LEU F 38 8.33 60.01 -3.54
C LEU F 38 7.28 60.99 -4.04
N HIS F 39 6.31 60.47 -4.77
CA HIS F 39 5.18 61.28 -5.22
C HIS F 39 4.42 61.67 -3.95
N LEU F 40 3.61 60.74 -3.46
CA LEU F 40 2.82 60.85 -2.23
C LEU F 40 3.42 61.81 -1.18
N LYS F 41 4.75 61.79 -1.04
CA LYS F 41 5.53 62.61 -0.11
C LYS F 41 5.80 64.03 -0.60
N GLY F 42 5.51 64.27 -1.88
CA GLY F 42 5.68 65.58 -2.50
C GLY F 42 7.05 65.89 -3.03
N ASP F 43 8.00 65.02 -2.70
CA ASP F 43 9.39 65.19 -3.09
C ASP F 43 9.72 65.57 -4.53
N ALA F 44 10.62 66.54 -4.63
CA ALA F 44 11.17 67.07 -5.87
C ALA F 44 11.65 65.96 -6.82
N GLU F 45 12.13 64.84 -6.26
CA GLU F 45 12.68 63.71 -7.05
C GLU F 45 11.68 62.73 -7.64
N ALA F 46 10.41 62.88 -7.26
CA ALA F 46 9.31 62.02 -7.70
C ALA F 46 9.16 61.74 -9.20
N ARG F 47 9.82 62.56 -9.99
CA ARG F 47 9.74 62.53 -11.44
C ARG F 47 10.88 61.78 -12.09
N ARG F 48 12.06 62.07 -11.54
CA ARG F 48 13.31 61.45 -11.89
C ARG F 48 13.11 59.93 -11.70
N TYR F 49 12.68 59.53 -10.49
CA TYR F 49 12.42 58.11 -10.20
C TYR F 49 11.18 57.52 -10.92
N THR F 50 10.20 58.34 -11.33
CA THR F 50 9.05 57.78 -12.07
C THR F 50 9.51 57.44 -13.50
N LEU F 51 10.37 58.27 -14.08
CA LEU F 51 10.96 57.86 -15.36
C LEU F 51 12.31 57.25 -14.94
N TYR F 52 12.30 55.94 -14.77
CA TYR F 52 13.42 55.03 -14.46
C TYR F 52 12.61 53.76 -14.35
N ALA F 53 11.66 53.83 -13.43
CA ALA F 53 10.75 52.74 -13.17
C ALA F 53 10.03 52.37 -14.45
N LEU F 54 9.82 53.35 -15.34
CA LEU F 54 9.14 53.08 -16.61
C LEU F 54 10.09 52.38 -17.58
N MET F 55 11.38 52.64 -17.42
CA MET F 55 12.41 52.02 -18.25
C MET F 55 12.69 50.60 -17.72
N LEU F 56 12.89 50.48 -16.41
CA LEU F 56 13.15 49.20 -15.76
C LEU F 56 11.96 48.26 -16.02
N ILE F 57 10.75 48.78 -15.89
CA ILE F 57 9.56 47.98 -16.15
C ILE F 57 9.57 47.52 -17.61
N ALA F 58 9.77 48.47 -18.53
CA ALA F 58 9.82 48.16 -19.96
C ALA F 58 10.98 47.23 -20.36
N LEU F 59 12.14 47.37 -19.72
CA LEU F 59 13.29 46.52 -20.03
C LEU F 59 12.95 45.07 -19.70
N ASP F 60 12.33 44.90 -18.54
CA ASP F 60 11.89 43.60 -18.07
C ASP F 60 10.85 42.98 -18.99
N LEU F 61 9.81 43.74 -19.35
CA LEU F 61 8.73 43.23 -20.22
C LEU F 61 9.25 42.88 -21.61
N PHE F 62 10.43 43.38 -21.96
CA PHE F 62 11.02 43.06 -23.23
C PHE F 62 11.78 41.73 -23.02
N ILE F 63 12.60 41.69 -21.98
CA ILE F 63 13.36 40.47 -21.63
C ILE F 63 12.38 39.30 -21.41
N LEU F 64 11.17 39.60 -20.92
CA LEU F 64 10.10 38.60 -20.71
C LEU F 64 9.56 38.02 -22.03
N TRP F 65 9.54 38.81 -23.09
CA TRP F 65 9.04 38.33 -24.36
C TRP F 65 10.21 37.77 -25.17
N ALA F 66 11.37 38.42 -25.02
CA ALA F 66 12.60 38.03 -25.71
C ALA F 66 13.01 36.60 -25.37
N GLU F 67 12.95 36.24 -24.09
CA GLU F 67 13.33 34.92 -23.66
C GLU F 67 12.25 33.83 -23.81
N SER F 68 11.03 34.23 -24.18
CA SER F 68 9.93 33.28 -24.36
C SER F 68 9.92 32.56 -25.72
N PRO F 69 9.94 31.22 -25.73
CA PRO F 69 9.94 30.51 -27.01
C PRO F 69 8.65 30.80 -27.80
N ALA F 70 7.69 31.48 -27.16
CA ALA F 70 6.42 31.74 -27.80
C ALA F 70 6.32 33.14 -28.37
N ARG F 71 7.46 33.83 -28.41
CA ARG F 71 7.49 35.22 -28.85
C ARG F 71 6.92 35.54 -30.24
N PHE F 72 7.43 34.87 -31.27
CA PHE F 72 6.97 35.09 -32.65
C PHE F 72 5.70 34.33 -32.99
N ARG F 73 4.93 33.99 -31.97
CA ARG F 73 3.65 33.31 -32.16
C ARG F 73 2.57 34.26 -31.66
N PHE F 74 3.03 35.37 -31.08
CA PHE F 74 2.27 36.44 -30.44
C PHE F 74 1.07 35.89 -29.68
N THR F 75 1.37 35.19 -28.59
CA THR F 75 0.28 34.69 -27.81
C THR F 75 0.10 35.46 -26.50
N HIS F 76 0.99 36.43 -26.23
CA HIS F 76 0.88 37.19 -25.00
C HIS F 76 -0.36 38.08 -24.83
N ILE F 77 -1.02 38.40 -25.94
CA ILE F 77 -2.23 39.21 -25.85
C ILE F 77 -3.24 38.57 -24.85
N TRP F 78 -3.18 37.25 -24.66
CA TRP F 78 -4.10 36.53 -23.76
C TRP F 78 -3.86 36.73 -22.29
N LEU F 79 -2.68 37.22 -22.01
CA LEU F 79 -2.22 37.55 -20.68
C LEU F 79 -3.13 38.70 -20.23
N PHE F 80 -3.65 39.46 -21.19
CA PHE F 80 -4.49 40.62 -20.91
C PHE F 80 -5.97 40.53 -21.31
N LEU F 81 -6.40 39.34 -21.69
CA LEU F 81 -7.78 39.13 -22.14
C LEU F 81 -8.47 37.97 -21.43
N SER F 82 -7.99 37.62 -20.24
CA SER F 82 -8.57 36.54 -19.47
C SER F 82 -8.44 36.96 -18.01
N PHE F 83 -9.30 36.42 -17.16
CA PHE F 83 -9.23 36.72 -15.74
C PHE F 83 -8.66 35.44 -15.07
N HIS F 84 -7.49 35.55 -14.43
CA HIS F 84 -6.85 34.39 -13.79
C HIS F 84 -6.12 34.71 -12.49
N PRO F 85 -6.88 35.16 -11.48
CA PRO F 85 -6.50 35.55 -10.12
C PRO F 85 -5.68 34.52 -9.32
N THR F 86 -5.75 33.24 -9.70
CA THR F 86 -5.00 32.18 -9.02
C THR F 86 -3.55 32.09 -9.46
N SER F 87 -3.21 32.83 -10.50
CA SER F 87 -1.89 32.76 -11.13
C SER F 87 -0.84 33.83 -10.82
N PRO F 88 0.15 33.54 -9.95
CA PRO F 88 1.14 34.61 -9.70
C PRO F 88 1.57 35.42 -10.94
N ILE F 89 1.95 34.73 -12.02
CA ILE F 89 2.40 35.38 -13.26
C ILE F 89 1.37 36.33 -13.91
N TRP F 90 0.09 35.97 -13.85
CA TRP F 90 -1.01 36.76 -14.39
C TRP F 90 -1.02 38.10 -13.62
N TRP F 91 -0.99 38.01 -12.29
CA TRP F 91 -0.96 39.19 -11.41
C TRP F 91 0.23 40.12 -11.68
N GLY F 92 1.30 39.57 -12.26
CA GLY F 92 2.49 40.35 -12.54
C GLY F 92 2.49 40.99 -13.91
N ALA F 93 1.61 40.48 -14.76
CA ALA F 93 1.42 40.98 -16.11
C ALA F 93 0.63 42.29 -16.00
N TRP F 94 -0.41 42.26 -15.17
CA TRP F 94 -1.24 43.43 -14.97
C TRP F 94 -0.59 44.41 -14.02
N GLY F 95 0.11 43.89 -13.03
CA GLY F 95 0.75 44.75 -12.07
C GLY F 95 1.85 45.55 -12.73
N LEU F 96 2.49 44.99 -13.73
CA LEU F 96 3.53 45.72 -14.42
C LEU F 96 2.93 46.50 -15.62
N GLY F 97 1.74 46.09 -16.08
CA GLY F 97 1.06 46.75 -17.19
C GLY F 97 0.27 47.98 -16.74
N LEU F 98 -0.59 47.81 -15.75
CA LEU F 98 -1.33 48.94 -15.20
C LEU F 98 -0.31 49.82 -14.46
N GLY F 99 0.77 49.22 -13.95
CA GLY F 99 1.80 49.98 -13.27
C GLY F 99 2.56 50.88 -14.24
N PHE F 100 2.53 50.50 -15.52
CA PHE F 100 3.18 51.28 -16.59
C PHE F 100 2.31 52.47 -17.00
N LEU F 101 1.09 52.17 -17.45
CA LEU F 101 0.13 53.20 -17.84
C LEU F 101 0.11 54.23 -16.69
N THR F 102 -0.28 53.80 -15.49
CA THR F 102 -0.28 54.66 -14.28
C THR F 102 0.99 55.54 -14.16
N GLY F 103 2.16 54.98 -14.43
CA GLY F 103 3.40 55.75 -14.36
C GLY F 103 3.60 56.66 -15.57
N GLY F 104 2.82 56.41 -16.61
CA GLY F 104 2.84 57.25 -17.79
C GLY F 104 1.97 58.47 -17.48
N LEU F 105 0.71 58.23 -17.11
CA LEU F 105 -0.24 59.30 -16.76
C LEU F 105 0.27 60.16 -15.59
N LEU F 106 1.37 59.76 -14.98
CA LEU F 106 1.94 60.52 -13.87
C LEU F 106 3.14 61.31 -14.33
N TYR F 107 3.82 60.81 -15.36
CA TYR F 107 5.01 61.50 -15.84
C TYR F 107 4.64 62.58 -16.85
N LEU F 108 3.53 62.36 -17.54
CA LEU F 108 2.97 63.29 -18.49
C LEU F 108 1.97 64.15 -17.69
N GLY F 109 2.33 64.45 -16.44
CA GLY F 109 1.52 65.25 -15.52
C GLY F 109 0.00 65.39 -15.63
N LYS F 110 -0.59 64.72 -16.61
CA LYS F 110 -1.99 64.74 -16.81
C LYS F 110 -2.85 63.60 -16.24
N GLY F 111 -4.11 63.70 -16.92
CA GLY F 111 -5.17 62.76 -16.40
C GLY F 111 -5.59 63.16 -14.95
N SER F 112 -4.67 62.88 -14.06
CA SER F 112 -4.88 63.08 -12.64
C SER F 112 -3.55 63.04 -11.91
N GLN F 113 -3.53 63.63 -10.71
CA GLN F 113 -2.33 63.67 -9.87
C GLN F 113 -2.57 62.98 -8.46
N ARG F 114 -1.50 62.50 -7.84
CA ARG F 114 -1.51 61.95 -6.44
C ARG F 114 -2.76 61.31 -5.81
N ALA F 115 -3.51 60.68 -6.68
CA ALA F 115 -4.65 59.82 -6.31
C ALA F 115 -4.13 58.70 -7.21
N LEU F 116 -3.32 59.10 -8.19
CA LEU F 116 -2.68 58.20 -9.14
C LEU F 116 -1.42 57.60 -8.51
N ALA F 117 -0.85 58.30 -7.53
CA ALA F 117 0.33 57.77 -6.83
C ALA F 117 -0.14 56.64 -5.88
N TRP F 118 -1.43 56.61 -5.56
CA TRP F 118 -1.98 55.55 -4.70
C TRP F 118 -2.14 54.27 -5.52
N ALA F 119 -2.50 54.46 -6.79
CA ALA F 119 -2.65 53.36 -7.72
C ALA F 119 -1.23 52.83 -8.06
N LEU F 120 -0.25 53.73 -8.20
CA LEU F 120 1.12 53.28 -8.51
C LEU F 120 1.68 52.48 -7.32
N LEU F 121 1.30 52.87 -6.11
CA LEU F 121 1.76 52.19 -4.89
C LEU F 121 1.18 50.77 -4.85
N VAL F 122 -0.11 50.64 -5.16
CA VAL F 122 -0.75 49.33 -5.20
C VAL F 122 -0.12 48.46 -6.28
N PHE F 123 -0.07 48.91 -7.53
CA PHE F 123 0.55 48.11 -8.60
C PHE F 123 2.01 47.76 -8.31
N SER F 124 2.75 48.63 -7.66
CA SER F 124 4.13 48.27 -7.34
C SER F 124 4.15 47.13 -6.27
N LEU F 125 3.20 47.13 -5.31
CA LEU F 125 3.17 46.05 -4.30
C LEU F 125 2.85 44.70 -5.02
N VAL F 126 1.92 44.70 -5.98
CA VAL F 126 1.61 43.50 -6.79
C VAL F 126 2.86 43.03 -7.55
N ALA F 127 3.62 43.97 -8.13
CA ALA F 127 4.84 43.61 -8.87
C ALA F 127 6.01 43.15 -7.98
N LEU F 128 5.94 43.50 -6.70
CA LEU F 128 7.01 43.16 -5.76
C LEU F 128 6.77 41.82 -5.09
N SER F 129 5.49 41.49 -5.09
CA SER F 129 4.92 40.32 -4.47
C SER F 129 4.82 39.08 -5.34
N TYR F 130 4.51 39.26 -6.62
CA TYR F 130 4.30 38.14 -7.53
C TYR F 130 5.50 37.19 -7.76
N PRO F 131 6.74 37.70 -7.90
CA PRO F 131 7.78 36.67 -8.06
C PRO F 131 8.09 36.46 -6.56
N GLY F 132 8.18 35.22 -6.12
CA GLY F 132 8.35 34.95 -4.72
C GLY F 132 7.20 33.99 -4.60
N LEU F 133 6.02 34.42 -5.05
CA LEU F 133 4.85 33.54 -5.01
C LEU F 133 4.76 32.66 -6.26
N ALA F 134 5.40 33.10 -7.34
CA ALA F 134 5.38 32.31 -8.57
C ALA F 134 6.24 31.08 -8.33
N LEU F 135 7.15 31.17 -7.35
CA LEU F 135 7.98 30.03 -6.99
C LEU F 135 7.31 29.21 -5.86
N ALA F 136 6.92 29.90 -4.80
CA ALA F 136 6.30 29.29 -3.61
C ALA F 136 4.97 28.64 -3.82
N VAL F 137 4.35 28.94 -4.93
CA VAL F 137 3.05 28.37 -5.20
C VAL F 137 3.18 26.88 -5.55
N ASN F 138 4.38 26.47 -5.98
CA ASN F 138 4.66 25.10 -6.39
C ASN F 138 5.10 24.29 -5.20
N LEU F 139 4.11 23.74 -4.54
CA LEU F 139 4.35 22.99 -3.34
C LEU F 139 5.10 21.66 -3.55
N ASN F 140 5.35 21.27 -4.81
CA ASN F 140 6.09 20.05 -5.15
C ASN F 140 7.63 20.26 -5.19
N ARG F 141 8.05 21.51 -5.08
CA ARG F 141 9.47 21.89 -5.13
C ARG F 141 9.94 22.16 -3.71
N PRO F 142 10.61 21.18 -3.07
CA PRO F 142 11.00 21.46 -1.68
C PRO F 142 11.75 22.73 -1.31
N LEU F 143 12.61 23.21 -2.18
CA LEU F 143 13.40 24.40 -1.88
C LEU F 143 12.58 25.68 -1.95
N TRP F 144 11.61 25.72 -2.86
CA TRP F 144 10.80 26.91 -2.96
C TRP F 144 9.74 26.97 -1.86
N ASN F 145 10.14 27.00 -0.60
CA ASN F 145 9.13 27.06 0.47
C ASN F 145 8.53 28.45 0.70
N GLY F 146 7.77 28.55 1.78
CA GLY F 146 7.11 29.79 2.15
C GLY F 146 8.01 31.01 2.25
N LEU F 147 9.26 30.85 2.65
CA LEU F 147 10.21 31.99 2.75
C LEU F 147 10.45 32.76 1.46
N MET F 148 10.23 32.13 0.30
CA MET F 148 10.38 32.80 -0.99
C MET F 148 9.45 34.00 -1.05
N ALA F 149 8.28 33.88 -0.46
CA ALA F 149 7.33 34.97 -0.50
C ALA F 149 7.81 36.15 0.33
N GLY F 150 8.83 35.90 1.14
CA GLY F 150 9.40 36.93 2.00
C GLY F 150 10.78 37.35 1.49
N LEU F 151 11.58 36.38 1.06
CA LEU F 151 12.89 36.68 0.53
C LEU F 151 12.86 37.48 -0.79
N PHE F 152 11.82 37.35 -1.60
CA PHE F 152 11.82 38.12 -2.85
C PHE F 152 11.40 39.59 -2.70
N PRO F 153 10.35 39.90 -1.92
CA PRO F 153 10.05 41.33 -1.82
C PRO F 153 11.17 42.06 -1.02
N LEU F 154 11.78 41.41 -0.03
CA LEU F 154 12.84 42.09 0.74
C LEU F 154 14.04 42.43 -0.14
N THR F 155 14.35 41.44 -0.97
CA THR F 155 15.45 41.48 -1.90
C THR F 155 15.15 42.45 -3.13
N ALA F 156 13.88 42.61 -3.50
CA ALA F 156 13.67 43.55 -4.60
C ALA F 156 13.93 45.02 -4.13
N LEU F 157 13.60 45.31 -2.87
CA LEU F 157 13.81 46.66 -2.29
C LEU F 157 15.31 46.88 -2.00
N VAL F 158 16.08 45.82 -1.79
CA VAL F 158 17.51 46.01 -1.59
C VAL F 158 18.09 46.46 -2.96
N LEU F 159 17.51 45.94 -4.03
CA LEU F 159 17.93 46.28 -5.39
C LEU F 159 17.55 47.72 -5.75
N ALA F 160 16.32 48.12 -5.44
CA ALA F 160 15.85 49.47 -5.73
C ALA F 160 16.62 50.52 -4.89
N LEU F 161 16.79 50.26 -3.61
CA LEU F 161 17.53 51.20 -2.75
C LEU F 161 19.04 51.25 -3.04
N GLY F 162 19.58 50.19 -3.63
CA GLY F 162 21.00 50.08 -4.00
C GLY F 162 21.32 50.96 -5.20
N LEU F 163 20.40 50.90 -6.15
CA LEU F 163 20.41 51.71 -7.36
C LEU F 163 20.28 53.18 -6.85
N ALA F 164 19.17 53.49 -6.17
CA ALA F 164 18.92 54.83 -5.62
C ALA F 164 20.15 55.43 -4.91
N ALA F 165 20.80 54.64 -4.07
CA ALA F 165 22.00 55.10 -3.37
C ALA F 165 23.20 55.31 -4.31
N LEU F 166 23.26 54.63 -5.45
CA LEU F 166 24.39 54.86 -6.37
C LEU F 166 24.14 56.13 -7.20
N LEU F 167 22.87 56.52 -7.37
CA LEU F 167 22.47 57.75 -8.06
C LEU F 167 22.45 58.83 -6.95
N LYS F 168 23.35 58.67 -5.98
CA LYS F 168 23.45 59.55 -4.82
C LYS F 168 22.18 60.30 -4.37
N SER F 169 21.19 59.57 -3.87
CA SER F 169 20.02 60.22 -3.28
C SER F 169 20.37 60.11 -1.79
N PRO F 170 20.24 61.23 -1.05
CA PRO F 170 20.56 61.20 0.38
C PRO F 170 19.78 60.16 1.19
N TRP F 171 18.47 60.08 0.92
CA TRP F 171 17.63 59.16 1.69
C TRP F 171 17.86 57.66 1.61
N ALA F 172 18.30 57.17 0.46
CA ALA F 172 18.53 55.74 0.20
C ALA F 172 19.49 54.85 1.02
N LEU F 173 20.59 55.37 1.53
CA LEU F 173 21.52 54.47 2.22
C LEU F 173 21.00 53.76 3.47
N PHE F 174 20.44 54.52 4.40
CA PHE F 174 19.94 53.96 5.65
C PHE F 174 18.86 52.87 5.52
N PRO F 175 17.81 53.11 4.70
CA PRO F 175 16.78 52.08 4.55
C PRO F 175 17.36 50.89 3.75
N LEU F 176 18.34 51.15 2.88
CA LEU F 176 18.98 50.05 2.15
C LEU F 176 19.75 49.18 3.16
N ARG F 177 20.38 49.79 4.15
CA ARG F 177 21.10 49.01 5.15
C ARG F 177 20.17 48.41 6.20
N VAL F 178 18.91 48.84 6.19
CA VAL F 178 18.00 48.24 7.13
C VAL F 178 17.38 47.02 6.43
N LEU F 179 16.82 47.20 5.23
CA LEU F 179 16.24 46.08 4.47
C LEU F 179 17.27 45.03 4.04
N ALA F 180 18.52 45.46 3.95
CA ALA F 180 19.61 44.56 3.60
C ALA F 180 19.93 43.68 4.81
N GLY F 181 19.76 44.21 6.03
CA GLY F 181 19.97 43.42 7.24
C GLY F 181 18.83 42.41 7.39
N ALA F 182 17.59 42.88 7.21
CA ALA F 182 16.43 41.99 7.23
C ALA F 182 16.67 40.90 6.14
N SER F 183 16.98 41.30 4.89
CA SER F 183 17.25 40.35 3.76
C SER F 183 18.31 39.27 4.04
N LEU F 184 19.43 39.72 4.56
CA LEU F 184 20.55 38.85 4.86
C LEU F 184 20.32 37.92 6.04
N LEU F 185 19.51 38.34 7.01
CA LEU F 185 19.24 37.49 8.16
C LEU F 185 18.25 36.40 7.78
N LEU F 186 17.24 36.72 6.99
CA LEU F 186 16.29 35.68 6.55
C LEU F 186 17.03 34.72 5.61
N ALA F 187 17.98 35.24 4.83
CA ALA F 187 18.72 34.41 3.87
C ALA F 187 19.60 33.36 4.55
N LEU F 188 20.03 33.70 5.75
CA LEU F 188 20.85 32.85 6.60
C LEU F 188 19.99 31.74 7.28
N LEU F 189 18.77 32.11 7.65
CA LEU F 189 17.84 31.21 8.30
C LEU F 189 17.18 30.24 7.32
N TYR F 190 17.03 30.66 6.07
CA TYR F 190 16.45 29.82 5.03
C TYR F 190 16.92 28.31 5.05
N PRO F 191 18.24 28.02 4.92
CA PRO F 191 18.69 26.61 4.95
C PRO F 191 18.19 25.75 6.13
N LEU F 192 18.01 26.42 7.27
CA LEU F 192 17.60 25.79 8.54
C LEU F 192 16.12 25.48 8.68
N THR F 193 15.44 25.86 7.62
CA THR F 193 14.01 25.82 7.41
C THR F 193 13.58 24.66 6.50
N LEU F 194 14.56 24.07 5.83
CA LEU F 194 14.30 23.01 4.86
C LEU F 194 14.39 21.60 5.41
N PRO F 195 13.76 20.62 4.72
CA PRO F 195 13.98 19.34 5.39
C PRO F 195 15.45 18.95 5.09
N PRO F 196 16.04 18.04 5.88
CA PRO F 196 17.43 17.62 5.67
C PRO F 196 17.93 17.25 4.23
N GLU F 197 17.10 16.57 3.43
CA GLU F 197 17.45 16.20 2.05
C GLU F 197 17.42 17.42 1.12
N ALA F 198 16.49 18.36 1.39
CA ALA F 198 16.35 19.57 0.58
C ALA F 198 17.52 20.50 0.87
N ARG F 199 17.92 20.56 2.13
CA ARG F 199 19.05 21.39 2.53
C ARG F 199 20.36 20.83 1.98
N GLY F 200 20.50 19.50 2.09
CA GLY F 200 21.69 18.83 1.60
C GLY F 200 21.84 19.08 0.11
N HIS F 201 20.72 19.05 -0.61
CA HIS F 201 20.71 19.32 -2.04
C HIS F 201 21.17 20.76 -2.30
N LEU F 202 20.68 21.68 -1.48
CA LEU F 202 21.03 23.07 -1.65
C LEU F 202 22.53 23.31 -1.39
N LEU F 203 23.06 22.78 -0.28
CA LEU F 203 24.49 22.97 0.00
C LEU F 203 25.43 22.29 -1.01
N GLU F 204 25.05 21.18 -1.64
CA GLU F 204 25.94 20.56 -2.65
C GLU F 204 25.80 21.28 -4.01
N GLU F 205 24.57 21.66 -4.39
CA GLU F 205 24.36 22.34 -5.67
C GLU F 205 24.88 23.80 -5.70
N ALA F 206 24.48 24.61 -4.73
CA ALA F 206 24.93 26.02 -4.60
C ALA F 206 25.58 26.11 -3.19
N GLY F 207 25.35 27.18 -2.42
CA GLY F 207 25.93 27.30 -1.08
C GLY F 207 27.15 28.19 -1.08
N PHE F 208 28.33 27.60 -1.30
CA PHE F 208 29.54 28.43 -1.48
C PHE F 208 28.97 29.71 -2.00
N TRP F 209 28.45 29.53 -3.22
CA TRP F 209 27.79 30.56 -4.01
C TRP F 209 26.83 31.23 -3.08
N TYR F 210 26.15 30.41 -2.29
CA TYR F 210 25.19 30.88 -1.29
C TYR F 210 25.92 31.65 -0.16
N GLY F 211 26.91 31.01 0.44
CA GLY F 211 27.66 31.62 1.52
C GLY F 211 28.57 32.74 1.06
N LEU F 212 28.75 32.85 -0.25
CA LEU F 212 29.56 33.90 -0.80
C LEU F 212 28.72 35.16 -0.78
N PHE F 213 27.56 35.09 -1.43
CA PHE F 213 26.62 36.21 -1.50
C PHE F 213 26.10 36.67 -0.13
N LEU F 214 26.21 35.83 0.90
CA LEU F 214 25.80 36.22 2.24
C LEU F 214 26.92 37.09 2.78
N LEU F 215 28.16 36.62 2.60
CA LEU F 215 29.38 37.33 3.02
C LEU F 215 29.48 38.66 2.26
N LEU F 216 29.39 38.57 0.93
CA LEU F 216 29.42 39.74 0.07
C LEU F 216 28.44 40.83 0.57
N GLY F 217 27.21 40.43 0.92
CA GLY F 217 26.17 41.34 1.40
C GLY F 217 26.44 42.06 2.71
N LEU F 218 27.37 41.49 3.48
CA LEU F 218 27.80 42.07 4.73
C LEU F 218 28.58 43.37 4.42
N GLY F 219 28.77 43.62 3.12
CA GLY F 219 29.48 44.79 2.64
C GLY F 219 28.64 46.04 2.55
N THR F 220 27.34 45.88 2.78
CA THR F 220 26.48 47.04 2.76
C THR F 220 26.75 47.80 4.07
N PHE F 221 27.34 47.14 5.06
CA PHE F 221 27.59 47.78 6.36
C PHE F 221 29.02 48.31 6.56
N TRP F 222 29.67 48.61 5.43
CA TRP F 222 31.05 49.14 5.36
C TRP F 222 31.16 50.20 4.21
N GLN F 223 31.89 51.29 4.45
CA GLN F 223 32.14 52.42 3.50
C GLN F 223 30.97 52.87 2.59
N GLU F 224 31.25 53.60 1.51
CA GLU F 224 30.20 53.94 0.53
C GLU F 224 30.84 53.69 -0.82
N ARG F 225 30.01 53.34 -1.79
CA ARG F 225 30.48 53.05 -3.13
C ARG F 225 31.21 51.69 -3.06
N LEU F 226 31.00 51.06 -1.90
CA LEU F 226 31.32 49.64 -1.75
C LEU F 226 29.84 49.28 -1.41
N ALA F 227 29.32 49.89 -0.34
CA ALA F 227 27.98 49.58 0.15
C ALA F 227 26.88 49.32 -0.87
N PRO F 228 26.46 50.33 -1.66
CA PRO F 228 25.38 49.95 -2.60
C PRO F 228 25.74 48.79 -3.56
N TRP F 229 27.02 48.67 -3.92
CA TRP F 229 27.48 47.61 -4.82
C TRP F 229 27.36 46.23 -4.19
N ALA F 230 27.97 46.11 -3.01
CA ALA F 230 28.00 44.88 -2.24
C ALA F 230 26.65 44.34 -1.79
N GLY F 231 25.67 45.21 -1.71
CA GLY F 231 24.35 44.79 -1.29
C GLY F 231 23.54 44.44 -2.52
N LEU F 232 23.92 45.07 -3.61
CA LEU F 232 23.27 44.88 -4.89
C LEU F 232 23.67 43.52 -5.51
N LEU F 233 24.94 43.14 -5.36
CA LEU F 233 25.42 41.86 -5.90
C LEU F 233 24.90 40.70 -5.04
N ALA F 234 24.85 40.92 -3.73
CA ALA F 234 24.25 39.96 -2.77
C ALA F 234 22.75 39.75 -3.16
N ALA F 235 21.92 40.80 -3.20
CA ALA F 235 20.50 40.61 -3.59
C ALA F 235 20.29 39.90 -4.93
N ALA F 236 21.03 40.27 -5.97
CA ALA F 236 20.86 39.58 -7.25
C ALA F 236 21.48 38.17 -7.25
N GLY F 237 22.49 37.92 -6.41
CA GLY F 237 23.08 36.59 -6.33
C GLY F 237 22.01 35.62 -5.84
N LEU F 238 21.60 35.82 -4.60
CA LEU F 238 20.53 35.06 -3.98
C LEU F 238 19.31 34.89 -4.89
N ARG F 239 18.83 35.97 -5.51
CA ARG F 239 17.63 35.83 -6.36
C ARG F 239 17.79 34.87 -7.52
N ALA F 240 18.92 35.00 -8.22
CA ALA F 240 19.20 34.14 -9.37
C ALA F 240 19.52 32.69 -8.95
N LEU F 241 20.26 32.52 -7.87
CA LEU F 241 20.61 31.19 -7.40
C LEU F 241 19.39 30.36 -6.89
N LEU F 242 18.42 30.99 -6.21
CA LEU F 242 17.22 30.29 -5.71
C LEU F 242 16.33 29.83 -6.89
N VAL F 243 16.30 30.61 -7.96
CA VAL F 243 15.52 30.23 -9.16
C VAL F 243 16.22 29.07 -9.85
N LEU F 244 17.54 29.11 -9.86
CA LEU F 244 18.32 28.06 -10.51
C LEU F 244 18.39 26.75 -9.71
N ALA F 245 18.65 26.84 -8.40
CA ALA F 245 18.76 25.64 -7.58
C ALA F 245 17.46 24.95 -7.12
N GLY F 246 16.34 25.67 -7.16
CA GLY F 246 15.07 25.11 -6.73
C GLY F 246 14.20 24.31 -7.71
N GLN F 247 14.66 24.15 -8.93
CA GLN F 247 13.93 23.41 -9.96
C GLN F 247 14.15 21.93 -9.77
N TRP F 248 13.94 21.50 -8.54
CA TRP F 248 14.18 20.15 -8.12
C TRP F 248 12.87 19.71 -7.51
N GLN F 249 12.58 18.45 -7.68
CA GLN F 249 11.28 17.87 -7.38
C GLN F 249 11.39 16.96 -6.21
N GLY F 250 12.66 16.67 -6.10
CA GLY F 250 13.23 15.58 -5.34
C GLY F 250 12.93 14.63 -4.23
N LEU F 251 13.10 13.31 -4.43
CA LEU F 251 12.97 12.35 -3.32
C LEU F 251 14.42 11.87 -2.95
N GLY F 252 14.60 10.64 -2.77
FE1 SF4 G . -12.74 -12.55 30.95
FE2 SF4 G . -12.90 -10.12 29.75
FE3 SF4 G . -15.03 -11.16 31.08
FE4 SF4 G . -12.88 -10.28 32.48
S1 SF4 G . -14.27 -9.00 31.20
S2 SF4 G . -14.02 -12.24 32.82
S3 SF4 G . -11.20 -10.84 31.07
S4 SF4 G . -14.07 -12.01 29.18
PB MGD H . -25.07 -5.28 34.89
O1B MGD H . -25.64 -4.06 34.24
O2B MGD H . -23.60 -5.51 34.88
O3B MGD H . -25.99 -6.46 34.31
O3A MGD H . -27.50 -8.24 33.48
PA MGD H . -26.75 -7.78 34.80
O1A MGD H . -25.62 -8.65 35.27
O2A MGD H . -27.81 -7.37 35.72
O5' MGD H . -25.46 -5.28 36.39
C5' MGD H . -24.59 -5.77 37.38
C4' MGD H . -25.07 -5.19 38.69
O4' MGD H . -24.30 -5.94 39.61
C3' MGD H . -24.74 -3.77 38.93
O3' MGD H . -25.68 -3.31 39.89
C2' MGD H . -23.34 -3.87 39.53
O2' MGD H . -23.11 -2.72 40.26
C1' MGD H . -23.42 -5.10 40.40
N9 MGD H . -22.15 -5.84 40.74
C8 MGD H . -21.09 -5.98 39.97
N7 MGD H . -20.13 -6.74 40.53
C5 MGD H . -20.58 -7.15 41.70
C6 MGD H . -20.11 -8.05 42.84
O6 MGD H . -18.96 -8.59 42.85
N1 MGD H . -20.99 -8.21 43.85
C2 MGD H . -22.22 -7.64 43.91
N2 MGD H . -23.07 -7.81 44.95
N3 MGD H . -22.65 -6.87 42.92
C4 MGD H . -21.94 -6.56 41.82
C10 MGD H . -26.86 -9.11 32.51
C11 MGD H . -27.91 -9.55 31.57
O11 MGD H . -28.67 -8.39 31.25
C12 MGD H . -27.48 -10.25 30.35
S12 MGD H . -26.37 -11.54 30.39
C13 MGD H . -27.99 -9.96 29.17
S13 MGD H . -27.56 -10.63 27.73
C14 MGD H . -29.03 -9.04 28.89
N15 MGD H . -28.48 -7.91 28.11
C16 MGD H . -29.34 -6.86 27.98
C17 MGD H . -29.38 -5.89 26.91
O17 MGD H . -28.54 -5.94 25.98
N18 MGD H . -30.34 -4.98 26.93
C19 MGD H . -31.26 -4.89 27.89
N19 MGD H . -32.18 -3.90 27.91
N20 MGD H . -31.28 -5.77 28.86
C21 MGD H . -30.38 -6.72 29.00
N22 MGD H . -30.41 -7.53 30.04
C23 MGD H . -29.59 -8.68 30.22
PB MGD I . -26.38 -10.79 19.46
O1B MGD I . -27.64 -10.23 19.97
O2B MGD I . -26.38 -12.03 18.75
O3B MGD I . -25.57 -10.76 20.82
O3A MGD I . -23.74 -10.51 22.53
PA MGD I . -24.26 -11.44 21.39
O1A MGD I . -24.48 -12.68 22.07
O2A MGD I . -23.24 -11.53 20.38
O5' MGD I . -25.69 -9.78 18.54
C5' MGD I . -25.76 -8.36 18.55
C4' MGD I . -25.85 -8.11 17.07
O4' MGD I . -27.13 -8.61 16.77
C3' MGD I . -25.88 -6.66 16.58
O3' MGD I . -24.95 -6.47 15.50
C2' MGD I . -27.30 -6.43 16.04
O2' MGD I . -27.22 -5.83 14.78
C1' MGD I . -27.74 -7.82 15.74
N9 MGD I . -29.15 -8.07 15.38
C8 MGD I . -30.24 -7.39 15.80
N7 MGD I . -31.38 -7.85 15.27
C5 MGD I . -31.02 -8.86 14.45
C6 MGD I . -31.72 -9.74 13.52
O6 MGD I . -32.95 -9.65 13.48
N1 MGD I . -31.03 -10.63 12.83
C2 MGD I . -29.69 -10.72 12.92
N2 MGD I . -29.01 -11.66 12.19
N3 MGD I . -28.96 -9.94 13.75
C4 MGD I . -29.55 -9.01 14.53
C10 MGD I . -24.17 -10.38 23.85
C11 MGD I . -23.23 -11.21 24.62
O11 MGD I . -21.96 -10.59 24.61
C12 MGD I . -23.76 -11.62 26.01
S12 MGD I . -25.27 -12.32 26.18
C13 MGD I . -23.05 -11.45 27.15
S13 MGD I . -23.65 -12.03 28.62
C14 MGD I . -21.72 -10.78 27.15
N15 MGD I . -21.69 -9.45 27.60
C16 MGD I . -20.72 -8.60 27.21
C17 MGD I . -20.58 -7.19 27.67
O17 MGD I . -21.37 -6.75 28.53
N18 MGD I . -19.54 -6.43 27.23
C19 MGD I . -18.72 -6.95 26.31
N19 MGD I . -17.78 -6.17 25.85
N20 MGD I . -18.77 -8.21 25.78
C21 MGD I . -19.72 -9.04 26.25
N22 MGD I . -19.87 -10.26 25.79
C23 MGD I . -21.11 -10.93 25.78
MO MO J . -25.95 -12.50 28.35
FE1 SF4 K . -5.39 -6.48 19.96
FE2 SF4 K . -6.40 -4.41 18.53
FE3 SF4 K . -7.33 -4.96 21.03
FE4 SF4 K . -4.84 -3.91 20.71
S1 SF4 K . -6.81 -2.89 20.18
S2 SF4 K . -5.44 -5.65 22.08
S3 SF4 K . -4.19 -4.90 18.78
S4 SF4 K . -7.52 -6.30 19.19
FE1 SF4 L . 2.60 -1.38 25.46
FE2 SF4 L . 3.68 0.87 24.40
FE3 SF4 L . 2.23 0.99 26.70
FE4 SF4 L . 4.69 -0.15 26.72
S1 SF4 L . 4.23 2.05 26.28
S2 SF4 L . 2.80 -0.99 27.71
S3 SF4 L . 4.75 -1.13 24.67
S4 SF4 L . 1.45 0.41 24.63
FE1 SF4 M . 8.38 8.13 18.77
FE2 SF4 M . 8.35 9.40 16.37
FE3 SF4 M . 6.75 10.23 18.40
FE4 SF4 M . 9.42 10.65 18.55
S1 SF4 M . 8.00 11.56 17.01
S2 SF4 M . 8.06 9.85 20.23
S3 SF4 M . 10.20 8.78 17.52
S4 SF4 M . 6.62 8.22 17.32
FE1 SF4 N . 11.07 17.88 27.97
FE2 SF4 N . 10.40 17.65 25.35
FE3 SF4 N . 11.36 20.01 26.32
FE4 SF4 N . 13.01 17.89 26.04
S1 SF4 N . 11.95 18.99 24.35
S2 SF4 N . 12.87 19.28 27.86
S3 SF4 N . 11.62 16.15 26.56
S4 SF4 N . 9.39 19.01 26.91
O1 PCI O . 11.80 30.26 23.85
C1 PCI O . 11.69 29.44 24.90
C2 PCI O . 12.71 29.37 25.87
CL1 PCI O . 14.09 30.34 25.66
C3 PCI O . 12.56 28.50 26.96
CL2 PCI O . 13.75 28.41 28.15
C4 PCI O . 11.37 27.69 27.10
CL3 PCI O . 11.14 26.64 28.40
C5 PCI O . 10.39 27.79 26.13
CL4 PCI O . 8.95 26.85 26.27
C6 PCI O . 10.53 28.65 25.04
CL5 PCI O . 9.28 28.74 23.91
FE1 SF4 P . 9.51 -8.80 -33.95
FE2 SF4 P . 8.09 -6.65 -34.81
FE3 SF4 P . 6.82 -8.92 -34.01
FE4 SF4 P . 8.03 -7.33 -32.17
S1 SF4 P . 6.25 -6.77 -33.48
S2 SF4 P . 8.16 -9.62 -32.30
S3 SF4 P . 9.83 -6.60 -33.34
S4 SF4 P . 8.21 -8.71 -35.83
PB MGD Q . 21.45 -8.20 -36.97
O1B MGD Q . 22.41 -7.50 -36.14
O2B MGD Q . 19.94 -8.12 -36.81
O3B MGD Q . 21.72 -9.78 -36.62
O3A MGD Q . 21.64 -12.44 -36.54
PA MGD Q . 21.49 -11.15 -37.48
O1A MGD Q . 20.15 -11.04 -38.20
O2A MGD Q . 22.78 -11.22 -38.19
O5' MGD Q . 21.82 -7.86 -38.46
C5' MGD Q . 21.05 -8.21 -39.61
C4' MGD Q . 21.54 -7.35 -40.74
O4' MGD Q . 20.49 -7.18 -41.68
C3' MGD Q . 21.90 -5.99 -40.32
O3' MGD Q . 23.10 -5.76 -40.98
C2' MGD Q . 20.80 -5.10 -40.82
O2' MGD Q . 21.20 -3.79 -41.12
C1' MGD Q . 20.34 -5.80 -42.04
N9 MGD Q . 18.94 -5.64 -42.34
C8 MGD Q . 17.92 -5.36 -41.59
N7 MGD Q . 16.74 -5.39 -42.30
C5 MGD Q . 17.00 -5.72 -43.53
C6 MGD Q . 16.30 -5.94 -44.78
O6 MGD Q . 15.10 -5.76 -44.86
N1 MGD Q . 17.03 -6.30 -45.85
C2 MGD Q . 18.34 -6.45 -45.81
N2 MGD Q . 19.03 -6.81 -46.89
N3 MGD Q . 19.02 -6.27 -44.70
C4 MGD Q . 18.46 -5.91 -43.54
C10 MGD Q . 20.89 -12.79 -35.44
C11 MGD Q . 21.47 -14.02 -34.91
O11 MGD Q . 22.69 -13.67 -34.27
C12 MGD Q . 20.58 -14.65 -33.89
S12 MGD Q . 18.97 -15.02 -34.30
C13 MGD Q . 21.01 -14.93 -32.64
S13 MGD Q . 20.06 -15.64 -31.47
C14 MGD Q . 22.41 -14.70 -32.23
N15 MGD Q . 22.49 -13.57 -31.33
C16 MGD Q . 23.79 -13.25 -31.03
C17 MGD Q . 24.28 -12.78 -29.73
O17 MGD Q . 23.50 -12.50 -28.81
N18 MGD Q . 25.59 -12.60 -29.52
C19 MGD Q . 26.47 -12.79 -30.48
N19 MGD Q . 27.77 -12.54 -30.21
N20 MGD Q . 26.12 -13.23 -31.66
C21 MGD Q . 24.84 -13.48 -32.03
N22 MGD Q . 24.54 -14.02 -33.22
C23 MGD Q . 23.29 -14.66 -33.44
PB MGD R . 18.55 -17.21 -23.54
O1B MGD R . 20.06 -17.39 -23.58
O2B MGD R . 17.72 -18.45 -23.41
O3B MGD R . 17.94 -16.52 -24.81
O3A MGD R . 16.58 -14.95 -26.14
PA MGD R . 16.43 -16.33 -25.34
O1A MGD R . 16.10 -17.36 -26.32
O2A MGD R . 15.64 -16.02 -24.08
O5' MGD R . 18.29 -16.27 -22.24
C5' MGD R . 18.99 -15.11 -21.85
C4' MGD R . 19.43 -15.38 -20.44
O4' MGD R . 20.24 -16.50 -20.42
C3' MGD R . 20.14 -14.28 -19.65
O3' MGD R . 19.37 -13.53 -18.60
C2' MGD R . 21.42 -14.94 -19.11
O2' MGD R . 21.71 -14.53 -17.76
C1' MGD R . 20.97 -16.40 -19.18
N9 MGD R . 22.04 -17.41 -18.96
C8 MGD R . 23.37 -17.26 -19.17
N7 MGD R . 24.13 -18.33 -18.78
C5 MGD R . 23.29 -19.21 -18.29
C6 MGD R . 23.44 -20.56 -17.73
O6 MGD R . 24.55 -21.11 -17.72
N1 MGD R . 22.34 -21.17 -17.30
C2 MGD R . 21.12 -20.58 -17.41
N2 MGD R . 20.05 -21.24 -16.95
N3 MGD R . 20.92 -19.31 -17.85
C4 MGD R . 21.93 -18.61 -18.36
C10 MGD R . 17.05 -14.71 -27.43
C11 MGD R . 15.85 -14.62 -28.36
O11 MGD R . 15.19 -13.42 -28.09
C12 MGD R . 16.33 -14.75 -29.76
S12 MGD R . 17.33 -16.07 -30.04
C13 MGD R . 15.92 -13.96 -30.78
S13 MGD R . 16.18 -14.43 -32.42
C14 MGD R . 15.09 -12.73 -30.49
N15 MGD R . 15.83 -11.52 -30.49
C16 MGD R . 15.33 -10.50 -29.87
C17 MGD R . 15.87 -9.19 -30.02
O17 MGD R . 16.80 -9.15 -30.79
N18 MGD R . 15.40 -8.13 -29.32
C19 MGD R . 14.48 -8.29 -28.44
N19 MGD R . 14.12 -7.24 -27.82
N20 MGD R . 13.85 -9.50 -28.21
C21 MGD R . 14.26 -10.62 -28.88
N22 MGD R . 13.74 -11.78 -28.72
C23 MGD R . 14.37 -12.96 -29.19
MO MO S . 17.85 -16.22 -32.45
FE1 SF4 T . 4.95 -1.38 -19.27
FE2 SF4 T . 5.07 -2.45 -21.77
FE3 SF4 T . 2.77 -2.57 -20.32
FE4 SF4 T . 3.62 -0.18 -21.33
S1 SF4 T . 2.98 -2.02 -22.55
S2 SF4 T . 2.83 -0.57 -19.21
S3 SF4 T . 5.86 -0.40 -21.14
S4 SF4 T . 4.73 -3.60 -19.79
FE1 SF4 U . -1.00 9.35 -23.43
FE2 SF4 U . 0.65 8.58 -25.44
FE3 SF4 U . -0.96 6.76 -24.20
FE4 SF4 U . -2.03 8.64 -25.86
S1 SF4 U . -0.59 6.97 -26.47
S2 SF4 U . -2.81 8.02 -23.79
S3 SF4 U . -0.70 10.42 -25.45
S4 SF4 U . 0.76 7.92 -23.24
FE1 SF4 V . -0.90 18.45 -14.52
FE2 SF4 V . 1.20 17.01 -13.58
FE3 SF4 V . -1.35 16.27 -12.99
FE4 SF4 V . -0.40 15.95 -15.51
S1 SF4 V . 0.36 14.90 -13.63
S2 SF4 V . -2.43 16.81 -14.92
S3 SF4 V . 0.94 17.78 -15.73
S4 SF4 V . -0.30 18.20 -12.32
FE1 SF4 W . -0.06 28.08 -19.45
FE2 SF4 W . 2.50 29.01 -19.47
FE3 SF4 W . 1.98 26.34 -19.29
FE4 SF4 W . 1.55 27.66 -21.64
S1 SF4 W . 3.57 27.36 -20.62
S2 SF4 W . 0.15 26.14 -20.63
S3 SF4 W . 0.84 29.68 -20.88
S4 SF4 W . 1.44 27.92 -17.73
O1 PCI X . 7.20 37.10 -15.04
C1 PCI X . 7.07 36.51 -16.27
C2 PCI X . 7.78 35.33 -16.56
CL1 PCI X . 8.77 34.66 -15.34
C3 PCI X . 7.64 34.77 -17.86
CL2 PCI X . 8.48 33.35 -18.23
C4 PCI X . 6.82 35.38 -18.85
CL3 PCI X . 6.63 34.76 -20.43
C5 PCI X . 6.13 36.55 -18.53
CL4 PCI X . 5.13 37.31 -19.68
C6 PCI X . 6.24 37.11 -17.25
CL5 PCI X . 5.39 38.50 -16.89
#